data_1UI9
# 
_entry.id   1UI9 
# 
_audit_conform.dict_name       mmcif_pdbx.dic 
_audit_conform.dict_version    5.380 
_audit_conform.dict_location   http://mmcif.pdb.org/dictionaries/ascii/mmcif_pdbx.dic 
# 
loop_
_database_2.database_id 
_database_2.database_code 
_database_2.pdbx_database_accession 
_database_2.pdbx_DOI 
PDB   1UI9         pdb_00001ui9 10.2210/pdb1ui9/pdb 
RCSB  RCSB005859   ?            ?                   
WWPDB D_1000005859 ?            ?                   
# 
loop_
_pdbx_database_related.db_name 
_pdbx_database_related.db_id 
_pdbx_database_related.details 
_pdbx_database_related.content_type 
PDB      1ODE           'mutant (F55S)' unspecified 
PDB      1UFY           'mutant (F55S)' unspecified 
TargetDB ttk003000008.2 .               unspecified 
# 
_pdbx_database_status.status_code                     REL 
_pdbx_database_status.entry_id                        1UI9 
_pdbx_database_status.recvd_initial_deposition_date   2003-07-15 
_pdbx_database_status.deposit_site                    PDBJ 
_pdbx_database_status.process_site                    PDBJ 
_pdbx_database_status.status_code_sf                  REL 
_pdbx_database_status.SG_entry                        Y 
_pdbx_database_status.pdb_format_compatible           Y 
_pdbx_database_status.status_code_mr                  ? 
_pdbx_database_status.status_code_cs                  ? 
_pdbx_database_status.status_code_nmr_data            ? 
_pdbx_database_status.methods_development_category    ? 
# 
loop_
_audit_author.name 
_audit_author.pdbx_ordinal 
'Inagaki, E.'                                            1 
'Kuramitsu, S.'                                          2 
'Yokoyama, S.'                                           3 
'Miyano, M.'                                             4 
'Tahirov, T.H.'                                          5 
'RIKEN Structural Genomics/Proteomics Initiative (RSGI)' 6 
# 
_citation.id                        primary 
_citation.title                     'The crystal structure of chorismate mutase from thermus thermophilus' 
_citation.journal_abbrev            'To be Published' 
_citation.journal_volume            ? 
_citation.page_first                ? 
_citation.page_last                 ? 
_citation.year                      ? 
_citation.journal_id_ASTM           ? 
_citation.country                   ? 
_citation.journal_id_ISSN           ? 
_citation.journal_id_CSD            0353 
_citation.book_publisher            ? 
_citation.pdbx_database_id_PubMed   ? 
_citation.pdbx_database_id_DOI      ? 
# 
loop_
_citation_author.citation_id 
_citation_author.name 
_citation_author.ordinal 
_citation_author.identifier_ORCID 
primary 'Inagaki, E.'   1 ? 
primary 'Kuramitsu, S.' 2 ? 
primary 'Yokoyama, S.'  3 ? 
primary 'Miyano, M.'    4 ? 
primary 'Tahirov, T.H.' 5 ? 
# 
_cell.entry_id           1UI9 
_cell.length_a           74.804 
_cell.length_b           74.804 
_cell.length_c           74.804 
_cell.angle_alpha        90.00 
_cell.angle_beta         90.00 
_cell.angle_gamma        90.00 
_cell.Z_PDB              12 
_cell.pdbx_unique_axis   ? 
# 
_symmetry.entry_id                         1UI9 
_symmetry.space_group_name_H-M             'P 21 3' 
_symmetry.pdbx_full_space_group_name_H-M   ? 
_symmetry.cell_setting                     ? 
_symmetry.Int_Tables_number                198 
# 
loop_
_entity.id 
_entity.type 
_entity.src_method 
_entity.pdbx_description 
_entity.formula_weight 
_entity.pdbx_number_of_molecules 
_entity.pdbx_ec 
_entity.pdbx_mutation 
_entity.pdbx_fragment 
_entity.details 
1 polymer     man 'chorismate mutase'                    13726.764 1   5.4.99.5 ? ? ? 
2 non-polymer syn '2-(N-MORPHOLINO)-ETHANESULFONIC ACID' 195.237   1   ?        ? ? ? 
3 non-polymer syn GLYCEROL                               92.094    4   ?        ? ? ? 
4 water       nat water                                  18.015    101 ?        ? ? ? 
# 
_entity_poly.entity_id                      1 
_entity_poly.type                           'polypeptide(L)' 
_entity_poly.nstd_linkage                   no 
_entity_poly.nstd_monomer                   no 
_entity_poly.pdbx_seq_one_letter_code       
;MVRGIRGAITVEEDTPEAIHQATRELLLKMLEANGIQSYEELAAVIFTVTEDLTFAFPAEAARQIGMHRVPLLSAREVPV
PGSLPRVIRVLALWNTDTPQDRVRHVYLREAVRLRPDLESAQ
;
_entity_poly.pdbx_seq_one_letter_code_can   
;MVRGIRGAITVEEDTPEAIHQATRELLLKMLEANGIQSYEELAAVIFTVTEDLTFAFPAEAARQIGMHRVPLLSAREVPV
PGSLPRVIRVLALWNTDTPQDRVRHVYLREAVRLRPDLESAQ
;
_entity_poly.pdbx_strand_id                 A 
_entity_poly.pdbx_target_identifier         ttk003000008.2 
# 
loop_
_entity_poly_seq.entity_id 
_entity_poly_seq.num 
_entity_poly_seq.mon_id 
_entity_poly_seq.hetero 
1 1   MET n 
1 2   VAL n 
1 3   ARG n 
1 4   GLY n 
1 5   ILE n 
1 6   ARG n 
1 7   GLY n 
1 8   ALA n 
1 9   ILE n 
1 10  THR n 
1 11  VAL n 
1 12  GLU n 
1 13  GLU n 
1 14  ASP n 
1 15  THR n 
1 16  PRO n 
1 17  GLU n 
1 18  ALA n 
1 19  ILE n 
1 20  HIS n 
1 21  GLN n 
1 22  ALA n 
1 23  THR n 
1 24  ARG n 
1 25  GLU n 
1 26  LEU n 
1 27  LEU n 
1 28  LEU n 
1 29  LYS n 
1 30  MET n 
1 31  LEU n 
1 32  GLU n 
1 33  ALA n 
1 34  ASN n 
1 35  GLY n 
1 36  ILE n 
1 37  GLN n 
1 38  SER n 
1 39  TYR n 
1 40  GLU n 
1 41  GLU n 
1 42  LEU n 
1 43  ALA n 
1 44  ALA n 
1 45  VAL n 
1 46  ILE n 
1 47  PHE n 
1 48  THR n 
1 49  VAL n 
1 50  THR n 
1 51  GLU n 
1 52  ASP n 
1 53  LEU n 
1 54  THR n 
1 55  PHE n 
1 56  ALA n 
1 57  PHE n 
1 58  PRO n 
1 59  ALA n 
1 60  GLU n 
1 61  ALA n 
1 62  ALA n 
1 63  ARG n 
1 64  GLN n 
1 65  ILE n 
1 66  GLY n 
1 67  MET n 
1 68  HIS n 
1 69  ARG n 
1 70  VAL n 
1 71  PRO n 
1 72  LEU n 
1 73  LEU n 
1 74  SER n 
1 75  ALA n 
1 76  ARG n 
1 77  GLU n 
1 78  VAL n 
1 79  PRO n 
1 80  VAL n 
1 81  PRO n 
1 82  GLY n 
1 83  SER n 
1 84  LEU n 
1 85  PRO n 
1 86  ARG n 
1 87  VAL n 
1 88  ILE n 
1 89  ARG n 
1 90  VAL n 
1 91  LEU n 
1 92  ALA n 
1 93  LEU n 
1 94  TRP n 
1 95  ASN n 
1 96  THR n 
1 97  ASP n 
1 98  THR n 
1 99  PRO n 
1 100 GLN n 
1 101 ASP n 
1 102 ARG n 
1 103 VAL n 
1 104 ARG n 
1 105 HIS n 
1 106 VAL n 
1 107 TYR n 
1 108 LEU n 
1 109 ARG n 
1 110 GLU n 
1 111 ALA n 
1 112 VAL n 
1 113 ARG n 
1 114 LEU n 
1 115 ARG n 
1 116 PRO n 
1 117 ASP n 
1 118 LEU n 
1 119 GLU n 
1 120 SER n 
1 121 ALA n 
1 122 GLN n 
# 
_entity_src_gen.entity_id                          1 
_entity_src_gen.pdbx_src_id                        1 
_entity_src_gen.pdbx_alt_source_flag               sample 
_entity_src_gen.pdbx_seq_type                      ? 
_entity_src_gen.pdbx_beg_seq_num                   ? 
_entity_src_gen.pdbx_end_seq_num                   ? 
_entity_src_gen.gene_src_common_name               ? 
_entity_src_gen.gene_src_genus                     Thermus 
_entity_src_gen.pdbx_gene_src_gene                 ? 
_entity_src_gen.gene_src_species                   ? 
_entity_src_gen.gene_src_strain                    ? 
_entity_src_gen.gene_src_tissue                    ? 
_entity_src_gen.gene_src_tissue_fraction           ? 
_entity_src_gen.gene_src_details                   ? 
_entity_src_gen.pdbx_gene_src_fragment             ? 
_entity_src_gen.pdbx_gene_src_scientific_name      'Thermus thermophilus' 
_entity_src_gen.pdbx_gene_src_ncbi_taxonomy_id     274 
_entity_src_gen.pdbx_gene_src_variant              ? 
_entity_src_gen.pdbx_gene_src_cell_line            ? 
_entity_src_gen.pdbx_gene_src_atcc                 ? 
_entity_src_gen.pdbx_gene_src_organ                ? 
_entity_src_gen.pdbx_gene_src_organelle            ? 
_entity_src_gen.pdbx_gene_src_cell                 ? 
_entity_src_gen.pdbx_gene_src_cellular_location    ? 
_entity_src_gen.host_org_common_name               ? 
_entity_src_gen.pdbx_host_org_scientific_name      'Escherichia coli BL21(DE3)' 
_entity_src_gen.pdbx_host_org_ncbi_taxonomy_id     469008 
_entity_src_gen.host_org_genus                     Escherichia 
_entity_src_gen.pdbx_host_org_gene                 ? 
_entity_src_gen.pdbx_host_org_organ                ? 
_entity_src_gen.host_org_species                   'Escherichia coli' 
_entity_src_gen.pdbx_host_org_tissue               ? 
_entity_src_gen.pdbx_host_org_tissue_fraction      ? 
_entity_src_gen.pdbx_host_org_strain               'BL21(DE3)' 
_entity_src_gen.pdbx_host_org_variant              ? 
_entity_src_gen.pdbx_host_org_cell_line            ? 
_entity_src_gen.pdbx_host_org_atcc                 ? 
_entity_src_gen.pdbx_host_org_culture_collection   ? 
_entity_src_gen.pdbx_host_org_cell                 ? 
_entity_src_gen.pdbx_host_org_organelle            ? 
_entity_src_gen.pdbx_host_org_cellular_location    ? 
_entity_src_gen.pdbx_host_org_vector_type          plasmid 
_entity_src_gen.pdbx_host_org_vector               ? 
_entity_src_gen.host_org_details                   ? 
_entity_src_gen.expression_system_id               ? 
_entity_src_gen.plasmid_name                       'pET 11a' 
_entity_src_gen.plasmid_details                    ? 
_entity_src_gen.pdbx_description                   ? 
# 
_struct_ref.id                         1 
_struct_ref.db_name                    UNP 
_struct_ref.db_code                    Q84FH6_THETH 
_struct_ref.pdbx_db_accession          Q84FH6 
_struct_ref.entity_id                  1 
_struct_ref.pdbx_seq_one_letter_code   
;MVRGIRGAITVEEDTPEAIHQATRELLLKMLEANGIQSYEELAAVIFTVTEDLTSAFPAEAARQIGMHRVPLLSAREVPV
PGSLPRVIRVLALWNTDTPQDRVRHVYLREAVRLRPDLESAQ
;
_struct_ref.pdbx_align_begin           1 
_struct_ref.pdbx_db_isoform            ? 
# 
_struct_ref_seq.align_id                      1 
_struct_ref_seq.ref_id                        1 
_struct_ref_seq.pdbx_PDB_id_code              1UI9 
_struct_ref_seq.pdbx_strand_id                A 
_struct_ref_seq.seq_align_beg                 1 
_struct_ref_seq.pdbx_seq_align_beg_ins_code   ? 
_struct_ref_seq.seq_align_end                 122 
_struct_ref_seq.pdbx_seq_align_end_ins_code   ? 
_struct_ref_seq.pdbx_db_accession             Q84FH6 
_struct_ref_seq.db_align_beg                  1 
_struct_ref_seq.pdbx_db_align_beg_ins_code    ? 
_struct_ref_seq.db_align_end                  122 
_struct_ref_seq.pdbx_db_align_end_ins_code    ? 
_struct_ref_seq.pdbx_auth_seq_align_beg       1 
_struct_ref_seq.pdbx_auth_seq_align_end       122 
# 
_struct_ref_seq_dif.align_id                     1 
_struct_ref_seq_dif.pdbx_pdb_id_code             1UI9 
_struct_ref_seq_dif.mon_id                       PHE 
_struct_ref_seq_dif.pdbx_pdb_strand_id           A 
_struct_ref_seq_dif.seq_num                      55 
_struct_ref_seq_dif.pdbx_pdb_ins_code            ? 
_struct_ref_seq_dif.pdbx_seq_db_name             UNP 
_struct_ref_seq_dif.pdbx_seq_db_accession_code   Q84FH6 
_struct_ref_seq_dif.db_mon_id                    SER 
_struct_ref_seq_dif.pdbx_seq_db_seq_num          55 
_struct_ref_seq_dif.details                      conflict 
_struct_ref_seq_dif.pdbx_auth_seq_num            55 
_struct_ref_seq_dif.pdbx_ordinal                 1 
# 
loop_
_chem_comp.id 
_chem_comp.type 
_chem_comp.mon_nstd_flag 
_chem_comp.name 
_chem_comp.pdbx_synonyms 
_chem_comp.formula 
_chem_comp.formula_weight 
ALA 'L-peptide linking' y ALANINE                                ?                               'C3 H7 N O2'     89.093  
ARG 'L-peptide linking' y ARGININE                               ?                               'C6 H15 N4 O2 1' 175.209 
ASN 'L-peptide linking' y ASPARAGINE                             ?                               'C4 H8 N2 O3'    132.118 
ASP 'L-peptide linking' y 'ASPARTIC ACID'                        ?                               'C4 H7 N O4'     133.103 
GLN 'L-peptide linking' y GLUTAMINE                              ?                               'C5 H10 N2 O3'   146.144 
GLU 'L-peptide linking' y 'GLUTAMIC ACID'                        ?                               'C5 H9 N O4'     147.129 
GLY 'peptide linking'   y GLYCINE                                ?                               'C2 H5 N O2'     75.067  
GOL non-polymer         . GLYCEROL                               'GLYCERIN; PROPANE-1,2,3-TRIOL' 'C3 H8 O3'       92.094  
HIS 'L-peptide linking' y HISTIDINE                              ?                               'C6 H10 N3 O2 1' 156.162 
HOH non-polymer         . WATER                                  ?                               'H2 O'           18.015  
ILE 'L-peptide linking' y ISOLEUCINE                             ?                               'C6 H13 N O2'    131.173 
LEU 'L-peptide linking' y LEUCINE                                ?                               'C6 H13 N O2'    131.173 
LYS 'L-peptide linking' y LYSINE                                 ?                               'C6 H15 N2 O2 1' 147.195 
MES non-polymer         . '2-(N-MORPHOLINO)-ETHANESULFONIC ACID' ?                               'C6 H13 N O4 S'  195.237 
MET 'L-peptide linking' y METHIONINE                             ?                               'C5 H11 N O2 S'  149.211 
PHE 'L-peptide linking' y PHENYLALANINE                          ?                               'C9 H11 N O2'    165.189 
PRO 'L-peptide linking' y PROLINE                                ?                               'C5 H9 N O2'     115.130 
SER 'L-peptide linking' y SERINE                                 ?                               'C3 H7 N O3'     105.093 
THR 'L-peptide linking' y THREONINE                              ?                               'C4 H9 N O3'     119.119 
TRP 'L-peptide linking' y TRYPTOPHAN                             ?                               'C11 H12 N2 O2'  204.225 
TYR 'L-peptide linking' y TYROSINE                               ?                               'C9 H11 N O3'    181.189 
VAL 'L-peptide linking' y VALINE                                 ?                               'C5 H11 N O2'    117.146 
# 
_exptl.entry_id          1UI9 
_exptl.method            'X-RAY DIFFRACTION' 
_exptl.crystals_number   1 
# 
_exptl_crystal.id                    1 
_exptl_crystal.density_meas          ? 
_exptl_crystal.density_Matthews      2.35 
_exptl_crystal.density_percent_sol   47.36 
_exptl_crystal.description           ? 
# 
_exptl_crystal_grow.crystal_id      1 
_exptl_crystal_grow.method          MICROBATCH 
_exptl_crystal_grow.temp            295 
_exptl_crystal_grow.temp_details    ? 
_exptl_crystal_grow.pH              6.3 
_exptl_crystal_grow.pdbx_details    'Sodium malonate, MES, pH 6.3, Micro Batch, temperature 295K' 
_exptl_crystal_grow.pdbx_pH_range   . 
# 
_diffrn.id                     1 
_diffrn.ambient_temp           100 
_diffrn.ambient_temp_details   ? 
_diffrn.crystal_id             1 
# 
_diffrn_detector.diffrn_id              1 
_diffrn_detector.detector               'IMAGE PLATE' 
_diffrn_detector.type                   'RIGAKU RAXIS V' 
_diffrn_detector.pdbx_collection_date   2003-06-23 
_diffrn_detector.details                MIRRORS 
# 
_diffrn_radiation.diffrn_id                        1 
_diffrn_radiation.wavelength_id                    1 
_diffrn_radiation.pdbx_monochromatic_or_laue_m_l   M 
_diffrn_radiation.monochromator                    SI 
_diffrn_radiation.pdbx_diffrn_protocol             'SINGLE WAVELENGTH' 
_diffrn_radiation.pdbx_scattering_type             x-ray 
# 
_diffrn_radiation_wavelength.id           1 
_diffrn_radiation_wavelength.wavelength   1.0 
_diffrn_radiation_wavelength.wt           1.0 
# 
_diffrn_source.diffrn_id                   1 
_diffrn_source.source                      SYNCHROTRON 
_diffrn_source.type                        'SPRING-8 BEAMLINE BL26B1' 
_diffrn_source.pdbx_synchrotron_site       SPring-8 
_diffrn_source.pdbx_synchrotron_beamline   BL26B1 
_diffrn_source.pdbx_wavelength             ? 
_diffrn_source.pdbx_wavelength_list        1.0 
# 
_reflns.entry_id                     1UI9 
_reflns.observed_criterion_sigma_I   -1 
_reflns.observed_criterion_sigma_F   ? 
_reflns.d_resolution_low             50 
_reflns.d_resolution_high            1.65 
_reflns.number_obs                   16749 
_reflns.number_all                   17108 
_reflns.percent_possible_obs         97.9 
_reflns.pdbx_Rmerge_I_obs            0.046 
_reflns.pdbx_Rsym_value              ? 
_reflns.pdbx_netI_over_sigmaI        ? 
_reflns.B_iso_Wilson_estimate        15.6 
_reflns.pdbx_redundancy              3.8 
_reflns.R_free_details               ? 
_reflns.limit_h_max                  ? 
_reflns.limit_h_min                  ? 
_reflns.limit_k_max                  ? 
_reflns.limit_k_min                  ? 
_reflns.limit_l_max                  ? 
_reflns.limit_l_min                  ? 
_reflns.observed_criterion_F_max     ? 
_reflns.observed_criterion_F_min     ? 
_reflns.pdbx_ordinal                 1 
_reflns.pdbx_diffrn_id               1 
# 
_reflns_shell.d_res_high             1.65 
_reflns_shell.d_res_low              1.71 
_reflns_shell.percent_possible_all   99.9 
_reflns_shell.Rmerge_I_obs           0.328 
_reflns_shell.pdbx_Rsym_value        ? 
_reflns_shell.meanI_over_sigI_obs    ? 
_reflns_shell.pdbx_redundancy        3.4 
_reflns_shell.percent_possible_obs   ? 
_reflns_shell.number_unique_all      ? 
_reflns_shell.pdbx_ordinal           1 
_reflns_shell.pdbx_diffrn_id         1 
# 
_refine.entry_id                                 1UI9 
_refine.ls_number_reflns_obs                     16729 
_refine.ls_number_reflns_all                     17108 
_refine.pdbx_ls_sigma_I                          ? 
_refine.pdbx_ls_sigma_F                          0.0 
_refine.pdbx_data_cutoff_high_absF               1438630.21 
_refine.pdbx_data_cutoff_low_absF                0.000000 
_refine.pdbx_data_cutoff_high_rms_absF           ? 
_refine.ls_d_res_low                             33.45 
_refine.ls_d_res_high                            1.65 
_refine.ls_percent_reflns_obs                    97.9 
_refine.ls_R_factor_obs                          0.204 
_refine.ls_R_factor_all                          ? 
_refine.ls_R_factor_R_work                       0.204 
_refine.ls_R_factor_R_free                       0.227 
_refine.ls_R_factor_R_free_error                 0.008 
_refine.ls_R_factor_R_free_error_details         ? 
_refine.ls_percent_reflns_R_free                 5.1 
_refine.ls_number_reflns_R_free                  845 
_refine.ls_number_parameters                     ? 
_refine.ls_number_restraints                     ? 
_refine.occupancy_min                            ? 
_refine.occupancy_max                            ? 
_refine.correlation_coeff_Fo_to_Fc               ? 
_refine.correlation_coeff_Fo_to_Fc_free          ? 
_refine.B_iso_mean                               22.3 
_refine.aniso_B[1][1]                            0.00 
_refine.aniso_B[2][2]                            0.00 
_refine.aniso_B[3][3]                            0.00 
_refine.aniso_B[1][2]                            0.00 
_refine.aniso_B[1][3]                            0.00 
_refine.aniso_B[2][3]                            0.00 
_refine.solvent_model_details                    'FLAT MODEL' 
_refine.solvent_model_param_ksol                 0.407688 
_refine.solvent_model_param_bsol                 54.7121 
_refine.pdbx_solvent_vdw_probe_radii             ? 
_refine.pdbx_solvent_ion_probe_radii             ? 
_refine.pdbx_solvent_shrinkage_radii             ? 
_refine.pdbx_ls_cross_valid_method               THROUGHOUT 
_refine.details                                  ? 
_refine.pdbx_starting_model                      'PDB ENTRY 1UFY' 
_refine.pdbx_method_to_determine_struct          'MOLECULAR REPLACEMENT' 
_refine.pdbx_isotropic_thermal_model             RESTRAINED 
_refine.pdbx_stereochemistry_target_values       'Engh & Huber' 
_refine.pdbx_stereochem_target_val_spec_case     ? 
_refine.pdbx_R_Free_selection_details            RANDOM 
_refine.pdbx_overall_ESU_R                       ? 
_refine.pdbx_overall_ESU_R_Free                  ? 
_refine.overall_SU_ML                            ? 
_refine.overall_SU_B                             ? 
_refine.ls_redundancy_reflns_obs                 ? 
_refine.B_iso_min                                ? 
_refine.B_iso_max                                ? 
_refine.overall_SU_R_Cruickshank_DPI             ? 
_refine.overall_SU_R_free                        ? 
_refine.pdbx_refine_id                           'X-RAY DIFFRACTION' 
_refine.pdbx_diffrn_id                           1 
_refine.pdbx_TLS_residual_ADP_flag               ? 
_refine.pdbx_overall_phase_error                 ? 
_refine.pdbx_overall_SU_R_free_Cruickshank_DPI   ? 
_refine.pdbx_overall_SU_R_Blow_DPI               ? 
_refine.pdbx_overall_SU_R_free_Blow_DPI          ? 
# 
_refine_analyze.entry_id                        1UI9 
_refine_analyze.Luzzati_coordinate_error_obs    0.19 
_refine_analyze.Luzzati_sigma_a_obs             0.16 
_refine_analyze.Luzzati_d_res_low_obs           5.00 
_refine_analyze.Luzzati_coordinate_error_free   0.21 
_refine_analyze.Luzzati_sigma_a_free            0.16 
_refine_analyze.Luzzati_d_res_low_free          ? 
_refine_analyze.number_disordered_residues      ? 
_refine_analyze.occupancy_sum_hydrogen          ? 
_refine_analyze.occupancy_sum_non_hydrogen      ? 
_refine_analyze.pdbx_Luzzati_d_res_high_obs     ? 
_refine_analyze.pdbx_refine_id                  'X-RAY DIFFRACTION' 
# 
_refine_hist.pdbx_refine_id                   'X-RAY DIFFRACTION' 
_refine_hist.cycle_id                         LAST 
_refine_hist.pdbx_number_atoms_protein        919 
_refine_hist.pdbx_number_atoms_nucleic_acid   0 
_refine_hist.pdbx_number_atoms_ligand         36 
_refine_hist.number_atoms_solvent             101 
_refine_hist.number_atoms_total               1056 
_refine_hist.d_res_high                       1.65 
_refine_hist.d_res_low                        33.45 
# 
loop_
_refine_ls_restr.type 
_refine_ls_restr.dev_ideal 
_refine_ls_restr.dev_ideal_target 
_refine_ls_restr.weight 
_refine_ls_restr.number 
_refine_ls_restr.pdbx_refine_id 
_refine_ls_restr.pdbx_restraint_function 
c_bond_d           0.005 ? ? ? 'X-RAY DIFFRACTION' ? 
c_angle_deg        1.3   ? ? ? 'X-RAY DIFFRACTION' ? 
c_dihedral_angle_d 23.6  ? ? ? 'X-RAY DIFFRACTION' ? 
c_improper_angle_d 0.87  ? ? ? 'X-RAY DIFFRACTION' ? 
# 
_refine_ls_shell.pdbx_total_number_of_bins_used   6 
_refine_ls_shell.d_res_high                       1.65 
_refine_ls_shell.d_res_low                        1.75 
_refine_ls_shell.number_reflns_R_work             2668 
_refine_ls_shell.R_factor_R_work                  0.269 
_refine_ls_shell.percent_reflns_obs               99.5 
_refine_ls_shell.R_factor_R_free                  0.292 
_refine_ls_shell.R_factor_R_free_error            0.027 
_refine_ls_shell.percent_reflns_R_free            4.3 
_refine_ls_shell.number_reflns_R_free             120 
_refine_ls_shell.number_reflns_obs                ? 
_refine_ls_shell.redundancy_reflns_obs            ? 
_refine_ls_shell.number_reflns_all                ? 
_refine_ls_shell.pdbx_refine_id                   'X-RAY DIFFRACTION' 
_refine_ls_shell.R_factor_all                     ? 
# 
loop_
_pdbx_xplor_file.serial_no 
_pdbx_xplor_file.param_file 
_pdbx_xplor_file.topol_file 
_pdbx_xplor_file.pdbx_refine_id 
1 PROTEIN_REP.PARAM PROTEIN.TOP 'X-RAY DIFFRACTION' 
2 WATER_REP.PARAM   WATER.TOP   'X-RAY DIFFRACTION' 
3 SOLVENT.PARAM     SOLVENT.TOP 'X-RAY DIFFRACTION' 
# 
_struct.entry_id                  1UI9 
_struct.title                     'Crystal analysis of chorismate mutase from thermus thermophilus' 
_struct.pdbx_model_details        ? 
_struct.pdbx_CASP_flag            ? 
_struct.pdbx_model_type_details   ? 
# 
_struct_keywords.entry_id        1UI9 
_struct_keywords.pdbx_keywords   ISOMERASE 
_struct_keywords.text            
'CHORISMATE MUTASE, SHIKIMATE PATHWAY, RIKEN Structural Genomics/Proteomics Initiative, RSGI, Structural Genomics, ISOMERASE' 
# 
loop_
_struct_asym.id 
_struct_asym.pdbx_blank_PDB_chainid_flag 
_struct_asym.pdbx_modified 
_struct_asym.entity_id 
_struct_asym.details 
A N N 1 ? 
B N N 2 ? 
C N N 3 ? 
D N N 3 ? 
E N N 3 ? 
F N N 3 ? 
G N N 4 ? 
# 
_struct_biol.id                    1 
_struct_biol.details               
;The biological assembly is a trimer generated from the  monomer  
in the asymmetric unit by the operations: -y, z-1/2, -x+1/2 
 and -z+1/2, -x, y+1/2.
;
_struct_biol.pdbx_parent_biol_id   ? 
# 
loop_
_struct_conf.conf_type_id 
_struct_conf.id 
_struct_conf.pdbx_PDB_helix_id 
_struct_conf.beg_label_comp_id 
_struct_conf.beg_label_asym_id 
_struct_conf.beg_label_seq_id 
_struct_conf.pdbx_beg_PDB_ins_code 
_struct_conf.end_label_comp_id 
_struct_conf.end_label_asym_id 
_struct_conf.end_label_seq_id 
_struct_conf.pdbx_end_PDB_ins_code 
_struct_conf.beg_auth_comp_id 
_struct_conf.beg_auth_asym_id 
_struct_conf.beg_auth_seq_id 
_struct_conf.end_auth_comp_id 
_struct_conf.end_auth_asym_id 
_struct_conf.end_auth_seq_id 
_struct_conf.pdbx_PDB_helix_class 
_struct_conf.details 
_struct_conf.pdbx_PDB_helix_length 
HELX_P HELX_P1 1 THR A 15  ? ASN A 34  ? THR A 15  ASN A 34  1 ? 20 
HELX_P HELX_P2 2 SER A 38  ? GLU A 40  ? SER A 38  GLU A 40  5 ? 3  
HELX_P HELX_P3 3 PHE A 57  ? ILE A 65  ? PHE A 57  ILE A 65  1 ? 9  
HELX_P HELX_P4 4 PRO A 99  ? VAL A 103 ? PRO A 99  VAL A 103 5 ? 5  
HELX_P HELX_P5 5 ARG A 109 ? ARG A 115 ? ARG A 109 ARG A 115 5 ? 7  
# 
_struct_conf_type.id          HELX_P 
_struct_conf_type.criteria    ? 
_struct_conf_type.reference   ? 
# 
_struct_sheet.id               A 
_struct_sheet.type             ? 
_struct_sheet.number_strands   5 
_struct_sheet.details          ? 
# 
loop_
_struct_sheet_order.sheet_id 
_struct_sheet_order.range_id_1 
_struct_sheet_order.range_id_2 
_struct_sheet_order.offset 
_struct_sheet_order.sense 
A 1 2 ? parallel      
A 2 3 ? anti-parallel 
A 3 4 ? anti-parallel 
A 4 5 ? parallel      
# 
loop_
_struct_sheet_range.sheet_id 
_struct_sheet_range.id 
_struct_sheet_range.beg_label_comp_id 
_struct_sheet_range.beg_label_asym_id 
_struct_sheet_range.beg_label_seq_id 
_struct_sheet_range.pdbx_beg_PDB_ins_code 
_struct_sheet_range.end_label_comp_id 
_struct_sheet_range.end_label_asym_id 
_struct_sheet_range.end_label_seq_id 
_struct_sheet_range.pdbx_end_PDB_ins_code 
_struct_sheet_range.beg_auth_comp_id 
_struct_sheet_range.beg_auth_asym_id 
_struct_sheet_range.beg_auth_seq_id 
_struct_sheet_range.end_auth_comp_id 
_struct_sheet_range.end_auth_asym_id 
_struct_sheet_range.end_auth_seq_id 
A 1 LEU A 72  ? ARG A 76  ? LEU A 72  ARG A 76  
A 2 LEU A 42  ? VAL A 49  ? LEU A 42  VAL A 49  
A 3 VAL A 87  ? ASN A 95  ? VAL A 87  ASN A 95  
A 4 VAL A 2   ? THR A 10  ? VAL A 2   THR A 10  
A 5 VAL A 106 ? TYR A 107 ? VAL A 106 TYR A 107 
# 
loop_
_pdbx_struct_sheet_hbond.sheet_id 
_pdbx_struct_sheet_hbond.range_id_1 
_pdbx_struct_sheet_hbond.range_id_2 
_pdbx_struct_sheet_hbond.range_1_label_atom_id 
_pdbx_struct_sheet_hbond.range_1_label_comp_id 
_pdbx_struct_sheet_hbond.range_1_label_asym_id 
_pdbx_struct_sheet_hbond.range_1_label_seq_id 
_pdbx_struct_sheet_hbond.range_1_PDB_ins_code 
_pdbx_struct_sheet_hbond.range_1_auth_atom_id 
_pdbx_struct_sheet_hbond.range_1_auth_comp_id 
_pdbx_struct_sheet_hbond.range_1_auth_asym_id 
_pdbx_struct_sheet_hbond.range_1_auth_seq_id 
_pdbx_struct_sheet_hbond.range_2_label_atom_id 
_pdbx_struct_sheet_hbond.range_2_label_comp_id 
_pdbx_struct_sheet_hbond.range_2_label_asym_id 
_pdbx_struct_sheet_hbond.range_2_label_seq_id 
_pdbx_struct_sheet_hbond.range_2_PDB_ins_code 
_pdbx_struct_sheet_hbond.range_2_auth_atom_id 
_pdbx_struct_sheet_hbond.range_2_auth_comp_id 
_pdbx_struct_sheet_hbond.range_2_auth_asym_id 
_pdbx_struct_sheet_hbond.range_2_auth_seq_id 
A 1 2 O LEU A 73 ? O LEU A 73 N PHE A 47  ? N PHE A 47  
A 2 3 N ALA A 44 ? N ALA A 44 O LEU A 93  ? O LEU A 93  
A 3 4 O TRP A 94 ? O TRP A 94 N ARG A 3   ? N ARG A 3   
A 4 5 N ALA A 8  ? N ALA A 8  O VAL A 106 ? O VAL A 106 
# 
loop_
_struct_site.id 
_struct_site.pdbx_evidence_code 
_struct_site.pdbx_auth_asym_id 
_struct_site.pdbx_auth_comp_id 
_struct_site.pdbx_auth_seq_id 
_struct_site.pdbx_auth_ins_code 
_struct_site.pdbx_num_residues 
_struct_site.details 
AC1 Software A MES 301 ? 7 'BINDING SITE FOR RESIDUE MES A 301' 
AC2 Software A GOL 201 ? 6 'BINDING SITE FOR RESIDUE GOL A 201' 
AC3 Software A GOL 202 ? 7 'BINDING SITE FOR RESIDUE GOL A 202' 
AC4 Software A GOL 203 ? 6 'BINDING SITE FOR RESIDUE GOL A 203' 
AC5 Software A GOL 204 ? 3 'BINDING SITE FOR RESIDUE GOL A 204' 
# 
loop_
_struct_site_gen.id 
_struct_site_gen.site_id 
_struct_site_gen.pdbx_num_res 
_struct_site_gen.label_comp_id 
_struct_site_gen.label_asym_id 
_struct_site_gen.label_seq_id 
_struct_site_gen.pdbx_auth_ins_code 
_struct_site_gen.auth_comp_id 
_struct_site_gen.auth_asym_id 
_struct_site_gen.auth_seq_id 
_struct_site_gen.label_atom_id 
_struct_site_gen.label_alt_id 
_struct_site_gen.symmetry 
_struct_site_gen.details 
1  AC1 7 LEU A 31  ? LEU A 31  . ? 1_555  ? 
2  AC1 7 ILE A 36  ? ILE A 36  . ? 1_555  ? 
3  AC1 7 GLN A 37  ? GLN A 37  . ? 1_555  ? 
4  AC1 7 TYR A 39  ? TYR A 39  . ? 1_555  ? 
5  AC1 7 GLY A 82  ? GLY A 82  . ? 3_555  ? 
6  AC1 7 HOH G .   ? HOH A 348 . ? 1_555  ? 
7  AC1 7 HOH G .   ? HOH A 377 . ? 1_555  ? 
8  AC2 6 ARG A 6   ? ARG A 6   . ? 1_555  ? 
9  AC2 6 HIS A 68  ? HIS A 68  . ? 10_545 ? 
10 AC2 6 HIS A 105 ? HIS A 105 . ? 1_555  ? 
11 AC2 6 TYR A 107 ? TYR A 107 . ? 1_555  ? 
12 AC2 6 ARG A 115 ? ARG A 115 . ? 1_555  ? 
13 AC2 6 HOH G .   ? HOH A 310 . ? 10_545 ? 
14 AC3 7 ALA A 59  ? ALA A 59  . ? 1_555  ? 
15 AC3 7 LEU A 73  ? LEU A 73  . ? 1_555  ? 
16 AC3 7 SER A 74  ? SER A 74  . ? 1_555  ? 
17 AC3 7 GLU A 77  ? GLU A 77  . ? 7_555  ? 
18 AC3 7 ARG A 89  ? ARG A 89  . ? 7_555  ? 
19 AC3 7 HOH G .   ? HOH A 309 . ? 7_555  ? 
20 AC3 7 HOH G .   ? HOH A 384 . ? 7_555  ? 
21 AC4 6 GLN A 21  ? GLN A 21  . ? 1_555  ? 
22 AC4 6 ARG A 24  ? ARG A 24  . ? 1_555  ? 
23 AC4 6 GLU A 25  ? GLU A 25  . ? 1_555  ? 
24 AC4 6 LEU A 28  ? LEU A 28  . ? 1_555  ? 
25 AC4 6 HOH G .   ? HOH A 320 . ? 9_555  ? 
26 AC4 6 HOH G .   ? HOH A 385 . ? 1_555  ? 
27 AC5 3 PHE A 57  ? PHE A 57  . ? 9_555  ? 
28 AC5 3 GLN A 64  ? GLN A 64  . ? 1_555  ? 
29 AC5 3 HOH G .   ? HOH A 353 . ? 9_555  ? 
# 
_atom_sites.entry_id                    1UI9 
_atom_sites.fract_transf_matrix[1][1]   -0.01012307 
_atom_sites.fract_transf_matrix[1][2]   -0.00817084 
_atom_sites.fract_transf_matrix[1][3]   0.00307639 
_atom_sites.fract_transf_matrix[2][1]   -0.00611734 
_atom_sites.fract_transf_matrix[2][2]   0.00999876 
_atom_sites.fract_transf_matrix[2][3]   0.00642699 
_atom_sites.fract_transf_matrix[3][1]   -0.00622936 
_atom_sites.fract_transf_matrix[3][2]   0.00345912 
_atom_sites.fract_transf_matrix[3][3]   -0.01131075 
_atom_sites.fract_transf_vector[1]      -0.024937 
_atom_sites.fract_transf_vector[2]      -0.027487 
_atom_sites.fract_transf_vector[3]      0.297389 
# 
loop_
_atom_type.symbol 
C 
N 
O 
S 
# 
loop_
_atom_site.group_PDB 
_atom_site.id 
_atom_site.type_symbol 
_atom_site.label_atom_id 
_atom_site.label_alt_id 
_atom_site.label_comp_id 
_atom_site.label_asym_id 
_atom_site.label_entity_id 
_atom_site.label_seq_id 
_atom_site.pdbx_PDB_ins_code 
_atom_site.Cartn_x 
_atom_site.Cartn_y 
_atom_site.Cartn_z 
_atom_site.occupancy 
_atom_site.B_iso_or_equiv 
_atom_site.pdbx_formal_charge 
_atom_site.auth_seq_id 
_atom_site.auth_comp_id 
_atom_site.auth_asym_id 
_atom_site.auth_atom_id 
_atom_site.pdbx_PDB_model_num 
ATOM   1    N N   . MET A 1 1   ? -7.976  13.770  -14.329 1.00 32.16 ? 1   MET A N   1 
ATOM   2    C CA  . MET A 1 1   ? -6.840  12.855  -14.639 1.00 31.26 ? 1   MET A CA  1 
ATOM   3    C C   . MET A 1 1   ? -6.458  12.040  -13.407 1.00 27.78 ? 1   MET A C   1 
ATOM   4    O O   . MET A 1 1   ? -6.457  12.554  -12.284 1.00 27.84 ? 1   MET A O   1 
ATOM   5    C CB  . MET A 1 1   ? -5.635  13.662  -15.116 1.00 34.05 ? 1   MET A CB  1 
ATOM   6    C CG  . MET A 1 1   ? -4.485  12.818  -15.620 1.00 38.16 ? 1   MET A CG  1 
ATOM   7    S SD  . MET A 1 1   ? -3.198  13.845  -16.336 1.00 42.30 ? 1   MET A SD  1 
ATOM   8    C CE  . MET A 1 1   ? -1.837  13.550  -15.202 1.00 41.45 ? 1   MET A CE  1 
ATOM   9    N N   . VAL A 1 2   ? -6.119  10.773  -13.624 1.00 23.37 ? 2   VAL A N   1 
ATOM   10   C CA  . VAL A 1 2   ? -5.753  9.890   -12.528 1.00 19.57 ? 2   VAL A CA  1 
ATOM   11   C C   . VAL A 1 2   ? -4.402  9.224   -12.727 1.00 17.46 ? 2   VAL A C   1 
ATOM   12   O O   . VAL A 1 2   ? -4.050  8.813   -13.836 1.00 16.45 ? 2   VAL A O   1 
ATOM   13   C CB  . VAL A 1 2   ? -6.819  8.786   -12.337 1.00 19.62 ? 2   VAL A CB  1 
ATOM   14   C CG1 . VAL A 1 2   ? -6.386  7.812   -11.251 1.00 19.77 ? 2   VAL A CG1 1 
ATOM   15   C CG2 . VAL A 1 2   ? -8.155  9.419   -11.987 1.00 19.80 ? 2   VAL A CG2 1 
ATOM   16   N N   . ARG A 1 3   ? -3.649  9.126   -11.635 1.00 15.06 ? 3   ARG A N   1 
ATOM   17   C CA  . ARG A 1 3   ? -2.340  8.492   -11.634 1.00 14.78 ? 3   ARG A CA  1 
ATOM   18   C C   . ARG A 1 3   ? -2.328  7.462   -10.523 1.00 14.88 ? 3   ARG A C   1 
ATOM   19   O O   . ARG A 1 3   ? -2.700  7.762   -9.391  1.00 14.60 ? 3   ARG A O   1 
ATOM   20   C CB  . ARG A 1 3   ? -1.230  9.508   -11.348 1.00 15.80 ? 3   ARG A CB  1 
ATOM   21   C CG  . ARG A 1 3   ? -0.983  10.502  -12.452 1.00 18.17 ? 3   ARG A CG  1 
ATOM   22   C CD  . ARG A 1 3   ? -0.553  9.792   -13.716 1.00 19.10 ? 3   ARG A CD  1 
ATOM   23   N NE  . ARG A 1 3   ? -0.230  10.738  -14.777 1.00 24.20 ? 3   ARG A NE  1 
ATOM   24   C CZ  . ARG A 1 3   ? -0.053  10.394  -16.048 1.00 24.34 ? 3   ARG A CZ  1 
ATOM   25   N NH1 . ARG A 1 3   ? -0.170  9.124   -16.411 1.00 26.16 ? 3   ARG A NH1 1 
ATOM   26   N NH2 . ARG A 1 3   ? 0.239   11.318  -16.954 1.00 24.94 ? 3   ARG A NH2 1 
ATOM   27   N N   . GLY A 1 4   ? -1.905  6.249   -10.846 1.00 14.15 ? 4   GLY A N   1 
ATOM   28   C CA  . GLY A 1 4   ? -1.824  5.224   -9.827  1.00 13.03 ? 4   GLY A CA  1 
ATOM   29   C C   . GLY A 1 4   ? -0.496  5.344   -9.100  1.00 13.22 ? 4   GLY A C   1 
ATOM   30   O O   . GLY A 1 4   ? 0.516   5.740   -9.687  1.00 13.66 ? 4   GLY A O   1 
ATOM   31   N N   . ILE A 1 5   ? -0.498  5.029   -7.811  1.00 11.71 ? 5   ILE A N   1 
ATOM   32   C CA  . ILE A 1 5   ? 0.725   5.061   -7.024  1.00 12.75 ? 5   ILE A CA  1 
ATOM   33   C C   . ILE A 1 5   ? 0.891   3.654   -6.472  1.00 12.84 ? 5   ILE A C   1 
ATOM   34   O O   . ILE A 1 5   ? -0.042  3.097   -5.899  1.00 13.38 ? 5   ILE A O   1 
ATOM   35   C CB  . ILE A 1 5   ? 0.646   6.017   -5.809  1.00 13.44 ? 5   ILE A CB  1 
ATOM   36   C CG1 . ILE A 1 5   ? 0.144   7.403   -6.227  1.00 14.61 ? 5   ILE A CG1 1 
ATOM   37   C CG2 . ILE A 1 5   ? 2.035   6.152   -5.192  1.00 14.66 ? 5   ILE A CG2 1 
ATOM   38   C CD1 . ILE A 1 5   ? 0.015   8.364   -5.059  1.00 15.20 ? 5   ILE A CD1 1 
ATOM   39   N N   . ARG A 1 6   ? 2.066   3.073   -6.651  1.00 12.47 ? 6   ARG A N   1 
ATOM   40   C CA  . ARG A 1 6   ? 2.298   1.733   -6.137  1.00 12.04 ? 6   ARG A CA  1 
ATOM   41   C C   . ARG A 1 6   ? 3.133   1.772   -4.871  1.00 13.06 ? 6   ARG A C   1 
ATOM   42   O O   . ARG A 1 6   ? 3.974   2.658   -4.685  1.00 13.21 ? 6   ARG A O   1 
ATOM   43   C CB  . ARG A 1 6   ? 2.998   0.854   -7.180  1.00 13.99 ? 6   ARG A CB  1 
ATOM   44   C CG  . ARG A 1 6   ? 2.058   0.167   -8.178  1.00 14.10 ? 6   ARG A CG  1 
ATOM   45   C CD  . ARG A 1 6   ? 1.030   -0.726  -7.466  1.00 17.27 ? 6   ARG A CD  1 
ATOM   46   N NE  . ARG A 1 6   ? 1.630   -1.492  -6.374  1.00 16.46 ? 6   ARG A NE  1 
ATOM   47   C CZ  . ARG A 1 6   ? 2.445   -2.528  -6.534  1.00 16.12 ? 6   ARG A CZ  1 
ATOM   48   N NH1 . ARG A 1 6   ? 2.761   -2.954  -7.750  1.00 16.38 ? 6   ARG A NH1 1 
ATOM   49   N NH2 . ARG A 1 6   ? 2.984   -3.114  -5.472  1.00 18.00 ? 6   ARG A NH2 1 
ATOM   50   N N   . GLY A 1 7   ? 2.871   0.811   -3.998  1.00 12.01 ? 7   GLY A N   1 
ATOM   51   C CA  . GLY A 1 7   ? 3.612   0.694   -2.761  1.00 13.54 ? 7   GLY A CA  1 
ATOM   52   C C   . GLY A 1 7   ? 3.716   -0.777  -2.418  1.00 13.46 ? 7   GLY A C   1 
ATOM   53   O O   . GLY A 1 7   ? 2.894   -1.586  -2.856  1.00 13.01 ? 7   GLY A O   1 
ATOM   54   N N   . ALA A 1 8   ? 4.744   -1.135  -1.662  1.00 12.39 ? 8   ALA A N   1 
ATOM   55   C CA  . ALA A 1 8   ? 4.924   -2.515  -1.236  1.00 11.42 ? 8   ALA A CA  1 
ATOM   56   C C   . ALA A 1 8   ? 5.805   -2.513  -0.003  1.00 13.00 ? 8   ALA A C   1 
ATOM   57   O O   . ALA A 1 8   ? 6.739   -1.707  0.110   1.00 12.99 ? 8   ALA A O   1 
ATOM   58   C CB  . ALA A 1 8   ? 5.563   -3.349  -2.344  1.00 10.52 ? 8   ALA A CB  1 
ATOM   59   N N   . ILE A 1 9   ? 5.488   -3.401  0.932   1.00 12.47 ? 9   ILE A N   1 
ATOM   60   C CA  . ILE A 1 9   ? 6.255   -3.514  2.158   1.00 13.55 ? 9   ILE A CA  1 
ATOM   61   C C   . ILE A 1 9   ? 6.114   -4.945  2.670   1.00 14.38 ? 9   ILE A C   1 
ATOM   62   O O   . ILE A 1 9   ? 5.099   -5.600  2.429   1.00 13.81 ? 9   ILE A O   1 
ATOM   63   C CB  . ILE A 1 9   ? 5.748   -2.501  3.219   1.00 13.83 ? 9   ILE A CB  1 
ATOM   64   C CG1 . ILE A 1 9   ? 6.668   -2.510  4.444   1.00 14.54 ? 9   ILE A CG1 1 
ATOM   65   C CG2 . ILE A 1 9   ? 4.310   -2.828  3.614   1.00 13.13 ? 9   ILE A CG2 1 
ATOM   66   C CD1 . ILE A 1 9   ? 6.456   -1.320  5.378   1.00 14.44 ? 9   ILE A CD1 1 
ATOM   67   N N   . THR A 1 10  ? 7.143   -5.440  3.346   1.00 15.24 ? 10  THR A N   1 
ATOM   68   C CA  . THR A 1 10  ? 7.093   -6.795  3.885   1.00 15.93 ? 10  THR A CA  1 
ATOM   69   C C   . THR A 1 10  ? 6.990   -6.750  5.402   1.00 17.54 ? 10  THR A C   1 
ATOM   70   O O   . THR A 1 10  ? 7.272   -5.723  6.016   1.00 17.06 ? 10  THR A O   1 
ATOM   71   C CB  . THR A 1 10  ? 8.355   -7.597  3.506   1.00 16.98 ? 10  THR A CB  1 
ATOM   72   O OG1 . THR A 1 10  ? 9.525   -6.878  3.927   1.00 14.30 ? 10  THR A OG1 1 
ATOM   73   C CG2 . THR A 1 10  ? 8.412   -7.821  1.999   1.00 16.01 ? 10  THR A CG2 1 
ATOM   74   N N   . VAL A 1 11  ? 6.555   -7.856  5.997   1.00 18.66 ? 11  VAL A N   1 
ATOM   75   C CA  . VAL A 1 11  ? 6.464   -7.960  7.452   1.00 21.66 ? 11  VAL A CA  1 
ATOM   76   C C   . VAL A 1 11  ? 7.261   -9.193  7.850   1.00 22.44 ? 11  VAL A C   1 
ATOM   77   O O   . VAL A 1 11  ? 7.256   -10.190 7.135   1.00 23.11 ? 11  VAL A O   1 
ATOM   78   C CB  . VAL A 1 11  ? 5.007   -8.110  7.943   1.00 22.78 ? 11  VAL A CB  1 
ATOM   79   C CG1 . VAL A 1 11  ? 4.248   -6.817  7.713   1.00 25.14 ? 11  VAL A CG1 1 
ATOM   80   C CG2 . VAL A 1 11  ? 4.330   -9.259  7.227   1.00 25.77 ? 11  VAL A CG2 1 
ATOM   81   N N   . GLU A 1 12  ? 7.954   -9.126  8.983   1.00 24.81 ? 12  GLU A N   1 
ATOM   82   C CA  . GLU A 1 12  ? 8.766   -10.250 9.432   1.00 26.65 ? 12  GLU A CA  1 
ATOM   83   C C   . GLU A 1 12  ? 7.985   -11.392 10.056  1.00 25.57 ? 12  GLU A C   1 
ATOM   84   O O   . GLU A 1 12  ? 8.475   -12.519 10.112  1.00 24.89 ? 12  GLU A O   1 
ATOM   85   C CB  . GLU A 1 12  ? 9.836   -9.771  10.413  1.00 29.48 ? 12  GLU A CB  1 
ATOM   86   C CG  . GLU A 1 12  ? 11.064  -9.213  9.731   1.00 33.88 ? 12  GLU A CG  1 
ATOM   87   C CD  . GLU A 1 12  ? 11.684  -10.216 8.778   1.00 37.79 ? 12  GLU A CD  1 
ATOM   88   O OE1 . GLU A 1 12  ? 12.046  -11.324 9.232   1.00 40.06 ? 12  GLU A OE1 1 
ATOM   89   O OE2 . GLU A 1 12  ? 11.805  -9.898  7.575   1.00 40.37 ? 12  GLU A OE2 1 
ATOM   90   N N   . GLU A 1 13  ? 6.776   -11.103 10.522  1.00 24.61 ? 13  GLU A N   1 
ATOM   91   C CA  . GLU A 1 13  ? 5.947   -12.125 11.141  1.00 23.88 ? 13  GLU A CA  1 
ATOM   92   C C   . GLU A 1 13  ? 4.495   -11.987 10.727  1.00 20.56 ? 13  GLU A C   1 
ATOM   93   O O   . GLU A 1 13  ? 4.011   -10.885 10.459  1.00 21.15 ? 13  GLU A O   1 
ATOM   94   C CB  . GLU A 1 13  ? 6.018   -12.032 12.664  1.00 26.25 ? 13  GLU A CB  1 
ATOM   95   C CG  . GLU A 1 13  ? 7.412   -12.068 13.246  1.00 33.20 ? 13  GLU A CG  1 
ATOM   96   C CD  . GLU A 1 13  ? 7.386   -12.160 14.757  1.00 36.33 ? 13  GLU A CD  1 
ATOM   97   O OE1 . GLU A 1 13  ? 6.695   -11.333 15.392  1.00 37.26 ? 13  GLU A OE1 1 
ATOM   98   O OE2 . GLU A 1 13  ? 8.051   -13.062 15.309  1.00 39.23 ? 13  GLU A OE2 1 
ATOM   99   N N   . ASP A 1 14  ? 3.797   -13.116 10.695  1.00 19.29 ? 14  ASP A N   1 
ATOM   100  C CA  . ASP A 1 14  ? 2.391   -13.126 10.332  1.00 17.74 ? 14  ASP A CA  1 
ATOM   101  C C   . ASP A 1 14  ? 1.490   -12.898 11.551  1.00 17.60 ? 14  ASP A C   1 
ATOM   102  O O   . ASP A 1 14  ? 0.979   -13.847 12.155  1.00 18.55 ? 14  ASP A O   1 
ATOM   103  C CB  . ASP A 1 14  ? 2.041   -14.453 9.643   1.00 16.50 ? 14  ASP A CB  1 
ATOM   104  C CG  . ASP A 1 14  ? 0.560   -14.574 9.324   1.00 15.64 ? 14  ASP A CG  1 
ATOM   105  O OD1 . ASP A 1 14  ? -0.117  -13.530 9.189   1.00 15.85 ? 14  ASP A OD1 1 
ATOM   106  O OD2 . ASP A 1 14  ? 0.073   -15.720 9.199   1.00 18.95 ? 14  ASP A OD2 1 
ATOM   107  N N   . THR A 1 15  ? 1.330   -11.628 11.919  1.00 15.87 ? 15  THR A N   1 
ATOM   108  C CA  . THR A 1 15  ? 0.473   -11.228 13.035  1.00 16.80 ? 15  THR A CA  1 
ATOM   109  C C   . THR A 1 15  ? -0.298  -9.982  12.609  1.00 15.10 ? 15  THR A C   1 
ATOM   110  O O   . THR A 1 15  ? 0.186   -9.197  11.789  1.00 14.98 ? 15  THR A O   1 
ATOM   111  C CB  . THR A 1 15  ? 1.281   -10.867 14.303  1.00 17.83 ? 15  THR A CB  1 
ATOM   112  O OG1 . THR A 1 15  ? 2.076   -9.700  14.050  1.00 19.32 ? 15  THR A OG1 1 
ATOM   113  C CG2 . THR A 1 15  ? 2.181   -12.017 14.715  1.00 20.33 ? 15  THR A CG2 1 
ATOM   114  N N   . PRO A 1 16  ? -1.503  -9.776  13.161  1.00 15.70 ? 16  PRO A N   1 
ATOM   115  C CA  . PRO A 1 16  ? -2.289  -8.595  12.789  1.00 15.85 ? 16  PRO A CA  1 
ATOM   116  C C   . PRO A 1 16  ? -1.536  -7.306  13.116  1.00 15.96 ? 16  PRO A C   1 
ATOM   117  O O   . PRO A 1 16  ? -1.583  -6.338  12.361  1.00 14.41 ? 16  PRO A O   1 
ATOM   118  C CB  . PRO A 1 16  ? -3.562  -8.741  13.623  1.00 17.48 ? 16  PRO A CB  1 
ATOM   119  C CG  . PRO A 1 16  ? -3.665  -10.210 13.850  1.00 20.31 ? 16  PRO A CG  1 
ATOM   120  C CD  . PRO A 1 16  ? -2.251  -10.636 14.097  1.00 16.43 ? 16  PRO A CD  1 
ATOM   121  N N   . GLU A 1 17  ? -0.842  -7.305  14.251  1.00 16.65 ? 17  GLU A N   1 
ATOM   122  C CA  . GLU A 1 17  ? -0.079  -6.138  14.685  1.00 17.18 ? 17  GLU A CA  1 
ATOM   123  C C   . GLU A 1 17  ? 1.023   -5.752  13.697  1.00 15.99 ? 17  GLU A C   1 
ATOM   124  O O   . GLU A 1 17  ? 1.162   -4.583  13.337  1.00 16.14 ? 17  GLU A O   1 
ATOM   125  C CB  . GLU A 1 17  ? 0.549   -6.388  16.062  1.00 19.13 ? 17  GLU A CB  1 
ATOM   126  C CG  . GLU A 1 17  ? -0.437  -6.540  17.221  1.00 21.47 ? 17  GLU A CG  1 
ATOM   127  C CD  . GLU A 1 17  ? -1.036  -7.936  17.335  1.00 22.78 ? 17  GLU A CD  1 
ATOM   128  O OE1 . GLU A 1 17  ? -0.485  -8.878  16.731  1.00 20.81 ? 17  GLU A OE1 1 
ATOM   129  O OE2 . GLU A 1 17  ? -2.051  -8.093  18.050  1.00 23.15 ? 17  GLU A OE2 1 
ATOM   130  N N   . ALA A 1 18  ? 1.812   -6.734  13.273  1.00 14.46 ? 18  ALA A N   1 
ATOM   131  C CA  . ALA A 1 18  ? 2.897   -6.488  12.329  1.00 14.52 ? 18  ALA A CA  1 
ATOM   132  C C   . ALA A 1 18  ? 2.339   -5.986  11.003  1.00 14.06 ? 18  ALA A C   1 
ATOM   133  O O   . ALA A 1 18  ? 2.882   -5.061  10.403  1.00 14.86 ? 18  ALA A O   1 
ATOM   134  C CB  . ALA A 1 18  ? 3.699   -7.762  12.113  1.00 14.79 ? 18  ALA A CB  1 
ATOM   135  N N   . ILE A 1 19  ? 1.246   -6.594  10.553  1.00 12.96 ? 19  ILE A N   1 
ATOM   136  C CA  . ILE A 1 19  ? 0.615   -6.203  9.294   1.00 13.03 ? 19  ILE A CA  1 
ATOM   137  C C   . ILE A 1 19  ? 0.054   -4.777  9.383   1.00 13.25 ? 19  ILE A C   1 
ATOM   138  O O   . ILE A 1 19  ? 0.166   -3.989  8.442   1.00 13.10 ? 19  ILE A O   1 
ATOM   139  C CB  . ILE A 1 19  ? -0.522  -7.195  8.930   1.00 11.69 ? 19  ILE A CB  1 
ATOM   140  C CG1 . ILE A 1 19  ? 0.063   -8.584  8.675   1.00 13.77 ? 19  ILE A CG1 1 
ATOM   141  C CG2 . ILE A 1 19  ? -1.284  -6.701  7.705   1.00 13.98 ? 19  ILE A CG2 1 
ATOM   142  C CD1 . ILE A 1 19  ? -0.988  -9.689  8.562   1.00 13.68 ? 19  ILE A CD1 1 
ATOM   143  N N   . HIS A 1 20  ? -0.538  -4.449  10.526  1.00 12.38 ? 20  HIS A N   1 
ATOM   144  C CA  . HIS A 1 20  ? -1.117  -3.129  10.748  1.00 12.87 ? 20  HIS A CA  1 
ATOM   145  C C   . HIS A 1 20  ? -0.050  -2.042  10.678  1.00 14.47 ? 20  HIS A C   1 
ATOM   146  O O   . HIS A 1 20  ? -0.200  -1.064  9.949   1.00 14.28 ? 20  HIS A O   1 
ATOM   147  C CB  . HIS A 1 20  ? -1.795  -3.088  12.123  1.00 14.36 ? 20  HIS A CB  1 
ATOM   148  C CG  . HIS A 1 20  ? -2.464  -1.787  12.434  1.00 14.49 ? 20  HIS A CG  1 
ATOM   149  N ND1 . HIS A 1 20  ? -3.751  -1.496  12.037  1.00 17.20 ? 20  HIS A ND1 1 
ATOM   150  C CD2 . HIS A 1 20  ? -2.017  -0.692  13.093  1.00 18.09 ? 20  HIS A CD2 1 
ATOM   151  C CE1 . HIS A 1 20  ? -4.069  -0.279  12.440  1.00 18.46 ? 20  HIS A CE1 1 
ATOM   152  N NE2 . HIS A 1 20  ? -3.035  0.231   13.083  1.00 16.32 ? 20  HIS A NE2 1 
ATOM   153  N N   . GLN A 1 21  ? 1.022   -2.222  11.447  1.00 15.48 ? 21  GLN A N   1 
ATOM   154  C CA  . GLN A 1 21  ? 2.113   -1.253  11.496  1.00 16.63 ? 21  GLN A CA  1 
ATOM   155  C C   . GLN A 1 21  ? 2.768   -1.059  10.133  1.00 16.39 ? 21  GLN A C   1 
ATOM   156  O O   . GLN A 1 21  ? 3.045   0.071   9.728   1.00 16.81 ? 21  GLN A O   1 
ATOM   157  C CB  . GLN A 1 21  ? 3.164   -1.698  12.521  1.00 19.41 ? 21  GLN A CB  1 
ATOM   158  C CG  . GLN A 1 21  ? 4.349   -0.741  12.698  1.00 25.12 ? 21  GLN A CG  1 
ATOM   159  C CD  . GLN A 1 21  ? 5.355   -0.799  11.553  1.00 28.34 ? 21  GLN A CD  1 
ATOM   160  O OE1 . GLN A 1 21  ? 5.869   -1.866  11.215  1.00 30.42 ? 21  GLN A OE1 1 
ATOM   161  N NE2 . GLN A 1 21  ? 5.648   0.354   10.963  1.00 30.89 ? 21  GLN A NE2 1 
ATOM   162  N N   . ALA A 1 22  ? 3.016   -2.161  9.431   1.00 14.80 ? 22  ALA A N   1 
ATOM   163  C CA  . ALA A 1 22  ? 3.640   -2.104  8.112   1.00 15.32 ? 22  ALA A CA  1 
ATOM   164  C C   . ALA A 1 22  ? 2.768   -1.357  7.113   1.00 15.42 ? 22  ALA A C   1 
ATOM   165  O O   . ALA A 1 22  ? 3.259   -0.520  6.354   1.00 14.12 ? 22  ALA A O   1 
ATOM   166  C CB  . ALA A 1 22  ? 3.912   -3.510  7.601   1.00 14.58 ? 22  ALA A CB  1 
ATOM   167  N N   . THR A 1 23  ? 1.474   -1.669  7.105   1.00 14.28 ? 23  THR A N   1 
ATOM   168  C CA  . THR A 1 23  ? 0.547   -1.016  6.187   1.00 12.72 ? 23  THR A CA  1 
ATOM   169  C C   . THR A 1 23  ? 0.519   0.486   6.444   1.00 13.16 ? 23  THR A C   1 
ATOM   170  O O   . THR A 1 23  ? 0.560   1.295   5.513   1.00 13.62 ? 23  THR A O   1 
ATOM   171  C CB  . THR A 1 23  ? -0.882  -1.579  6.346   1.00 12.50 ? 23  THR A CB  1 
ATOM   172  O OG1 . THR A 1 23  ? -0.870  -2.991  6.078   1.00 13.11 ? 23  THR A OG1 1 
ATOM   173  C CG2 . THR A 1 23  ? -1.836  -0.889  5.379   1.00 12.66 ? 23  THR A CG2 1 
ATOM   174  N N   . ARG A 1 24  ? 0.453   0.860   7.719   1.00 13.71 ? 24  ARG A N   1 
ATOM   175  C CA  . ARG A 1 24  ? 0.411   2.267   8.087   1.00 13.99 ? 24  ARG A CA  1 
ATOM   176  C C   . ARG A 1 24  ? 1.670   2.981   7.610   1.00 15.45 ? 24  ARG A C   1 
ATOM   177  O O   . ARG A 1 24  ? 1.592   4.057   7.008   1.00 15.30 ? 24  ARG A O   1 
ATOM   178  C CB  . ARG A 1 24  ? 0.272   2.414   9.605   1.00 15.73 ? 24  ARG A CB  1 
ATOM   179  C CG  . ARG A 1 24  ? 0.064   3.847   10.071  1.00 16.84 ? 24  ARG A CG  1 
ATOM   180  C CD  . ARG A 1 24  ? -0.039  3.910   11.587  1.00 17.36 ? 24  ARG A CD  1 
ATOM   181  N NE  . ARG A 1 24  ? 1.183   3.430   12.224  1.00 17.38 ? 24  ARG A NE  1 
ATOM   182  C CZ  . ARG A 1 24  ? 1.222   2.577   13.244  1.00 16.03 ? 24  ARG A CZ  1 
ATOM   183  N NH1 . ARG A 1 24  ? 0.098   2.090   13.758  1.00 15.06 ? 24  ARG A NH1 1 
ATOM   184  N NH2 . ARG A 1 24  ? 2.391   2.213   13.746  1.00 14.84 ? 24  ARG A NH2 1 
ATOM   185  N N   . GLU A 1 25  ? 2.824   2.374   7.869   1.00 15.66 ? 25  GLU A N   1 
ATOM   186  C CA  . GLU A 1 25  ? 4.097   2.954   7.469   1.00 16.56 ? 25  GLU A CA  1 
ATOM   187  C C   . GLU A 1 25  ? 4.147   3.174   5.963   1.00 16.77 ? 25  GLU A C   1 
ATOM   188  O O   . GLU A 1 25  ? 4.580   4.226   5.493   1.00 15.32 ? 25  GLU A O   1 
ATOM   189  C CB  . GLU A 1 25  ? 5.256   2.044   7.875   1.00 19.33 ? 25  GLU A CB  1 
ATOM   190  C CG  . GLU A 1 25  ? 6.623   2.653   7.592   1.00 23.78 ? 25  GLU A CG  1 
ATOM   191  C CD  . GLU A 1 25  ? 7.767   1.731   7.956   1.00 28.20 ? 25  GLU A CD  1 
ATOM   192  O OE1 . GLU A 1 25  ? 7.711   1.113   9.040   1.00 28.67 ? 25  GLU A OE1 1 
ATOM   193  O OE2 . GLU A 1 25  ? 8.729   1.631   7.164   1.00 31.52 ? 25  GLU A OE2 1 
ATOM   194  N N   . LEU A 1 26  ? 3.698   2.176   5.209   1.00 14.78 ? 26  LEU A N   1 
ATOM   195  C CA  . LEU A 1 26  ? 3.713   2.276   3.754   1.00 13.14 ? 26  LEU A CA  1 
ATOM   196  C C   . LEU A 1 26  ? 2.789   3.377   3.251   1.00 14.67 ? 26  LEU A C   1 
ATOM   197  O O   . LEU A 1 26  ? 3.182   4.187   2.408   1.00 13.59 ? 26  LEU A O   1 
ATOM   198  C CB  . LEU A 1 26  ? 3.313   0.939   3.126   1.00 14.38 ? 26  LEU A CB  1 
ATOM   199  C CG  . LEU A 1 26  ? 3.188   0.938   1.599   1.00 14.76 ? 26  LEU A CG  1 
ATOM   200  C CD1 . LEU A 1 26  ? 4.532   1.278   0.962   1.00 13.14 ? 26  LEU A CD1 1 
ATOM   201  C CD2 . LEU A 1 26  ? 2.714   -0.437  1.137   1.00 13.89 ? 26  LEU A CD2 1 
ATOM   202  N N   . LEU A 1 27  ? 1.560   3.402   3.761   1.00 13.55 ? 27  LEU A N   1 
ATOM   203  C CA  . LEU A 1 27  ? 0.595   4.411   3.347   1.00 13.43 ? 27  LEU A CA  1 
ATOM   204  C C   . LEU A 1 27  ? 1.131   5.813   3.616   1.00 14.29 ? 27  LEU A C   1 
ATOM   205  O O   . LEU A 1 27  ? 1.077   6.677   2.749   1.00 14.07 ? 27  LEU A O   1 
ATOM   206  C CB  . LEU A 1 27  ? -0.736  4.216   4.080   1.00 15.07 ? 27  LEU A CB  1 
ATOM   207  C CG  . LEU A 1 27  ? -1.585  3.020   3.641   1.00 14.58 ? 27  LEU A CG  1 
ATOM   208  C CD1 . LEU A 1 27  ? -2.766  2.857   4.580   1.00 17.20 ? 27  LEU A CD1 1 
ATOM   209  C CD2 . LEU A 1 27  ? -2.072  3.236   2.212   1.00 16.51 ? 27  LEU A CD2 1 
ATOM   210  N N   . LEU A 1 28  ? 1.664   6.028   4.814   1.00 14.51 ? 28  LEU A N   1 
ATOM   211  C CA  . LEU A 1 28  ? 2.190   7.343   5.165   1.00 15.84 ? 28  LEU A CA  1 
ATOM   212  C C   . LEU A 1 28  ? 3.346   7.774   4.266   1.00 17.41 ? 28  LEU A C   1 
ATOM   213  O O   . LEU A 1 28  ? 3.413   8.932   3.842   1.00 18.26 ? 28  LEU A O   1 
ATOM   214  C CB  . LEU A 1 28  ? 2.620   7.356   6.634   1.00 17.11 ? 28  LEU A CB  1 
ATOM   215  C CG  . LEU A 1 28  ? 1.444   7.285   7.616   1.00 17.59 ? 28  LEU A CG  1 
ATOM   216  C CD1 . LEU A 1 28  ? 1.960   7.127   9.034   1.00 17.28 ? 28  LEU A CD1 1 
ATOM   217  C CD2 . LEU A 1 28  ? 0.589   8.544   7.486   1.00 16.47 ? 28  LEU A CD2 1 
ATOM   218  N N   . LYS A 1 29  ? 4.247   6.847   3.959   1.00 17.39 ? 29  LYS A N   1 
ATOM   219  C CA  . LYS A 1 29  ? 5.387   7.164   3.108   1.00 19.52 ? 29  LYS A CA  1 
ATOM   220  C C   . LYS A 1 29  ? 4.981   7.417   1.658   1.00 19.06 ? 29  LYS A C   1 
ATOM   221  O O   . LYS A 1 29  ? 5.590   8.244   0.979   1.00 19.25 ? 29  LYS A O   1 
ATOM   222  C CB  . LYS A 1 29  ? 6.438   6.053   3.192   1.00 20.73 ? 29  LYS A CB  1 
ATOM   223  C CG  . LYS A 1 29  ? 7.138   6.006   4.553   1.00 25.79 ? 29  LYS A CG  1 
ATOM   224  C CD  . LYS A 1 29  ? 8.291   5.007   4.589   1.00 29.15 ? 29  LYS A CD  1 
ATOM   225  C CE  . LYS A 1 29  ? 8.996   5.043   5.943   1.00 31.56 ? 29  LYS A CE  1 
ATOM   226  N NZ  . LYS A 1 29  ? 10.117  4.060   6.037   1.00 33.51 ? 29  LYS A NZ  1 
ATOM   227  N N   . MET A 1 30  ? 3.959   6.709   1.178   1.00 17.24 ? 30  MET A N   1 
ATOM   228  C CA  . MET A 1 30  ? 3.482   6.910   -0.189  1.00 15.44 ? 30  MET A CA  1 
ATOM   229  C C   . MET A 1 30  ? 2.904   8.319   -0.309  1.00 16.99 ? 30  MET A C   1 
ATOM   230  O O   . MET A 1 30  ? 3.076   8.997   -1.326  1.00 15.97 ? 30  MET A O   1 
ATOM   231  C CB  . MET A 1 30  ? 2.394   5.885   -0.536  1.00 16.33 ? 30  MET A CB  1 
ATOM   232  C CG  . MET A 1 30  ? 2.912   4.480   -0.772  1.00 14.87 ? 30  MET A CG  1 
ATOM   233  S SD  . MET A 1 30  ? 1.554   3.306   -0.988  1.00 16.37 ? 30  MET A SD  1 
ATOM   234  C CE  . MET A 1 30  ? 1.006   3.729   -2.647  1.00 17.00 ? 30  MET A CE  1 
ATOM   235  N N   . LEU A 1 31  ? 2.211   8.752   0.740   1.00 16.08 ? 31  LEU A N   1 
ATOM   236  C CA  . LEU A 1 31  ? 1.607   10.075  0.775   1.00 18.42 ? 31  LEU A CA  1 
ATOM   237  C C   . LEU A 1 31  ? 2.711   11.127  0.851   1.00 18.57 ? 31  LEU A C   1 
ATOM   238  O O   . LEU A 1 31  ? 2.691   12.118  0.124   1.00 19.14 ? 31  LEU A O   1 
ATOM   239  C CB  . LEU A 1 31  ? 0.692   10.200  1.996   1.00 20.41 ? 31  LEU A CB  1 
ATOM   240  C CG  . LEU A 1 31  ? -0.509  9.250   2.044   1.00 21.43 ? 31  LEU A CG  1 
ATOM   241  C CD1 . LEU A 1 31  ? -1.099  9.208   3.450   1.00 25.00 ? 31  LEU A CD1 1 
ATOM   242  C CD2 . LEU A 1 31  ? -1.542  9.705   1.029   1.00 22.22 ? 31  LEU A CD2 1 
ATOM   243  N N   . GLU A 1 32  ? 3.674   10.890  1.733   1.00 20.13 ? 32  GLU A N   1 
ATOM   244  C CA  . GLU A 1 32  ? 4.793   11.807  1.925   1.00 22.15 ? 32  GLU A CA  1 
ATOM   245  C C   . GLU A 1 32  ? 5.652   11.952  0.668   1.00 22.22 ? 32  GLU A C   1 
ATOM   246  O O   . GLU A 1 32  ? 6.011   13.062  0.271   1.00 21.67 ? 32  GLU A O   1 
ATOM   247  C CB  . GLU A 1 32  ? 5.655   11.313  3.088   1.00 24.87 ? 32  GLU A CB  1 
ATOM   248  C CG  . GLU A 1 32  ? 6.876   12.169  3.384   1.00 31.77 ? 32  GLU A CG  1 
ATOM   249  C CD  . GLU A 1 32  ? 7.683   11.620  4.546   1.00 34.64 ? 32  GLU A CD  1 
ATOM   250  O OE1 . GLU A 1 32  ? 8.172   10.474  4.444   1.00 37.29 ? 32  GLU A OE1 1 
ATOM   251  O OE2 . GLU A 1 32  ? 7.825   12.334  5.561   1.00 38.43 ? 32  GLU A OE2 1 
ATOM   252  N N   . ALA A 1 33  ? 5.973   10.828  0.039   1.00 21.37 ? 33  ALA A N   1 
ATOM   253  C CA  . ALA A 1 33  ? 6.802   10.837  -1.161  1.00 22.13 ? 33  ALA A CA  1 
ATOM   254  C C   . ALA A 1 33  ? 6.192   11.628  -2.313  1.00 21.94 ? 33  ALA A C   1 
ATOM   255  O O   . ALA A 1 33  ? 6.917   12.163  -3.151  1.00 22.32 ? 33  ALA A O   1 
ATOM   256  C CB  . ALA A 1 33  ? 7.085   9.405   -1.607  1.00 22.00 ? 33  ALA A CB  1 
ATOM   257  N N   . ASN A 1 34  ? 4.866   11.712  -2.353  1.00 20.13 ? 34  ASN A N   1 
ATOM   258  C CA  . ASN A 1 34  ? 4.186   12.427  -3.428  1.00 21.11 ? 34  ASN A CA  1 
ATOM   259  C C   . ASN A 1 34  ? 3.610   13.774  -3.010  1.00 21.59 ? 34  ASN A C   1 
ATOM   260  O O   . ASN A 1 34  ? 2.843   14.392  -3.754  1.00 22.13 ? 34  ASN A O   1 
ATOM   261  C CB  . ASN A 1 34  ? 3.091   11.535  -4.011  1.00 19.82 ? 34  ASN A CB  1 
ATOM   262  C CG  . ASN A 1 34  ? 3.662   10.367  -4.776  1.00 18.58 ? 34  ASN A CG  1 
ATOM   263  O OD1 . ASN A 1 34  ? 4.097   10.517  -5.917  1.00 19.44 ? 34  ASN A OD1 1 
ATOM   264  N ND2 . ASN A 1 34  ? 3.693   9.197   -4.144  1.00 15.73 ? 34  ASN A ND2 1 
ATOM   265  N N   . GLY A 1 35  ? 3.999   14.225  -1.822  1.00 22.36 ? 35  GLY A N   1 
ATOM   266  C CA  . GLY A 1 35  ? 3.534   15.501  -1.309  1.00 23.86 ? 35  GLY A CA  1 
ATOM   267  C C   . GLY A 1 35  ? 2.030   15.668  -1.246  1.00 23.40 ? 35  GLY A C   1 
ATOM   268  O O   . GLY A 1 35  ? 1.523   16.773  -1.416  1.00 24.70 ? 35  GLY A O   1 
ATOM   269  N N   . ILE A 1 36  ? 1.306   14.581  -0.993  1.00 23.42 ? 36  ILE A N   1 
ATOM   270  C CA  . ILE A 1 36  ? -0.147  14.652  -0.917  1.00 24.17 ? 36  ILE A CA  1 
ATOM   271  C C   . ILE A 1 36  ? -0.583  15.324  0.382   1.00 25.51 ? 36  ILE A C   1 
ATOM   272  O O   . ILE A 1 36  ? -0.261  14.867  1.478   1.00 26.52 ? 36  ILE A O   1 
ATOM   273  C CB  . ILE A 1 36  ? -0.764  13.242  -1.058  1.00 23.23 ? 36  ILE A CB  1 
ATOM   274  C CG1 . ILE A 1 36  ? -0.421  12.689  -2.447  1.00 22.95 ? 36  ILE A CG1 1 
ATOM   275  C CG2 . ILE A 1 36  ? -2.274  13.303  -0.877  1.00 22.50 ? 36  ILE A CG2 1 
ATOM   276  C CD1 . ILE A 1 36  ? -0.932  11.287  -2.711  1.00 22.62 ? 36  ILE A CD1 1 
ATOM   277  N N   . GLN A 1 37  ? -1.321  16.420  0.236   1.00 27.19 ? 37  GLN A N   1 
ATOM   278  C CA  . GLN A 1 37  ? -1.791  17.223  1.362   1.00 28.81 ? 37  GLN A CA  1 
ATOM   279  C C   . GLN A 1 37  ? -3.111  16.775  1.981   1.00 27.39 ? 37  GLN A C   1 
ATOM   280  O O   . GLN A 1 37  ? -3.337  16.969  3.176   1.00 29.31 ? 37  GLN A O   1 
ATOM   281  C CB  . GLN A 1 37  ? -1.930  18.681  0.917   1.00 30.94 ? 37  GLN A CB  1 
ATOM   282  C CG  . GLN A 1 37  ? -0.671  19.288  0.306   1.00 35.73 ? 37  GLN A CG  1 
ATOM   283  C CD  . GLN A 1 37  ? 0.305   19.799  1.350   1.00 38.10 ? 37  GLN A CD  1 
ATOM   284  O OE1 . GLN A 1 37  ? 0.794   19.040  2.187   1.00 40.41 ? 37  GLN A OE1 1 
ATOM   285  N NE2 . GLN A 1 37  ? 0.592   21.094  1.305   1.00 40.69 ? 37  GLN A NE2 1 
ATOM   286  N N   . SER A 1 38  ? -3.990  16.191  1.174   1.00 26.17 ? 38  SER A N   1 
ATOM   287  C CA  . SER A 1 38  ? -5.291  15.757  1.670   1.00 24.20 ? 38  SER A CA  1 
ATOM   288  C C   . SER A 1 38  ? -5.735  14.413  1.103   1.00 22.76 ? 38  SER A C   1 
ATOM   289  O O   . SER A 1 38  ? -5.419  14.079  -0.036  1.00 21.82 ? 38  SER A O   1 
ATOM   290  C CB  . SER A 1 38  ? -6.345  16.814  1.334   1.00 25.38 ? 38  SER A CB  1 
ATOM   291  O OG  . SER A 1 38  ? -7.655  16.338  1.598   1.00 24.79 ? 38  SER A OG  1 
ATOM   292  N N   . TYR A 1 39  ? -6.477  13.649  1.900   1.00 21.14 ? 39  TYR A N   1 
ATOM   293  C CA  . TYR A 1 39  ? -6.968  12.349  1.441   1.00 19.33 ? 39  TYR A CA  1 
ATOM   294  C C   . TYR A 1 39  ? -8.031  12.547  0.365   1.00 19.31 ? 39  TYR A C   1 
ATOM   295  O O   . TYR A 1 39  ? -8.319  11.634  -0.402  1.00 17.89 ? 39  TYR A O   1 
ATOM   296  C CB  . TYR A 1 39  ? -7.577  11.549  2.596   1.00 19.80 ? 39  TYR A CB  1 
ATOM   297  C CG  . TYR A 1 39  ? -6.607  11.198  3.697   1.00 19.13 ? 39  TYR A CG  1 
ATOM   298  C CD1 . TYR A 1 39  ? -5.291  10.843  3.407   1.00 19.69 ? 39  TYR A CD1 1 
ATOM   299  C CD2 . TYR A 1 39  ? -7.014  11.189  5.030   1.00 20.22 ? 39  TYR A CD2 1 
ATOM   300  C CE1 . TYR A 1 39  ? -4.404  10.490  4.416   1.00 20.49 ? 39  TYR A CE1 1 
ATOM   301  C CE2 . TYR A 1 39  ? -6.135  10.836  6.047   1.00 17.89 ? 39  TYR A CE2 1 
ATOM   302  C CZ  . TYR A 1 39  ? -4.833  10.487  5.731   1.00 19.25 ? 39  TYR A CZ  1 
ATOM   303  O OH  . TYR A 1 39  ? -3.958  10.132  6.728   1.00 22.47 ? 39  TYR A OH  1 
ATOM   304  N N   . GLU A 1 40  ? -8.610  13.744  0.308   1.00 19.53 ? 40  GLU A N   1 
ATOM   305  C CA  . GLU A 1 40  ? -9.643  14.041  -0.679  1.00 21.61 ? 40  GLU A CA  1 
ATOM   306  C C   . GLU A 1 40  ? -9.110  13.907  -2.105  1.00 20.07 ? 40  GLU A C   1 
ATOM   307  O O   . GLU A 1 40  ? -9.880  13.857  -3.062  1.00 21.93 ? 40  GLU A O   1 
ATOM   308  C CB  . GLU A 1 40  ? -10.197 15.453  -0.453  1.00 23.80 ? 40  GLU A CB  1 
ATOM   309  C CG  . GLU A 1 40  ? -10.792 15.642  0.937   1.00 28.99 ? 40  GLU A CG  1 
ATOM   310  C CD  . GLU A 1 40  ? -11.363 17.032  1.154   1.00 34.25 ? 40  GLU A CD  1 
ATOM   311  O OE1 . GLU A 1 40  ? -10.623 18.020  0.954   1.00 37.01 ? 40  GLU A OE1 1 
ATOM   312  O OE2 . GLU A 1 40  ? -12.550 17.136  1.533   1.00 38.12 ? 40  GLU A OE2 1 
ATOM   313  N N   . GLU A 1 41  ? -7.790  13.850  -2.235  1.00 19.32 ? 41  GLU A N   1 
ATOM   314  C CA  . GLU A 1 41  ? -7.147  13.711  -3.540  1.00 19.99 ? 41  GLU A CA  1 
ATOM   315  C C   . GLU A 1 41  ? -7.170  12.264  -4.028  1.00 19.64 ? 41  GLU A C   1 
ATOM   316  O O   . GLU A 1 41  ? -6.933  12.001  -5.206  1.00 20.50 ? 41  GLU A O   1 
ATOM   317  C CB  . GLU A 1 41  ? -5.691  14.169  -3.466  1.00 21.79 ? 41  GLU A CB  1 
ATOM   318  C CG  . GLU A 1 41  ? -5.499  15.649  -3.191  1.00 24.37 ? 41  GLU A CG  1 
ATOM   319  C CD  . GLU A 1 41  ? -4.034  16.016  -3.064  1.00 24.90 ? 41  GLU A CD  1 
ATOM   320  O OE1 . GLU A 1 41  ? -3.254  15.672  -3.977  1.00 24.24 ? 41  GLU A OE1 1 
ATOM   321  O OE2 . GLU A 1 41  ? -3.661  16.652  -2.054  1.00 28.43 ? 41  GLU A OE2 1 
ATOM   322  N N   . LEU A 1 42  ? -7.447  11.330  -3.123  1.00 17.88 ? 42  LEU A N   1 
ATOM   323  C CA  . LEU A 1 42  ? -7.469  9.911   -3.475  1.00 16.77 ? 42  LEU A CA  1 
ATOM   324  C C   . LEU A 1 42  ? -8.830  9.402   -3.929  1.00 16.06 ? 42  LEU A C   1 
ATOM   325  O O   . LEU A 1 42  ? -9.810  9.474   -3.191  1.00 16.15 ? 42  LEU A O   1 
ATOM   326  C CB  . LEU A 1 42  ? -6.993  9.068   -2.288  1.00 17.33 ? 42  LEU A CB  1 
ATOM   327  C CG  . LEU A 1 42  ? -5.598  9.395   -1.749  1.00 18.80 ? 42  LEU A CG  1 
ATOM   328  C CD1 . LEU A 1 42  ? -5.316  8.546   -0.515  1.00 18.78 ? 42  LEU A CD1 1 
ATOM   329  C CD2 . LEU A 1 42  ? -4.555  9.143   -2.831  1.00 17.31 ? 42  LEU A CD2 1 
ATOM   330  N N   . ALA A 1 43  ? -8.880  8.872   -5.147  1.00 14.79 ? 43  ALA A N   1 
ATOM   331  C CA  . ALA A 1 43  ? -10.122 8.335   -5.688  1.00 13.15 ? 43  ALA A CA  1 
ATOM   332  C C   . ALA A 1 43  ? -10.478 7.052   -4.947  1.00 14.59 ? 43  ALA A C   1 
ATOM   333  O O   . ALA A 1 43  ? -11.637 6.815   -4.608  1.00 13.37 ? 43  ALA A O   1 
ATOM   334  C CB  . ALA A 1 43  ? -9.960  8.044   -7.176  1.00 13.94 ? 43  ALA A CB  1 
ATOM   335  N N   . ALA A 1 44  ? -9.465  6.232   -4.701  1.00 14.11 ? 44  ALA A N   1 
ATOM   336  C CA  . ALA A 1 44  ? -9.645  4.962   -4.009  1.00 13.25 ? 44  ALA A CA  1 
ATOM   337  C C   . ALA A 1 44  ? -8.281  4.338   -3.772  1.00 13.51 ? 44  ALA A C   1 
ATOM   338  O O   . ALA A 1 44  ? -7.285  4.775   -4.340  1.00 13.96 ? 44  ALA A O   1 
ATOM   339  C CB  . ALA A 1 44  ? -10.502 4.025   -4.855  1.00 13.36 ? 44  ALA A CB  1 
ATOM   340  N N   . VAL A 1 45  ? -8.242  3.316   -2.926  1.00 12.17 ? 45  VAL A N   1 
ATOM   341  C CA  . VAL A 1 45  ? -7.006  2.610   -2.627  1.00 13.92 ? 45  VAL A CA  1 
ATOM   342  C C   . VAL A 1 45  ? -7.293  1.116   -2.623  1.00 15.04 ? 45  VAL A C   1 
ATOM   343  O O   . VAL A 1 45  ? -8.227  0.655   -1.970  1.00 15.96 ? 45  VAL A O   1 
ATOM   344  C CB  . VAL A 1 45  ? -6.438  3.000   -1.256  1.00 13.95 ? 45  VAL A CB  1 
ATOM   345  C CG1 . VAL A 1 45  ? -5.217  2.148   -0.938  1.00 15.99 ? 45  VAL A CG1 1 
ATOM   346  C CG2 . VAL A 1 45  ? -6.079  4.476   -1.243  1.00 14.78 ? 45  VAL A CG2 1 
ATOM   347  N N   . ILE A 1 46  ? -6.493  0.372   -3.373  1.00 13.56 ? 46  ILE A N   1 
ATOM   348  C CA  . ILE A 1 46  ? -6.652  -1.071  -3.457  1.00 13.66 ? 46  ILE A CA  1 
ATOM   349  C C   . ILE A 1 46  ? -5.420  -1.730  -2.856  1.00 14.12 ? 46  ILE A C   1 
ATOM   350  O O   . ILE A 1 46  ? -4.300  -1.316  -3.131  1.00 14.56 ? 46  ILE A O   1 
ATOM   351  C CB  . ILE A 1 46  ? -6.801  -1.527  -4.925  1.00 13.40 ? 46  ILE A CB  1 
ATOM   352  C CG1 . ILE A 1 46  ? -8.010  -0.831  -5.561  1.00 14.66 ? 46  ILE A CG1 1 
ATOM   353  C CG2 . ILE A 1 46  ? -6.947  -3.051  -4.987  1.00 15.19 ? 46  ILE A CG2 1 
ATOM   354  C CD1 . ILE A 1 46  ? -8.190  -1.127  -7.032  1.00 19.07 ? 46  ILE A CD1 1 
ATOM   355  N N   . PHE A 1 47  ? -5.635  -2.749  -2.030  1.00 13.16 ? 47  PHE A N   1 
ATOM   356  C CA  . PHE A 1 47  ? -4.541  -3.484  -1.397  1.00 11.92 ? 47  PHE A CA  1 
ATOM   357  C C   . PHE A 1 47  ? -4.538  -4.921  -1.904  1.00 11.28 ? 47  PHE A C   1 
ATOM   358  O O   . PHE A 1 47  ? -5.582  -5.440  -2.294  1.00 12.72 ? 47  PHE A O   1 
ATOM   359  C CB  . PHE A 1 47  ? -4.747  -3.610  0.121   1.00 11.26 ? 47  PHE A CB  1 
ATOM   360  C CG  . PHE A 1 47  ? -4.842  -2.312  0.861   1.00 13.35 ? 47  PHE A CG  1 
ATOM   361  C CD1 . PHE A 1 47  ? -3.694  -1.669  1.313   1.00 12.90 ? 47  PHE A CD1 1 
ATOM   362  C CD2 . PHE A 1 47  ? -6.082  -1.761  1.161   1.00 14.58 ? 47  PHE A CD2 1 
ATOM   363  C CE1 . PHE A 1 47  ? -3.784  -0.498  2.055   1.00 13.47 ? 47  PHE A CE1 1 
ATOM   364  C CE2 . PHE A 1 47  ? -6.182  -0.586  1.906   1.00 16.19 ? 47  PHE A CE2 1 
ATOM   365  C CZ  . PHE A 1 47  ? -5.022  0.045   2.355   1.00 14.81 ? 47  PHE A CZ  1 
ATOM   366  N N   . THR A 1 48  ? -3.368  -5.554  -1.927  1.00 11.17 ? 48  THR A N   1 
ATOM   367  C CA  . THR A 1 48  ? -3.316  -6.983  -2.226  1.00 11.01 ? 48  THR A CA  1 
ATOM   368  C C   . THR A 1 48  ? -2.478  -7.532  -1.078  1.00 11.52 ? 48  THR A C   1 
ATOM   369  O O   . THR A 1 48  ? -1.563  -6.861  -0.573  1.00 10.10 ? 48  THR A O   1 
ATOM   370  C CB  . THR A 1 48  ? -2.677  -7.381  -3.592  1.00 14.08 ? 48  THR A CB  1 
ATOM   371  O OG1 . THR A 1 48  ? -1.261  -7.197  -3.557  1.00 13.69 ? 48  THR A OG1 1 
ATOM   372  C CG2 . THR A 1 48  ? -3.298  -6.587  -4.729  1.00 15.02 ? 48  THR A CG2 1 
ATOM   373  N N   . VAL A 1 49  ? -2.828  -8.730  -0.635  1.00 9.96  ? 49  VAL A N   1 
ATOM   374  C CA  . VAL A 1 49  ? -2.155  -9.382  0.482   1.00 10.10 ? 49  VAL A CA  1 
ATOM   375  C C   . VAL A 1 49  ? -1.735  -10.772 0.030   1.00 10.59 ? 49  VAL A C   1 
ATOM   376  O O   . VAL A 1 49  ? -2.512  -11.477 -0.610  1.00 12.33 ? 49  VAL A O   1 
ATOM   377  C CB  . VAL A 1 49  ? -3.124  -9.514  1.691   1.00 9.15  ? 49  VAL A CB  1 
ATOM   378  C CG1 . VAL A 1 49  ? -2.426  -10.192 2.864   1.00 11.92 ? 49  VAL A CG1 1 
ATOM   379  C CG2 . VAL A 1 49  ? -3.655  -8.133  2.090   1.00 12.16 ? 49  VAL A CG2 1 
ATOM   380  N N   . THR A 1 50  ? -0.512  -11.173 0.347   1.00 9.68  ? 50  THR A N   1 
ATOM   381  C CA  . THR A 1 50  ? -0.050  -12.500 -0.048  1.00 9.92  ? 50  THR A CA  1 
ATOM   382  C C   . THR A 1 50  ? -0.686  -13.566 0.842   1.00 11.80 ? 50  THR A C   1 
ATOM   383  O O   . THR A 1 50  ? -1.077  -13.290 1.979   1.00 10.45 ? 50  THR A O   1 
ATOM   384  C CB  . THR A 1 50  ? 1.483   -12.596 0.015   1.00 11.83 ? 50  THR A CB  1 
ATOM   385  O OG1 . THR A 1 50  ? 1.935   -12.139 1.292   1.00 11.97 ? 50  THR A OG1 1 
ATOM   386  C CG2 . THR A 1 50  ? 2.117   -11.736 -1.081  1.00 14.28 ? 50  THR A CG2 1 
ATOM   387  N N   . GLU A 1 51  ? -0.779  -14.786 0.324   1.00 11.41 ? 51  GLU A N   1 
ATOM   388  C CA  . GLU A 1 51  ? -1.422  -15.884 1.048   1.00 13.88 ? 51  GLU A CA  1 
ATOM   389  C C   . GLU A 1 51  ? -0.759  -16.339 2.346   1.00 14.04 ? 51  GLU A C   1 
ATOM   390  O O   . GLU A 1 51  ? -1.377  -17.066 3.127   1.00 16.58 ? 51  GLU A O   1 
ATOM   391  C CB  . GLU A 1 51  ? -1.598  -17.089 0.124   1.00 17.01 ? 51  GLU A CB  1 
ATOM   392  C CG  . GLU A 1 51  ? -0.321  -17.556 -0.527  1.00 21.09 ? 51  GLU A CG  1 
ATOM   393  C CD  . GLU A 1 51  ? -0.468  -18.920 -1.157  1.00 24.83 ? 51  GLU A CD  1 
ATOM   394  O OE1 . GLU A 1 51  ? -1.611  -19.313 -1.477  1.00 27.88 ? 51  GLU A OE1 1 
ATOM   395  O OE2 . GLU A 1 51  ? 0.563   -19.596 -1.341  1.00 29.39 ? 51  GLU A OE2 1 
ATOM   396  N N   . ASP A 1 52  ? 0.482   -15.924 2.579   1.00 13.72 ? 52  ASP A N   1 
ATOM   397  C CA  . ASP A 1 52  ? 1.180   -16.290 3.808   1.00 15.16 ? 52  ASP A CA  1 
ATOM   398  C C   . ASP A 1 52  ? 0.905   -15.318 4.958   1.00 15.35 ? 52  ASP A C   1 
ATOM   399  O O   . ASP A 1 52  ? 1.543   -15.391 6.006   1.00 17.11 ? 52  ASP A O   1 
ATOM   400  C CB  . ASP A 1 52  ? 2.687   -16.415 3.568   1.00 16.79 ? 52  ASP A CB  1 
ATOM   401  C CG  . ASP A 1 52  ? 3.267   -15.240 2.816   1.00 18.69 ? 52  ASP A CG  1 
ATOM   402  O OD1 . ASP A 1 52  ? 2.619   -14.174 2.762   1.00 18.91 ? 52  ASP A OD1 1 
ATOM   403  O OD2 . ASP A 1 52  ? 4.390   -15.388 2.290   1.00 22.97 ? 52  ASP A OD2 1 
ATOM   404  N N   . LEU A 1 53  ? -0.027  -14.394 4.748   1.00 15.10 ? 53  LEU A N   1 
ATOM   405  C CA  . LEU A 1 53  ? -0.428  -13.460 5.801   1.00 14.80 ? 53  LEU A CA  1 
ATOM   406  C C   . LEU A 1 53  ? -1.872  -13.858 6.088   1.00 16.09 ? 53  LEU A C   1 
ATOM   407  O O   . LEU A 1 53  ? -2.670  -14.047 5.168   1.00 17.62 ? 53  LEU A O   1 
ATOM   408  C CB  . LEU A 1 53  ? -0.319  -12.004 5.335   1.00 14.74 ? 53  LEU A CB  1 
ATOM   409  C CG  . LEU A 1 53  ? 1.132   -11.532 5.148   1.00 14.40 ? 53  LEU A CG  1 
ATOM   410  C CD1 . LEU A 1 53  ? 1.145   -10.119 4.578   1.00 15.07 ? 53  LEU A CD1 1 
ATOM   411  C CD2 . LEU A 1 53  ? 1.867   -11.585 6.480   1.00 16.71 ? 53  LEU A CD2 1 
ATOM   412  N N   . THR A 1 54  ? -2.215  -13.987 7.362   1.00 15.03 ? 54  THR A N   1 
ATOM   413  C CA  . THR A 1 54  ? -3.543  -14.456 7.720   1.00 14.97 ? 54  THR A CA  1 
ATOM   414  C C   . THR A 1 54  ? -4.544  -13.406 8.179   1.00 16.20 ? 54  THR A C   1 
ATOM   415  O O   . THR A 1 54  ? -5.488  -13.076 7.455   1.00 15.66 ? 54  THR A O   1 
ATOM   416  C CB  . THR A 1 54  ? -3.421  -15.560 8.788   1.00 17.45 ? 54  THR A CB  1 
ATOM   417  O OG1 . THR A 1 54  ? -2.424  -16.505 8.372   1.00 19.58 ? 54  THR A OG1 1 
ATOM   418  C CG2 . THR A 1 54  ? -4.742  -16.294 8.956   1.00 19.64 ? 54  THR A CG2 1 
ATOM   419  N N   . PHE A 1 55  ? -4.353  -12.893 9.388   1.00 14.85 ? 55  PHE A N   1 
ATOM   420  C CA  . PHE A 1 55  ? -5.255  -11.884 9.920   1.00 15.88 ? 55  PHE A CA  1 
ATOM   421  C C   . PHE A 1 55  ? -4.757  -10.503 9.505   1.00 17.24 ? 55  PHE A C   1 
ATOM   422  O O   . PHE A 1 55  ? -4.188  -9.753  10.303  1.00 17.85 ? 55  PHE A O   1 
ATOM   423  C CB  . PHE A 1 55  ? -5.336  -12.037 11.443  1.00 16.67 ? 55  PHE A CB  1 
ATOM   424  C CG  . PHE A 1 55  ? -5.957  -13.340 11.876  1.00 16.45 ? 55  PHE A CG  1 
ATOM   425  C CD1 . PHE A 1 55  ? -7.337  -13.520 11.808  1.00 15.73 ? 55  PHE A CD1 1 
ATOM   426  C CD2 . PHE A 1 55  ? -5.162  -14.409 12.278  1.00 17.66 ? 55  PHE A CD2 1 
ATOM   427  C CE1 . PHE A 1 55  ? -7.917  -14.749 12.126  1.00 17.09 ? 55  PHE A CE1 1 
ATOM   428  C CE2 . PHE A 1 55  ? -5.730  -15.643 12.597  1.00 19.30 ? 55  PHE A CE2 1 
ATOM   429  C CZ  . PHE A 1 55  ? -7.114  -15.813 12.520  1.00 18.69 ? 55  PHE A CZ  1 
ATOM   430  N N   . ALA A 1 56  ? -4.975  -10.190 8.229   1.00 17.02 ? 56  ALA A N   1 
ATOM   431  C CA  . ALA A 1 56  ? -4.544  -8.925  7.645   1.00 16.42 ? 56  ALA A CA  1 
ATOM   432  C C   . ALA A 1 56  ? -5.704  -7.950  7.507   1.00 16.87 ? 56  ALA A C   1 
ATOM   433  O O   . ALA A 1 56  ? -6.659  -8.198  6.766   1.00 16.00 ? 56  ALA A O   1 
ATOM   434  C CB  . ALA A 1 56  ? -3.905  -9.185  6.277   1.00 17.52 ? 56  ALA A CB  1 
ATOM   435  N N   . PHE A 1 57  ? -5.607  -6.831  8.217   1.00 17.03 ? 57  PHE A N   1 
ATOM   436  C CA  . PHE A 1 57  ? -6.645  -5.808  8.205   1.00 17.91 ? 57  PHE A CA  1 
ATOM   437  C C   . PHE A 1 57  ? -6.039  -4.477  7.768   1.00 19.03 ? 57  PHE A C   1 
ATOM   438  O O   . PHE A 1 57  ? -6.071  -3.496  8.518   1.00 18.34 ? 57  PHE A O   1 
ATOM   439  C CB  . PHE A 1 57  ? -7.238  -5.654  9.609   1.00 17.92 ? 57  PHE A CB  1 
ATOM   440  C CG  . PHE A 1 57  ? -7.713  -6.944  10.217  1.00 18.25 ? 57  PHE A CG  1 
ATOM   441  C CD1 . PHE A 1 57  ? -8.860  -7.576  9.740   1.00 18.52 ? 57  PHE A CD1 1 
ATOM   442  C CD2 . PHE A 1 57  ? -7.013  -7.529  11.267  1.00 17.87 ? 57  PHE A CD2 1 
ATOM   443  C CE1 . PHE A 1 57  ? -9.304  -8.774  10.302  1.00 17.70 ? 57  PHE A CE1 1 
ATOM   444  C CE2 . PHE A 1 57  ? -7.449  -8.729  11.838  1.00 17.62 ? 57  PHE A CE2 1 
ATOM   445  C CZ  . PHE A 1 57  ? -8.597  -9.351  11.353  1.00 16.76 ? 57  PHE A CZ  1 
ATOM   446  N N   . PRO A 1 58  ? -5.492  -4.420  6.543   1.00 18.61 ? 58  PRO A N   1 
ATOM   447  C CA  . PRO A 1 58  ? -4.887  -3.171  6.064   1.00 19.66 ? 58  PRO A CA  1 
ATOM   448  C C   . PRO A 1 58  ? -5.825  -1.970  6.135   1.00 20.68 ? 58  PRO A C   1 
ATOM   449  O O   . PRO A 1 58  ? -5.386  -0.838  6.346   1.00 21.21 ? 58  PRO A O   1 
ATOM   450  C CB  . PRO A 1 58  ? -4.468  -3.514  4.638   1.00 19.17 ? 58  PRO A CB  1 
ATOM   451  C CG  . PRO A 1 58  ? -5.494  -4.547  4.223   1.00 17.81 ? 58  PRO A CG  1 
ATOM   452  C CD  . PRO A 1 58  ? -5.577  -5.415  5.458   1.00 20.21 ? 58  PRO A CD  1 
ATOM   453  N N   . ALA A 1 59  ? -7.119  -2.219  5.970   1.00 21.94 ? 59  ALA A N   1 
ATOM   454  C CA  . ALA A 1 59  ? -8.109  -1.153  6.023   1.00 21.31 ? 59  ALA A CA  1 
ATOM   455  C C   . ALA A 1 59  ? -8.115  -0.434  7.369   1.00 22.61 ? 59  ALA A C   1 
ATOM   456  O O   . ALA A 1 59  ? -8.350  0.776   7.429   1.00 21.78 ? 59  ALA A O   1 
ATOM   457  C CB  . ALA A 1 59  ? -9.488  -1.710  5.725   1.00 23.70 ? 59  ALA A CB  1 
ATOM   458  N N   . GLU A 1 60  ? -7.861  -1.170  8.449   1.00 19.73 ? 60  GLU A N   1 
ATOM   459  C CA  . GLU A 1 60  ? -7.847  -0.564  9.776   1.00 20.68 ? 60  GLU A CA  1 
ATOM   460  C C   . GLU A 1 60  ? -6.676  0.398   9.942   1.00 19.64 ? 60  GLU A C   1 
ATOM   461  O O   . GLU A 1 60  ? -6.753  1.348   10.723  1.00 18.52 ? 60  GLU A O   1 
ATOM   462  C CB  . GLU A 1 60  ? -7.799  -1.644  10.857  1.00 22.31 ? 60  GLU A CB  1 
ATOM   463  C CG  . GLU A 1 60  ? -9.082  -2.450  10.970  1.00 27.60 ? 60  GLU A CG  1 
ATOM   464  C CD  . GLU A 1 60  ? -10.306 -1.576  11.180  1.00 30.19 ? 60  GLU A CD  1 
ATOM   465  O OE1 . GLU A 1 60  ? -10.272 -0.704  12.077  1.00 31.75 ? 60  GLU A OE1 1 
ATOM   466  O OE2 . GLU A 1 60  ? -11.303 -1.760  10.451  1.00 32.63 ? 60  GLU A OE2 1 
ATOM   467  N N   . ALA A 1 61  ? -5.593  0.151   9.209   1.00 18.57 ? 61  ALA A N   1 
ATOM   468  C CA  . ALA A 1 61  ? -4.420  1.014   9.275   1.00 17.77 ? 61  ALA A CA  1 
ATOM   469  C C   . ALA A 1 61  ? -4.761  2.334   8.596   1.00 19.57 ? 61  ALA A C   1 
ATOM   470  O O   . ALA A 1 61  ? -4.391  3.414   9.072   1.00 17.31 ? 61  ALA A O   1 
ATOM   471  C CB  . ALA A 1 61  ? -3.232  0.352   8.579   1.00 19.23 ? 61  ALA A CB  1 
ATOM   472  N N   . ALA A 1 62  ? -5.480  2.244   7.478   1.00 17.50 ? 62  ALA A N   1 
ATOM   473  C CA  . ALA A 1 62  ? -5.884  3.430   6.740   1.00 17.72 ? 62  ALA A CA  1 
ATOM   474  C C   . ALA A 1 62  ? -6.855  4.240   7.596   1.00 17.48 ? 62  ALA A C   1 
ATOM   475  O O   . ALA A 1 62  ? -6.807  5.468   7.617   1.00 17.72 ? 62  ALA A O   1 
ATOM   476  C CB  . ALA A 1 62  ? -6.547  3.028   5.421   1.00 18.57 ? 62  ALA A CB  1 
ATOM   477  N N   . ARG A 1 63  ? -7.734  3.539   8.303   1.00 18.37 ? 63  ARG A N   1 
ATOM   478  C CA  . ARG A 1 63  ? -8.713  4.186   9.165   1.00 19.54 ? 63  ARG A CA  1 
ATOM   479  C C   . ARG A 1 63  ? -8.033  4.912   10.319  1.00 18.31 ? 63  ARG A C   1 
ATOM   480  O O   . ARG A 1 63  ? -8.417  6.027   10.670  1.00 19.24 ? 63  ARG A O   1 
ATOM   481  C CB  . ARG A 1 63  ? -9.699  3.152   9.714   1.00 23.06 ? 63  ARG A CB  1 
ATOM   482  C CG  . ARG A 1 63  ? -10.448 3.599   10.960  1.00 29.68 ? 63  ARG A CG  1 
ATOM   483  C CD  . ARG A 1 63  ? -11.576 2.642   11.300  1.00 34.59 ? 63  ARG A CD  1 
ATOM   484  N NE  . ARG A 1 63  ? -12.707 2.804   10.391  1.00 39.28 ? 63  ARG A NE  1 
ATOM   485  C CZ  . ARG A 1 63  ? -13.355 1.799   9.815   1.00 39.78 ? 63  ARG A CZ  1 
ATOM   486  N NH1 . ARG A 1 63  ? -12.984 0.546   10.046  1.00 40.80 ? 63  ARG A NH1 1 
ATOM   487  N NH2 . ARG A 1 63  ? -14.379 2.048   9.011   1.00 40.75 ? 63  ARG A NH2 1 
ATOM   488  N N   . GLN A 1 64  ? -7.024  4.282   10.906  1.00 16.96 ? 64  GLN A N   1 
ATOM   489  C CA  . GLN A 1 64  ? -6.319  4.891   12.025  1.00 18.05 ? 64  GLN A CA  1 
ATOM   490  C C   . GLN A 1 64  ? -5.711  6.243   11.658  1.00 18.38 ? 64  GLN A C   1 
ATOM   491  O O   . GLN A 1 64  ? -5.691  7.162   12.482  1.00 19.89 ? 64  GLN A O   1 
ATOM   492  C CB  . GLN A 1 64  ? -5.227  3.958   12.539  1.00 15.73 ? 64  GLN A CB  1 
ATOM   493  C CG  . GLN A 1 64  ? -4.497  4.506   13.762  1.00 18.46 ? 64  GLN A CG  1 
ATOM   494  C CD  . GLN A 1 64  ? -3.503  3.525   14.328  1.00 18.31 ? 64  GLN A CD  1 
ATOM   495  O OE1 . GLN A 1 64  ? -2.622  3.042   13.619  1.00 19.41 ? 64  GLN A OE1 1 
ATOM   496  N NE2 . GLN A 1 64  ? -3.629  3.230   15.616  1.00 20.31 ? 64  GLN A NE2 1 
ATOM   497  N N   . ILE A 1 65  ? -5.220  6.376   10.428  1.00 17.83 ? 65  ILE A N   1 
ATOM   498  C CA  . ILE A 1 65  ? -4.632  7.643   10.018  1.00 17.37 ? 65  ILE A CA  1 
ATOM   499  C C   . ILE A 1 65  ? -5.662  8.604   9.421   1.00 17.32 ? 65  ILE A C   1 
ATOM   500  O O   . ILE A 1 65  ? -5.308  9.637   8.857   1.00 17.52 ? 65  ILE A O   1 
ATOM   501  C CB  . ILE A 1 65  ? -3.431  7.432   9.046   1.00 15.38 ? 65  ILE A CB  1 
ATOM   502  C CG1 . ILE A 1 65  ? -3.871  6.700   7.776   1.00 15.66 ? 65  ILE A CG1 1 
ATOM   503  C CG2 . ILE A 1 65  ? -2.335  6.635   9.753   1.00 16.53 ? 65  ILE A CG2 1 
ATOM   504  C CD1 . ILE A 1 65  ? -2.767  6.592   6.741   1.00 15.59 ? 65  ILE A CD1 1 
ATOM   505  N N   . GLY A 1 66  ? -6.940  8.256   9.553   1.00 18.43 ? 66  GLY A N   1 
ATOM   506  C CA  . GLY A 1 66  ? -8.005  9.123   9.074   1.00 17.43 ? 66  GLY A CA  1 
ATOM   507  C C   . GLY A 1 66  ? -8.566  8.956   7.673   1.00 18.26 ? 66  GLY A C   1 
ATOM   508  O O   . GLY A 1 66  ? -9.289  9.830   7.199   1.00 18.19 ? 66  GLY A O   1 
ATOM   509  N N   . MET A 1 67  ? -8.260  7.849   7.002   1.00 18.51 ? 67  MET A N   1 
ATOM   510  C CA  . MET A 1 67  ? -8.773  7.649   5.650   1.00 19.38 ? 67  MET A CA  1 
ATOM   511  C C   . MET A 1 67  ? -10.174 7.030   5.654   1.00 21.59 ? 67  MET A C   1 
ATOM   512  O O   . MET A 1 67  ? -10.509 6.217   4.796   1.00 20.34 ? 67  MET A O   1 
ATOM   513  C CB  . MET A 1 67  ? -7.817  6.766   4.849   1.00 18.64 ? 67  MET A CB  1 
ATOM   514  C CG  . MET A 1 67  ? -6.417  7.342   4.715   1.00 20.28 ? 67  MET A CG  1 
ATOM   515  S SD  . MET A 1 67  ? -5.335  6.257   3.772   1.00 24.55 ? 67  MET A SD  1 
ATOM   516  C CE  A MET A 1 67  ? -6.025  6.406   2.148   0.50 21.77 ? 67  MET A CE  1 
ATOM   517  C CE  B MET A 1 67  ? -4.639  7.405   2.592   0.50 23.33 ? 67  MET A CE  1 
ATOM   518  N N   . HIS A 1 68  ? -10.989 7.444   6.618   1.00 23.47 ? 68  HIS A N   1 
ATOM   519  C CA  . HIS A 1 68  ? -12.351 6.946   6.760   1.00 24.25 ? 68  HIS A CA  1 
ATOM   520  C C   . HIS A 1 68  ? -13.187 7.096   5.488   1.00 23.69 ? 68  HIS A C   1 
ATOM   521  O O   . HIS A 1 68  ? -13.950 6.199   5.133   1.00 23.88 ? 68  HIS A O   1 
ATOM   522  C CB  . HIS A 1 68  ? -13.062 7.682   7.903   1.00 27.35 ? 68  HIS A CB  1 
ATOM   523  C CG  . HIS A 1 68  ? -12.348 7.600   9.217   1.00 29.78 ? 68  HIS A CG  1 
ATOM   524  N ND1 . HIS A 1 68  ? -12.319 6.454   9.982   1.00 31.69 ? 68  HIS A ND1 1 
ATOM   525  C CD2 . HIS A 1 68  ? -11.633 8.525   9.898   1.00 31.12 ? 68  HIS A CD2 1 
ATOM   526  C CE1 . HIS A 1 68  ? -11.618 6.677   11.079  1.00 31.85 ? 68  HIS A CE1 1 
ATOM   527  N NE2 . HIS A 1 68  ? -11.189 7.926   11.052  1.00 33.37 ? 68  HIS A NE2 1 
ATOM   528  N N   . ARG A 1 69  ? -13.027 8.225   4.806   1.00 21.34 ? 69  ARG A N   1 
ATOM   529  C CA  . ARG A 1 69  ? -13.793 8.529   3.599   1.00 21.29 ? 69  ARG A CA  1 
ATOM   530  C C   . ARG A 1 69  ? -13.161 8.069   2.285   1.00 18.39 ? 69  ARG A C   1 
ATOM   531  O O   . ARG A 1 69  ? -13.709 8.328   1.211   1.00 19.03 ? 69  ARG A O   1 
ATOM   532  C CB  . ARG A 1 69  ? -14.051 10.035  3.526   1.00 24.20 ? 69  ARG A CB  1 
ATOM   533  C CG  . ARG A 1 69  ? -14.683 10.626  4.778   1.00 30.49 ? 69  ARG A CG  1 
ATOM   534  C CD  . ARG A 1 69  ? -16.199 10.525  4.752   1.00 33.53 ? 69  ARG A CD  1 
ATOM   535  N NE  . ARG A 1 69  ? -16.807 11.080  5.961   1.00 38.50 ? 69  ARG A NE  1 
ATOM   536  C CZ  . ARG A 1 69  ? -16.591 12.312  6.414   1.00 39.35 ? 69  ARG A CZ  1 
ATOM   537  N NH1 . ARG A 1 69  ? -15.779 13.135  5.763   1.00 41.21 ? 69  ARG A NH1 1 
ATOM   538  N NH2 . ARG A 1 69  ? -17.188 12.725  7.523   1.00 40.76 ? 69  ARG A NH2 1 
ATOM   539  N N   . VAL A 1 70  ? -12.012 7.405   2.362   1.00 14.86 ? 70  VAL A N   1 
ATOM   540  C CA  . VAL A 1 70  ? -11.342 6.914   1.157   1.00 14.54 ? 70  VAL A CA  1 
ATOM   541  C C   . VAL A 1 70  ? -11.812 5.486   0.895   1.00 13.53 ? 70  VAL A C   1 
ATOM   542  O O   . VAL A 1 70  ? -11.648 4.612   1.742   1.00 14.79 ? 70  VAL A O   1 
ATOM   543  C CB  . VAL A 1 70  ? -9.809  6.898   1.330   1.00 15.70 ? 70  VAL A CB  1 
ATOM   544  C CG1 . VAL A 1 70  ? -9.139  6.478   0.024   1.00 14.65 ? 70  VAL A CG1 1 
ATOM   545  C CG2 . VAL A 1 70  ? -9.320  8.271   1.761   1.00 14.91 ? 70  VAL A CG2 1 
ATOM   546  N N   . PRO A 1 71  ? -12.417 5.232   -0.276  1.00 14.19 ? 71  PRO A N   1 
ATOM   547  C CA  . PRO A 1 71  ? -12.880 3.869   -0.562  1.00 14.16 ? 71  PRO A CA  1 
ATOM   548  C C   . PRO A 1 71  ? -11.709 2.895   -0.682  1.00 13.77 ? 71  PRO A C   1 
ATOM   549  O O   . PRO A 1 71  ? -10.741 3.144   -1.406  1.00 13.02 ? 71  PRO A O   1 
ATOM   550  C CB  . PRO A 1 71  ? -13.673 4.033   -1.860  1.00 14.94 ? 71  PRO A CB  1 
ATOM   551  C CG  . PRO A 1 71  ? -13.046 5.214   -2.507  1.00 18.05 ? 71  PRO A CG  1 
ATOM   552  C CD  . PRO A 1 71  ? -12.782 6.158   -1.360  1.00 14.24 ? 71  PRO A CD  1 
ATOM   553  N N   . LEU A 1 72  ? -11.811 1.785   0.041   1.00 13.60 ? 72  LEU A N   1 
ATOM   554  C CA  . LEU A 1 72  ? -10.753 0.787   0.059   1.00 14.77 ? 72  LEU A CA  1 
ATOM   555  C C   . LEU A 1 72  ? -11.243 -0.594  -0.359  1.00 14.70 ? 72  LEU A C   1 
ATOM   556  O O   . LEU A 1 72  ? -12.397 -0.959  -0.120  1.00 14.67 ? 72  LEU A O   1 
ATOM   557  C CB  . LEU A 1 72  ? -10.167 0.689   1.467   1.00 14.99 ? 72  LEU A CB  1 
ATOM   558  C CG  . LEU A 1 72  ? -9.836  1.995   2.195   1.00 15.40 ? 72  LEU A CG  1 
ATOM   559  C CD1 . LEU A 1 72  ? -9.494  1.693   3.645   1.00 15.93 ? 72  LEU A CD1 1 
ATOM   560  C CD2 . LEU A 1 72  ? -8.680  2.702   1.502   1.00 14.76 ? 72  LEU A CD2 1 
ATOM   561  N N   . LEU A 1 73  ? -10.352 -1.359  -0.977  1.00 14.44 ? 73  LEU A N   1 
ATOM   562  C CA  . LEU A 1 73  ? -10.665 -2.715  -1.397  1.00 13.33 ? 73  LEU A CA  1 
ATOM   563  C C   . LEU A 1 73  ? -9.404  -3.565  -1.221  1.00 14.11 ? 73  LEU A C   1 
ATOM   564  O O   . LEU A 1 73  ? -8.293  -3.098  -1.486  1.00 13.77 ? 73  LEU A O   1 
ATOM   565  C CB  . LEU A 1 73  ? -11.129 -2.730  -2.854  1.00 15.97 ? 73  LEU A CB  1 
ATOM   566  C CG  . LEU A 1 73  ? -11.930 -3.962  -3.290  1.00 17.73 ? 73  LEU A CG  1 
ATOM   567  C CD1 . LEU A 1 73  ? -13.242 -4.040  -2.500  1.00 17.01 ? 73  LEU A CD1 1 
ATOM   568  C CD2 . LEU A 1 73  ? -12.212 -3.881  -4.776  1.00 17.04 ? 73  LEU A CD2 1 
ATOM   569  N N   . SER A 1 74  ? -9.574  -4.804  -0.767  1.00 12.33 ? 74  SER A N   1 
ATOM   570  C CA  . SER A 1 74  ? -8.433  -5.697  -0.549  1.00 13.82 ? 74  SER A CA  1 
ATOM   571  C C   . SER A 1 74  ? -8.635  -7.051  -1.219  1.00 14.40 ? 74  SER A C   1 
ATOM   572  O O   . SER A 1 74  ? -9.627  -7.741  -0.968  1.00 16.88 ? 74  SER A O   1 
ATOM   573  C CB  . SER A 1 74  ? -8.200  -5.911  0.949   1.00 14.88 ? 74  SER A CB  1 
ATOM   574  O OG  A SER A 1 74  ? -9.300  -6.567  1.553   0.50 19.07 ? 74  SER A OG  1 
ATOM   575  O OG  B SER A 1 74  ? -8.069  -4.679  1.639   0.50 15.95 ? 74  SER A OG  1 
ATOM   576  N N   . ALA A 1 75  ? -7.676  -7.443  -2.049  1.00 12.55 ? 75  ALA A N   1 
ATOM   577  C CA  . ALA A 1 75  ? -7.763  -8.706  -2.766  1.00 11.71 ? 75  ALA A CA  1 
ATOM   578  C C   . ALA A 1 75  ? -6.532  -9.570  -2.552  1.00 10.36 ? 75  ALA A C   1 
ATOM   579  O O   . ALA A 1 75  ? -5.466  -9.084  -2.166  1.00 11.20 ? 75  ALA A O   1 
ATOM   580  C CB  . ALA A 1 75  ? -7.948  -8.435  -4.262  1.00 12.39 ? 75  ALA A CB  1 
ATOM   581  N N   . ARG A 1 76  ? -6.689  -10.866 -2.788  1.00 9.75  ? 76  ARG A N   1 
ATOM   582  C CA  . ARG A 1 76  ? -5.573  -11.780 -2.663  1.00 10.06 ? 76  ARG A CA  1 
ATOM   583  C C   . ARG A 1 76  ? -4.604  -11.596 -3.835  1.00 11.17 ? 76  ARG A C   1 
ATOM   584  O O   . ARG A 1 76  ? -5.006  -11.615 -5.000  1.00 11.28 ? 76  ARG A O   1 
ATOM   585  C CB  . ARG A 1 76  ? -6.074  -13.231 -2.625  1.00 12.03 ? 76  ARG A CB  1 
ATOM   586  C CG  . ARG A 1 76  ? -4.990  -14.256 -2.940  1.00 16.04 ? 76  ARG A CG  1 
ATOM   587  C CD  . ARG A 1 76  ? -5.224  -15.578 -2.231  1.00 20.89 ? 76  ARG A CD  1 
ATOM   588  N NE  . ARG A 1 76  ? -5.001  -15.463 -0.793  1.00 23.79 ? 76  ARG A NE  1 
ATOM   589  C CZ  . ARG A 1 76  ? -5.159  -16.465 0.065   1.00 27.16 ? 76  ARG A CZ  1 
ATOM   590  N NH1 . ARG A 1 76  ? -5.538  -17.660 -0.372  1.00 29.46 ? 76  ARG A NH1 1 
ATOM   591  N NH2 . ARG A 1 76  ? -4.960  -16.267 1.361   1.00 23.42 ? 76  ARG A NH2 1 
ATOM   592  N N   . GLU A 1 77  ? -3.329  -11.393 -3.517  1.00 9.64  ? 77  GLU A N   1 
ATOM   593  C CA  . GLU A 1 77  ? -2.277  -11.248 -4.529  1.00 10.44 ? 77  GLU A CA  1 
ATOM   594  C C   . GLU A 1 77  ? -2.097  -12.616 -5.190  1.00 11.31 ? 77  GLU A C   1 
ATOM   595  O O   . GLU A 1 77  ? -2.172  -13.637 -4.508  1.00 12.41 ? 77  GLU A O   1 
ATOM   596  C CB  . GLU A 1 77  ? -0.974  -10.830 -3.833  1.00 11.78 ? 77  GLU A CB  1 
ATOM   597  C CG  . GLU A 1 77  ? 0.307   -10.901 -4.673  1.00 11.84 ? 77  GLU A CG  1 
ATOM   598  C CD  . GLU A 1 77  ? 0.393   -9.828  -5.741  1.00 17.34 ? 77  GLU A CD  1 
ATOM   599  O OE1 . GLU A 1 77  ? -0.173  -8.736  -5.549  1.00 14.17 ? 77  GLU A OE1 1 
ATOM   600  O OE2 . GLU A 1 77  ? 1.052   -10.067 -6.775  1.00 21.76 ? 77  GLU A OE2 1 
ATOM   601  N N   . VAL A 1 78  ? -1.877  -12.653 -6.503  1.00 11.01 ? 78  VAL A N   1 
ATOM   602  C CA  . VAL A 1 78  ? -1.677  -13.939 -7.181  1.00 13.14 ? 78  VAL A CA  1 
ATOM   603  C C   . VAL A 1 78  ? -0.580  -14.699 -6.422  1.00 14.66 ? 78  VAL A C   1 
ATOM   604  O O   . VAL A 1 78  ? 0.554   -14.233 -6.337  1.00 12.63 ? 78  VAL A O   1 
ATOM   605  C CB  . VAL A 1 78  ? -1.254  -13.732 -8.654  1.00 13.32 ? 78  VAL A CB  1 
ATOM   606  C CG1 . VAL A 1 78  ? -1.001  -15.081 -9.312  1.00 15.20 ? 78  VAL A CG1 1 
ATOM   607  C CG2 . VAL A 1 78  ? -2.350  -12.974 -9.417  1.00 14.19 ? 78  VAL A CG2 1 
ATOM   608  N N   . PRO A 1 79  ? -0.902  -15.887 -5.871  1.00 14.37 ? 79  PRO A N   1 
ATOM   609  C CA  . PRO A 1 79  ? 0.054   -16.701 -5.103  1.00 15.77 ? 79  PRO A CA  1 
ATOM   610  C C   . PRO A 1 79  ? 1.120   -17.499 -5.845  1.00 17.12 ? 79  PRO A C   1 
ATOM   611  O O   . PRO A 1 79  ? 1.094   -18.731 -5.853  1.00 20.42 ? 79  PRO A O   1 
ATOM   612  C CB  . PRO A 1 79  ? -0.857  -17.607 -4.292  1.00 16.23 ? 79  PRO A CB  1 
ATOM   613  C CG  . PRO A 1 79  ? -1.948  -17.891 -5.271  1.00 16.13 ? 79  PRO A CG  1 
ATOM   614  C CD  . PRO A 1 79  ? -2.237  -16.517 -5.860  1.00 15.34 ? 79  PRO A CD  1 
ATOM   615  N N   . VAL A 1 80  ? 2.077   -16.800 -6.432  1.00 15.61 ? 80  VAL A N   1 
ATOM   616  C CA  . VAL A 1 80  ? 3.145   -17.460 -7.168  1.00 14.78 ? 80  VAL A CA  1 
ATOM   617  C C   . VAL A 1 80  ? 4.089   -18.167 -6.194  1.00 15.29 ? 80  VAL A C   1 
ATOM   618  O O   . VAL A 1 80  ? 4.626   -17.540 -5.278  1.00 15.31 ? 80  VAL A O   1 
ATOM   619  C CB  . VAL A 1 80  ? 3.937   -16.432 -7.984  1.00 15.93 ? 80  VAL A CB  1 
ATOM   620  C CG1 . VAL A 1 80  ? 5.057   -17.122 -8.747  1.00 17.73 ? 80  VAL A CG1 1 
ATOM   621  C CG2 . VAL A 1 80  ? 2.998   -15.704 -8.934  1.00 18.12 ? 80  VAL A CG2 1 
ATOM   622  N N   . PRO A 1 81  ? 4.298   -19.484 -6.373  1.00 15.19 ? 81  PRO A N   1 
ATOM   623  C CA  . PRO A 1 81  ? 5.193   -20.220 -5.475  1.00 16.22 ? 81  PRO A CA  1 
ATOM   624  C C   . PRO A 1 81  ? 6.591   -19.612 -5.467  1.00 16.59 ? 81  PRO A C   1 
ATOM   625  O O   . PRO A 1 81  ? 7.096   -19.197 -6.511  1.00 17.84 ? 81  PRO A O   1 
ATOM   626  C CB  . PRO A 1 81  ? 5.196   -21.629 -6.064  1.00 16.53 ? 81  PRO A CB  1 
ATOM   627  C CG  . PRO A 1 81  ? 3.847   -21.739 -6.705  1.00 15.44 ? 81  PRO A CG  1 
ATOM   628  C CD  . PRO A 1 81  ? 3.700   -20.389 -7.371  1.00 14.90 ? 81  PRO A CD  1 
ATOM   629  N N   . GLY A 1 82  ? 7.204   -19.554 -4.291  1.00 18.88 ? 82  GLY A N   1 
ATOM   630  C CA  . GLY A 1 82  ? 8.549   -19.017 -4.174  1.00 19.45 ? 82  GLY A CA  1 
ATOM   631  C C   . GLY A 1 82  ? 8.717   -17.516 -4.317  1.00 19.69 ? 82  GLY A C   1 
ATOM   632  O O   . GLY A 1 82  ? 9.840   -17.017 -4.272  1.00 18.83 ? 82  GLY A O   1 
ATOM   633  N N   . SER A 1 83  ? 7.620   -16.785 -4.490  1.00 18.71 ? 83  SER A N   1 
ATOM   634  C CA  . SER A 1 83  ? 7.713   -15.334 -4.625  1.00 18.35 ? 83  SER A CA  1 
ATOM   635  C C   . SER A 1 83  ? 8.008   -14.713 -3.256  1.00 18.05 ? 83  SER A C   1 
ATOM   636  O O   . SER A 1 83  ? 7.915   -15.389 -2.228  1.00 17.94 ? 83  SER A O   1 
ATOM   637  C CB  . SER A 1 83  ? 6.411   -14.771 -5.203  1.00 21.00 ? 83  SER A CB  1 
ATOM   638  O OG  . SER A 1 83  ? 5.297   -15.147 -4.418  1.00 22.16 ? 83  SER A OG  1 
ATOM   639  N N   . LEU A 1 84  ? 8.379   -13.435 -3.248  1.00 18.95 ? 84  LEU A N   1 
ATOM   640  C CA  . LEU A 1 84  ? 8.693   -12.732 -2.009  1.00 18.02 ? 84  LEU A CA  1 
ATOM   641  C C   . LEU A 1 84  ? 7.572   -12.947 -0.992  1.00 18.13 ? 84  LEU A C   1 
ATOM   642  O O   . LEU A 1 84  ? 6.412   -12.640 -1.252  1.00 18.10 ? 84  LEU A O   1 
ATOM   643  C CB  . LEU A 1 84  ? 8.878   -11.235 -2.285  1.00 17.93 ? 84  LEU A CB  1 
ATOM   644  C CG  . LEU A 1 84  ? 9.366   -10.375 -1.116  1.00 18.91 ? 84  LEU A CG  1 
ATOM   645  C CD1 . LEU A 1 84  ? 10.781  -10.789 -0.729  1.00 20.54 ? 84  LEU A CD1 1 
ATOM   646  C CD2 . LEU A 1 84  ? 9.332   -8.910  -1.515  1.00 20.84 ? 84  LEU A CD2 1 
ATOM   647  N N   . PRO A 1 85  ? 7.911   -13.480 0.185   1.00 18.26 ? 85  PRO A N   1 
ATOM   648  C CA  . PRO A 1 85  ? 6.891   -13.727 1.208   1.00 18.53 ? 85  PRO A CA  1 
ATOM   649  C C   . PRO A 1 85  ? 6.432   -12.540 2.054   1.00 17.27 ? 85  PRO A C   1 
ATOM   650  O O   . PRO A 1 85  ? 7.148   -11.546 2.220   1.00 15.55 ? 85  PRO A O   1 
ATOM   651  C CB  . PRO A 1 85  ? 7.527   -14.825 2.056   1.00 20.67 ? 85  PRO A CB  1 
ATOM   652  C CG  . PRO A 1 85  ? 8.977   -14.465 2.016   1.00 21.12 ? 85  PRO A CG  1 
ATOM   653  C CD  . PRO A 1 85  ? 9.207   -14.069 0.570   1.00 19.57 ? 85  PRO A CD  1 
ATOM   654  N N   . ARG A 1 86  ? 5.212   -12.666 2.570   1.00 15.44 ? 86  ARG A N   1 
ATOM   655  C CA  . ARG A 1 86  ? 4.603   -11.679 3.455   1.00 13.81 ? 86  ARG A CA  1 
ATOM   656  C C   . ARG A 1 86  ? 4.648   -10.242 2.953   1.00 13.63 ? 86  ARG A C   1 
ATOM   657  O O   . ARG A 1 86  ? 5.255   -9.368  3.577   1.00 13.16 ? 86  ARG A O   1 
ATOM   658  C CB  . ARG A 1 86  ? 5.264   -11.778 4.835   1.00 15.58 ? 86  ARG A CB  1 
ATOM   659  C CG  . ARG A 1 86  ? 5.130   -13.160 5.458   1.00 16.52 ? 86  ARG A CG  1 
ATOM   660  C CD  . ARG A 1 86  ? 5.711   -13.194 6.873   1.00 21.51 ? 86  ARG A CD  1 
ATOM   661  N NE  . ARG A 1 86  ? 7.125   -12.834 6.876   1.00 23.63 ? 86  ARG A NE  1 
ATOM   662  C CZ  . ARG A 1 86  ? 8.106   -13.623 6.448   1.00 24.73 ? 86  ARG A CZ  1 
ATOM   663  N NH1 . ARG A 1 86  ? 7.843   -14.838 5.984   1.00 26.22 ? 86  ARG A NH1 1 
ATOM   664  N NH2 . ARG A 1 86  ? 9.357   -13.186 6.468   1.00 27.27 ? 86  ARG A NH2 1 
ATOM   665  N N   . VAL A 1 87  ? 3.969   -9.993  1.840   1.00 13.09 ? 87  VAL A N   1 
ATOM   666  C CA  . VAL A 1 87  ? 3.953   -8.663  1.251   1.00 12.46 ? 87  VAL A CA  1 
ATOM   667  C C   . VAL A 1 87  ? 2.572   -8.024  1.224   1.00 11.53 ? 87  VAL A C   1 
ATOM   668  O O   . VAL A 1 87  ? 1.567   -8.676  0.925   1.00 11.65 ? 87  VAL A O   1 
ATOM   669  C CB  . VAL A 1 87  ? 4.489   -8.692  -0.209  1.00 12.96 ? 87  VAL A CB  1 
ATOM   670  C CG1 . VAL A 1 87  ? 4.648   -7.276  -0.742  1.00 12.58 ? 87  VAL A CG1 1 
ATOM   671  C CG2 . VAL A 1 87  ? 5.817   -9.432  -0.268  1.00 15.50 ? 87  VAL A CG2 1 
ATOM   672  N N   . ILE A 1 88  ? 2.534   -6.743  1.564   1.00 10.83 ? 88  ILE A N   1 
ATOM   673  C CA  . ILE A 1 88  ? 1.310   -5.965  1.515   1.00 9.93  ? 88  ILE A CA  1 
ATOM   674  C C   . ILE A 1 88  ? 1.592   -4.981  0.396   1.00 11.63 ? 88  ILE A C   1 
ATOM   675  O O   . ILE A 1 88  ? 2.580   -4.242  0.450   1.00 12.34 ? 88  ILE A O   1 
ATOM   676  C CB  . ILE A 1 88  ? 1.053   -5.176  2.817   1.00 12.32 ? 88  ILE A CB  1 
ATOM   677  C CG1 . ILE A 1 88  ? 0.726   -6.144  3.957   1.00 13.39 ? 88  ILE A CG1 1 
ATOM   678  C CG2 . ILE A 1 88  ? -0.118  -4.205  2.622   1.00 11.35 ? 88  ILE A CG2 1 
ATOM   679  C CD1 . ILE A 1 88  ? -0.550  -6.955  3.732   1.00 18.75 ? 88  ILE A CD1 1 
ATOM   680  N N   . ARG A 1 89  ? 0.751   -4.995  -0.633  1.00 9.49  ? 89  ARG A N   1 
ATOM   681  C CA  . ARG A 1 89  ? 0.930   -4.078  -1.756  1.00 10.49 ? 89  ARG A CA  1 
ATOM   682  C C   . ARG A 1 89  ? -0.217  -3.086  -1.813  1.00 11.99 ? 89  ARG A C   1 
ATOM   683  O O   . ARG A 1 89  ? -1.338  -3.392  -1.413  1.00 13.20 ? 89  ARG A O   1 
ATOM   684  C CB  . ARG A 1 89  ? 1.001   -4.845  -3.074  1.00 9.84  ? 89  ARG A CB  1 
ATOM   685  C CG  . ARG A 1 89  ? 2.281   -5.662  -3.261  1.00 8.91  ? 89  ARG A CG  1 
ATOM   686  C CD  . ARG A 1 89  ? 2.252   -6.388  -4.599  1.00 11.48 ? 89  ARG A CD  1 
ATOM   687  N NE  . ARG A 1 89  ? 3.508   -7.060  -4.943  1.00 12.91 ? 89  ARG A NE  1 
ATOM   688  C CZ  . ARG A 1 89  ? 3.891   -8.253  -4.488  1.00 14.41 ? 89  ARG A CZ  1 
ATOM   689  N NH1 . ARG A 1 89  ? 3.126   -8.936  -3.649  1.00 14.02 ? 89  ARG A NH1 1 
ATOM   690  N NH2 . ARG A 1 89  ? 5.037   -8.783  -4.896  1.00 16.96 ? 89  ARG A NH2 1 
ATOM   691  N N   . VAL A 1 90  ? 0.074   -1.892  -2.313  1.00 12.43 ? 90  VAL A N   1 
ATOM   692  C CA  . VAL A 1 90  ? -0.935  -0.854  -2.425  1.00 12.91 ? 90  VAL A CA  1 
ATOM   693  C C   . VAL A 1 90  ? -0.962  -0.228  -3.813  1.00 16.17 ? 90  VAL A C   1 
ATOM   694  O O   . VAL A 1 90  ? 0.082   -0.063  -4.446  1.00 15.35 ? 90  VAL A O   1 
ATOM   695  C CB  . VAL A 1 90  ? -0.678  0.292   -1.419  1.00 14.92 ? 90  VAL A CB  1 
ATOM   696  C CG1 . VAL A 1 90  ? -1.703  1.401   -1.615  1.00 16.97 ? 90  VAL A CG1 1 
ATOM   697  C CG2 . VAL A 1 90  ? -0.727  -0.238  0.005   1.00 14.48 ? 90  VAL A CG2 1 
ATOM   698  N N   . LEU A 1 91  ? -2.164  0.091   -4.284  1.00 15.94 ? 91  LEU A N   1 
ATOM   699  C CA  . LEU A 1 91  ? -2.350  0.797   -5.550  1.00 14.94 ? 91  LEU A CA  1 
ATOM   700  C C   . LEU A 1 91  ? -3.325  1.919   -5.225  1.00 13.72 ? 91  LEU A C   1 
ATOM   701  O O   . LEU A 1 91  ? -4.526  1.694   -5.098  1.00 15.45 ? 91  LEU A O   1 
ATOM   702  C CB  . LEU A 1 91  ? -2.947  -0.085  -6.654  1.00 14.61 ? 91  LEU A CB  1 
ATOM   703  C CG  . LEU A 1 91  ? -3.363  0.722   -7.902  1.00 16.04 ? 91  LEU A CG  1 
ATOM   704  C CD1 . LEU A 1 91  ? -2.137  1.414   -8.507  1.00 15.35 ? 91  LEU A CD1 1 
ATOM   705  C CD2 . LEU A 1 91  ? -4.022  -0.189  -8.927  1.00 18.61 ? 91  LEU A CD2 1 
ATOM   706  N N   . ALA A 1 92  ? -2.798  3.127   -5.059  1.00 11.79 ? 92  ALA A N   1 
ATOM   707  C CA  . ALA A 1 92  ? -3.624  4.279   -4.751  1.00 12.46 ? 92  ALA A CA  1 
ATOM   708  C C   . ALA A 1 92  ? -3.947  5.016   -6.046  1.00 14.66 ? 92  ALA A C   1 
ATOM   709  O O   . ALA A 1 92  ? -3.047  5.317   -6.828  1.00 16.86 ? 92  ALA A O   1 
ATOM   710  C CB  . ALA A 1 92  ? -2.879  5.203   -3.788  1.00 12.62 ? 92  ALA A CB  1 
ATOM   711  N N   . LEU A 1 93  ? -5.227  5.293   -6.279  1.00 14.44 ? 93  LEU A N   1 
ATOM   712  C CA  . LEU A 1 93  ? -5.645  6.012   -7.480  1.00 13.35 ? 93  LEU A CA  1 
ATOM   713  C C   . LEU A 1 93  ? -5.735  7.476   -7.076  1.00 14.18 ? 93  LEU A C   1 
ATOM   714  O O   . LEU A 1 93  ? -6.605  7.879   -6.299  1.00 14.24 ? 93  LEU A O   1 
ATOM   715  C CB  . LEU A 1 93  ? -6.986  5.476   -7.984  1.00 12.29 ? 93  LEU A CB  1 
ATOM   716  C CG  . LEU A 1 93  ? -6.908  4.014   -8.441  1.00 12.78 ? 93  LEU A CG  1 
ATOM   717  C CD1 . LEU A 1 93  ? -8.284  3.519   -8.851  1.00 14.22 ? 93  LEU A CD1 1 
ATOM   718  C CD2 . LEU A 1 93  ? -5.923  3.882   -9.604  1.00 12.61 ? 93  LEU A CD2 1 
ATOM   719  N N   . TRP A 1 94  ? -4.811  8.257   -7.622  1.00 13.53 ? 94  TRP A N   1 
ATOM   720  C CA  . TRP A 1 94  ? -4.662  9.666   -7.296  1.00 14.57 ? 94  TRP A CA  1 
ATOM   721  C C   . TRP A 1 94  ? -5.133  10.624  -8.379  1.00 14.34 ? 94  TRP A C   1 
ATOM   722  O O   . TRP A 1 94  ? -4.703  10.537  -9.529  1.00 14.13 ? 94  TRP A O   1 
ATOM   723  C CB  . TRP A 1 94  ? -3.178  9.890   -6.964  1.00 16.42 ? 94  TRP A CB  1 
ATOM   724  C CG  . TRP A 1 94  ? -2.736  11.272  -6.567  1.00 15.81 ? 94  TRP A CG  1 
ATOM   725  C CD1 . TRP A 1 94  ? -3.463  12.226  -5.915  1.00 17.97 ? 94  TRP A CD1 1 
ATOM   726  C CD2 . TRP A 1 94  ? -1.412  11.804  -6.710  1.00 17.56 ? 94  TRP A CD2 1 
ATOM   727  N NE1 . TRP A 1 94  ? -2.669  13.320  -5.640  1.00 18.63 ? 94  TRP A NE1 1 
ATOM   728  C CE2 . TRP A 1 94  ? -1.407  13.085  -6.119  1.00 18.75 ? 94  TRP A CE2 1 
ATOM   729  C CE3 . TRP A 1 94  ? -0.228  11.316  -7.281  1.00 16.95 ? 94  TRP A CE3 1 
ATOM   730  C CZ2 . TRP A 1 94  ? -0.257  13.890  -6.081  1.00 18.03 ? 94  TRP A CZ2 1 
ATOM   731  C CZ3 . TRP A 1 94  ? 0.915   12.115  -7.244  1.00 18.19 ? 94  TRP A CZ3 1 
ATOM   732  C CH2 . TRP A 1 94  ? 0.887   13.388  -6.647  1.00 18.74 ? 94  TRP A CH2 1 
ATOM   733  N N   . ASN A 1 95  ? -6.044  11.518  -7.997  1.00 16.27 ? 95  ASN A N   1 
ATOM   734  C CA  . ASN A 1 95  ? -6.561  12.542  -8.899  1.00 17.27 ? 95  ASN A CA  1 
ATOM   735  C C   . ASN A 1 95  ? -5.494  13.628  -8.883  1.00 19.30 ? 95  ASN A C   1 
ATOM   736  O O   . ASN A 1 95  ? -5.353  14.353  -7.901  1.00 19.26 ? 95  ASN A O   1 
ATOM   737  C CB  . ASN A 1 95  ? -7.881  13.112  -8.375  1.00 17.91 ? 95  ASN A CB  1 
ATOM   738  C CG  . ASN A 1 95  ? -9.024  12.129  -8.485  1.00 19.16 ? 95  ASN A CG  1 
ATOM   739  O OD1 . ASN A 1 95  ? -9.343  11.656  -9.574  1.00 20.58 ? 95  ASN A OD1 1 
ATOM   740  N ND2 . ASN A 1 95  ? -9.652  11.819  -7.358  1.00 17.18 ? 95  ASN A ND2 1 
ATOM   741  N N   . THR A 1 96  ? -4.744  13.728  -9.971  1.00 20.02 ? 96  THR A N   1 
ATOM   742  C CA  . THR A 1 96  ? -3.663  14.694  -10.056 1.00 21.29 ? 96  THR A CA  1 
ATOM   743  C C   . THR A 1 96  ? -3.249  14.868  -11.509 1.00 23.02 ? 96  THR A C   1 
ATOM   744  O O   . THR A 1 96  ? -3.559  14.029  -12.350 1.00 23.48 ? 96  THR A O   1 
ATOM   745  C CB  . THR A 1 96  ? -2.444  14.191  -9.250  1.00 20.65 ? 96  THR A CB  1 
ATOM   746  O OG1 . THR A 1 96  ? -1.403  15.173  -9.272  1.00 20.30 ? 96  THR A OG1 1 
ATOM   747  C CG2 . THR A 1 96  ? -1.911  12.895  -9.851  1.00 20.25 ? 96  THR A CG2 1 
ATOM   748  N N   . ASP A 1 97  ? -2.550  15.959  -11.797 1.00 26.94 ? 97  ASP A N   1 
ATOM   749  C CA  . ASP A 1 97  ? -2.071  16.212  -13.149 1.00 28.97 ? 97  ASP A CA  1 
ATOM   750  C C   . ASP A 1 97  ? -0.572  15.934  -13.195 1.00 29.12 ? 97  ASP A C   1 
ATOM   751  O O   . ASP A 1 97  ? 0.102   16.237  -14.182 1.00 28.94 ? 97  ASP A O   1 
ATOM   752  C CB  . ASP A 1 97  ? -2.370  17.655  -13.568 1.00 33.54 ? 97  ASP A CB  1 
ATOM   753  C CG  . ASP A 1 97  ? -2.107  18.654  -12.460 1.00 36.77 ? 97  ASP A CG  1 
ATOM   754  O OD1 . ASP A 1 97  ? -0.973  18.686  -11.937 1.00 39.37 ? 97  ASP A OD1 1 
ATOM   755  O OD2 . ASP A 1 97  ? -3.039  19.412  -12.116 1.00 41.31 ? 97  ASP A OD2 1 
ATOM   756  N N   . THR A 1 98  ? -0.064  15.348  -12.114 1.00 26.89 ? 98  THR A N   1 
ATOM   757  C CA  . THR A 1 98  ? 1.348   15.005  -12.007 1.00 25.09 ? 98  THR A CA  1 
ATOM   758  C C   . THR A 1 98  ? 1.755   14.065  -13.140 1.00 23.96 ? 98  THR A C   1 
ATOM   759  O O   . THR A 1 98  ? 1.086   13.061  -13.393 1.00 23.08 ? 98  THR A O   1 
ATOM   760  C CB  . THR A 1 98  ? 1.647   14.303  -10.660 1.00 24.74 ? 98  THR A CB  1 
ATOM   761  O OG1 . THR A 1 98  ? 1.371   15.198  -9.577  1.00 25.67 ? 98  THR A OG1 1 
ATOM   762  C CG2 . THR A 1 98  ? 3.101   13.862  -10.596 1.00 23.27 ? 98  THR A CG2 1 
ATOM   763  N N   . PRO A 1 99  ? 2.852   14.385  -13.849 1.00 23.64 ? 99  PRO A N   1 
ATOM   764  C CA  . PRO A 1 99  ? 3.323   13.540  -14.949 1.00 23.64 ? 99  PRO A CA  1 
ATOM   765  C C   . PRO A 1 99  ? 3.590   12.124  -14.446 1.00 22.51 ? 99  PRO A C   1 
ATOM   766  O O   . PRO A 1 99  ? 4.000   11.938  -13.304 1.00 22.35 ? 99  PRO A O   1 
ATOM   767  C CB  . PRO A 1 99  ? 4.605   14.237  -15.395 1.00 23.53 ? 99  PRO A CB  1 
ATOM   768  C CG  . PRO A 1 99  ? 4.297   15.675  -15.128 1.00 24.73 ? 99  PRO A CG  1 
ATOM   769  C CD  . PRO A 1 99  ? 3.645   15.624  -13.768 1.00 24.03 ? 99  PRO A CD  1 
ATOM   770  N N   . GLN A 1 100 ? 3.361   11.136  -15.301 1.00 23.98 ? 100 GLN A N   1 
ATOM   771  C CA  . GLN A 1 100 ? 3.566   9.739   -14.935 1.00 22.73 ? 100 GLN A CA  1 
ATOM   772  C C   . GLN A 1 100 ? 4.974   9.483   -14.399 1.00 23.94 ? 100 GLN A C   1 
ATOM   773  O O   . GLN A 1 100 ? 5.153   8.746   -13.426 1.00 22.51 ? 100 GLN A O   1 
ATOM   774  C CB  . GLN A 1 100 ? 3.301   8.844   -16.150 1.00 23.05 ? 100 GLN A CB  1 
ATOM   775  C CG  . GLN A 1 100 ? 3.285   7.357   -15.849 1.00 20.79 ? 100 GLN A CG  1 
ATOM   776  C CD  . GLN A 1 100 ? 2.936   6.531   -17.067 1.00 21.17 ? 100 GLN A CD  1 
ATOM   777  O OE1 . GLN A 1 100 ? 3.705   6.461   -18.029 1.00 21.59 ? 100 GLN A OE1 1 
ATOM   778  N NE2 . GLN A 1 100 ? 1.765   5.907   -17.041 1.00 20.03 ? 100 GLN A NE2 1 
ATOM   779  N N   . ASP A 1 101 ? 5.972   10.097  -15.028 1.00 23.03 ? 101 ASP A N   1 
ATOM   780  C CA  . ASP A 1 101 ? 7.358   9.917   -14.612 1.00 24.94 ? 101 ASP A CA  1 
ATOM   781  C C   . ASP A 1 101 ? 7.722   10.651  -13.327 1.00 24.56 ? 101 ASP A C   1 
ATOM   782  O O   . ASP A 1 101 ? 8.838   10.497  -12.822 1.00 25.46 ? 101 ASP A O   1 
ATOM   783  C CB  . ASP A 1 101 ? 8.305   10.363  -15.728 1.00 28.08 ? 101 ASP A CB  1 
ATOM   784  C CG  . ASP A 1 101 ? 8.033   11.782  -16.191 1.00 31.64 ? 101 ASP A CG  1 
ATOM   785  O OD1 . ASP A 1 101 ? 7.788   12.655  -15.332 1.00 33.67 ? 101 ASP A OD1 1 
ATOM   786  O OD2 . ASP A 1 101 ? 8.073   12.028  -17.415 1.00 35.61 ? 101 ASP A OD2 1 
ATOM   787  N N   . ARG A 1 102 ? 6.794   11.445  -12.797 1.00 23.96 ? 102 ARG A N   1 
ATOM   788  C CA  . ARG A 1 102 ? 7.048   12.194  -11.567 1.00 24.09 ? 102 ARG A CA  1 
ATOM   789  C C   . ARG A 1 102 ? 6.386   11.577  -10.340 1.00 22.23 ? 102 ARG A C   1 
ATOM   790  O O   . ARG A 1 102 ? 6.630   12.012  -9.215  1.00 20.39 ? 102 ARG A O   1 
ATOM   791  C CB  . ARG A 1 102 ? 6.582   13.645  -11.715 1.00 27.44 ? 102 ARG A CB  1 
ATOM   792  C CG  . ARG A 1 102 ? 7.356   14.447  -12.752 1.00 32.34 ? 102 ARG A CG  1 
ATOM   793  C CD  . ARG A 1 102 ? 8.842   14.463  -12.433 1.00 35.82 ? 102 ARG A CD  1 
ATOM   794  N NE  . ARG A 1 102 ? 9.599   15.280  -13.379 1.00 40.10 ? 102 ARG A NE  1 
ATOM   795  C CZ  . ARG A 1 102 ? 10.924  15.387  -13.381 1.00 41.43 ? 102 ARG A CZ  1 
ATOM   796  N NH1 . ARG A 1 102 ? 11.647  14.727  -12.485 1.00 42.29 ? 102 ARG A NH1 1 
ATOM   797  N NH2 . ARG A 1 102 ? 11.528  16.156  -14.277 1.00 42.19 ? 102 ARG A NH2 1 
ATOM   798  N N   . VAL A 1 103 ? 5.538   10.578  -10.556 1.00 18.81 ? 103 VAL A N   1 
ATOM   799  C CA  . VAL A 1 103 ? 4.868   9.910   -9.446  1.00 18.82 ? 103 VAL A CA  1 
ATOM   800  C C   . VAL A 1 103 ? 5.911   9.068   -8.716  1.00 18.75 ? 103 VAL A C   1 
ATOM   801  O O   . VAL A 1 103 ? 6.703   8.373   -9.347  1.00 20.12 ? 103 VAL A O   1 
ATOM   802  C CB  . VAL A 1 103 ? 3.735   8.981   -9.949  1.00 17.78 ? 103 VAL A CB  1 
ATOM   803  C CG1 . VAL A 1 103 ? 3.152   8.191   -8.787  1.00 18.68 ? 103 VAL A CG1 1 
ATOM   804  C CG2 . VAL A 1 103 ? 2.648   9.805   -10.621 1.00 16.78 ? 103 VAL A CG2 1 
ATOM   805  N N   . ARG A 1 104 ? 5.913   9.134   -7.387  1.00 17.94 ? 104 ARG A N   1 
ATOM   806  C CA  . ARG A 1 104 ? 6.870   8.373   -6.599  1.00 17.98 ? 104 ARG A CA  1 
ATOM   807  C C   . ARG A 1 104 ? 6.263   7.095   -6.037  1.00 17.62 ? 104 ARG A C   1 
ATOM   808  O O   . ARG A 1 104 ? 5.310   7.143   -5.265  1.00 18.03 ? 104 ARG A O   1 
ATOM   809  C CB  . ARG A 1 104 ? 7.416   9.229   -5.451  1.00 21.01 ? 104 ARG A CB  1 
ATOM   810  C CG  . ARG A 1 104 ? 8.128   10.490  -5.926  1.00 26.12 ? 104 ARG A CG  1 
ATOM   811  C CD  . ARG A 1 104 ? 9.080   10.160  -7.064  1.00 31.01 ? 104 ARG A CD  1 
ATOM   812  N NE  . ARG A 1 104 ? 9.602   11.353  -7.725  1.00 38.57 ? 104 ARG A NE  1 
ATOM   813  C CZ  . ARG A 1 104 ? 10.024  11.378  -8.988  1.00 40.36 ? 104 ARG A CZ  1 
ATOM   814  N NH1 . ARG A 1 104 ? 9.978   10.273  -9.726  1.00 42.55 ? 104 ARG A NH1 1 
ATOM   815  N NH2 . ARG A 1 104 ? 10.492  12.504  -9.512  1.00 40.38 ? 104 ARG A NH2 1 
ATOM   816  N N   . HIS A 1 105 ? 6.824   5.959   -6.438  1.00 17.88 ? 105 HIS A N   1 
ATOM   817  C CA  . HIS A 1 105 ? 6.361   4.654   -5.978  1.00 17.22 ? 105 HIS A CA  1 
ATOM   818  C C   . HIS A 1 105 ? 7.265   4.231   -4.833  1.00 18.49 ? 105 HIS A C   1 
ATOM   819  O O   . HIS A 1 105 ? 8.483   4.402   -4.893  1.00 19.40 ? 105 HIS A O   1 
ATOM   820  C CB  . HIS A 1 105 ? 6.405   3.671   -7.142  1.00 17.27 ? 105 HIS A CB  1 
ATOM   821  C CG  . HIS A 1 105 ? 5.615   4.138   -8.321  1.00 15.44 ? 105 HIS A CG  1 
ATOM   822  N ND1 . HIS A 1 105 ? 4.236   4.152   -8.329  1.00 15.46 ? 105 HIS A ND1 1 
ATOM   823  C CD2 . HIS A 1 105 ? 6.005   4.717   -9.483  1.00 16.17 ? 105 HIS A CD2 1 
ATOM   824  C CE1 . HIS A 1 105 ? 3.810   4.722   -9.443  1.00 16.21 ? 105 HIS A CE1 1 
ATOM   825  N NE2 . HIS A 1 105 ? 4.864   5.076   -10.159 1.00 16.85 ? 105 HIS A NE2 1 
ATOM   826  N N   . VAL A 1 106 ? 6.661   3.670   -3.791  1.00 16.83 ? 106 VAL A N   1 
ATOM   827  C CA  . VAL A 1 106 ? 7.399   3.310   -2.589  1.00 16.82 ? 106 VAL A CA  1 
ATOM   828  C C   . VAL A 1 106 ? 7.534   1.827   -2.260  1.00 16.80 ? 106 VAL A C   1 
ATOM   829  O O   . VAL A 1 106 ? 6.541   1.121   -2.083  1.00 16.49 ? 106 VAL A O   1 
ATOM   830  C CB  . VAL A 1 106 ? 6.767   4.034   -1.388  1.00 17.27 ? 106 VAL A CB  1 
ATOM   831  C CG1 . VAL A 1 106 ? 7.463   3.642   -0.101  1.00 17.69 ? 106 VAL A CG1 1 
ATOM   832  C CG2 . VAL A 1 106 ? 6.829   5.541   -1.613  1.00 19.39 ? 106 VAL A CG2 1 
ATOM   833  N N   . TYR A 1 107 ? 8.781   1.373   -2.172  1.00 16.48 ? 107 TYR A N   1 
ATOM   834  C CA  . TYR A 1 107 ? 9.093   -0.014  -1.847  1.00 17.17 ? 107 TYR A CA  1 
ATOM   835  C C   . TYR A 1 107 ? 9.954   -0.027  -0.590  1.00 17.81 ? 107 TYR A C   1 
ATOM   836  O O   . TYR A 1 107 ? 11.070  0.506   -0.580  1.00 17.17 ? 107 TYR A O   1 
ATOM   837  C CB  . TYR A 1 107 ? 9.812   -0.673  -3.025  1.00 18.72 ? 107 TYR A CB  1 
ATOM   838  C CG  . TYR A 1 107 ? 8.861   -1.005  -4.150  1.00 19.98 ? 107 TYR A CG  1 
ATOM   839  C CD1 . TYR A 1 107 ? 8.450   -2.317  -4.372  1.00 20.07 ? 107 TYR A CD1 1 
ATOM   840  C CD2 . TYR A 1 107 ? 8.303   0.005   -4.940  1.00 21.20 ? 107 TYR A CD2 1 
ATOM   841  C CE1 . TYR A 1 107 ? 7.503   -2.622  -5.343  1.00 23.42 ? 107 TYR A CE1 1 
ATOM   842  C CE2 . TYR A 1 107 ? 7.349   -0.289  -5.918  1.00 21.68 ? 107 TYR A CE2 1 
ATOM   843  C CZ  . TYR A 1 107 ? 6.956   -1.607  -6.108  1.00 21.62 ? 107 TYR A CZ  1 
ATOM   844  O OH  . TYR A 1 107 ? 6.001   -1.919  -7.049  1.00 27.35 ? 107 TYR A OH  1 
ATOM   845  N N   . LEU A 1 108 ? 9.425   -0.642  0.466   1.00 16.38 ? 108 LEU A N   1 
ATOM   846  C CA  . LEU A 1 108 ? 10.098  -0.687  1.762   1.00 18.17 ? 108 LEU A CA  1 
ATOM   847  C C   . LEU A 1 108 ? 10.506  -2.074  2.255   1.00 18.78 ? 108 LEU A C   1 
ATOM   848  O O   . LEU A 1 108 ? 9.950   -3.092  1.841   1.00 17.67 ? 108 LEU A O   1 
ATOM   849  C CB  . LEU A 1 108 ? 9.199   -0.019  2.806   1.00 18.61 ? 108 LEU A CB  1 
ATOM   850  C CG  . LEU A 1 108 ? 8.762   1.405   2.454   1.00 19.21 ? 108 LEU A CG  1 
ATOM   851  C CD1 . LEU A 1 108 ? 7.728   1.899   3.449   1.00 18.77 ? 108 LEU A CD1 1 
ATOM   852  C CD2 . LEU A 1 108 ? 9.982   2.320   2.450   1.00 20.58 ? 108 LEU A CD2 1 
ATOM   853  N N   . ARG A 1 109 ? 11.480  -2.093  3.162   1.00 19.58 ? 109 ARG A N   1 
ATOM   854  C CA  . ARG A 1 109 ? 12.005  -3.325  3.739   1.00 20.77 ? 109 ARG A CA  1 
ATOM   855  C C   . ARG A 1 109 ? 12.438  -4.324  2.669   1.00 21.32 ? 109 ARG A C   1 
ATOM   856  O O   . ARG A 1 109 ? 13.155  -3.957  1.743   1.00 21.97 ? 109 ARG A O   1 
ATOM   857  C CB  . ARG A 1 109 ? 10.968  -3.938  4.684   1.00 21.33 ? 109 ARG A CB  1 
ATOM   858  C CG  . ARG A 1 109 ? 10.571  -2.988  5.797   1.00 22.31 ? 109 ARG A CG  1 
ATOM   859  C CD  . ARG A 1 109 ? 9.551   -3.589  6.746   1.00 23.08 ? 109 ARG A CD  1 
ATOM   860  N NE  . ARG A 1 109 ? 9.089   -2.591  7.702   1.00 24.60 ? 109 ARG A NE  1 
ATOM   861  C CZ  . ARG A 1 109 ? 8.136   -2.793  8.603   1.00 24.10 ? 109 ARG A CZ  1 
ATOM   862  N NH1 . ARG A 1 109 ? 7.528   -3.971  8.685   1.00 23.75 ? 109 ARG A NH1 1 
ATOM   863  N NH2 . ARG A 1 109 ? 7.786   -1.808  9.417   1.00 26.15 ? 109 ARG A NH2 1 
ATOM   864  N N   . GLU A 1 110 ? 12.014  -5.579  2.785   1.00 21.47 ? 110 GLU A N   1 
ATOM   865  C CA  . GLU A 1 110 ? 12.410  -6.586  1.805   1.00 22.00 ? 110 GLU A CA  1 
ATOM   866  C C   . GLU A 1 110 ? 11.776  -6.371  0.435   1.00 21.45 ? 110 GLU A C   1 
ATOM   867  O O   . GLU A 1 110 ? 12.223  -6.947  -0.560  1.00 22.48 ? 110 GLU A O   1 
ATOM   868  C CB  . GLU A 1 110 ? 12.075  -7.991  2.313   1.00 24.95 ? 110 GLU A CB  1 
ATOM   869  C CG  . GLU A 1 110 ? 12.812  -8.373  3.585   1.00 30.09 ? 110 GLU A CG  1 
ATOM   870  C CD  . GLU A 1 110 ? 14.310  -8.165  3.468   1.00 33.37 ? 110 GLU A CD  1 
ATOM   871  O OE1 . GLU A 1 110 ? 14.933  -8.775  2.574   1.00 34.98 ? 110 GLU A OE1 1 
ATOM   872  O OE2 . GLU A 1 110 ? 14.865  -7.387  4.274   1.00 37.08 ? 110 GLU A OE2 1 
ATOM   873  N N   . ALA A 1 111 ? 10.747  -5.532  0.383   1.00 20.22 ? 111 ALA A N   1 
ATOM   874  C CA  . ALA A 1 111 ? 10.061  -5.256  -0.872  1.00 20.78 ? 111 ALA A CA  1 
ATOM   875  C C   . ALA A 1 111 ? 10.943  -4.510  -1.873  1.00 21.60 ? 111 ALA A C   1 
ATOM   876  O O   . ALA A 1 111 ? 10.602  -4.414  -3.050  1.00 21.82 ? 111 ALA A O   1 
ATOM   877  C CB  . ALA A 1 111 ? 8.781   -4.470  -0.608  1.00 20.46 ? 111 ALA A CB  1 
ATOM   878  N N   . VAL A 1 112 ? 12.075  -3.981  -1.416  1.00 20.91 ? 112 VAL A N   1 
ATOM   879  C CA  . VAL A 1 112 ? 12.969  -3.265  -2.324  1.00 22.96 ? 112 VAL A CA  1 
ATOM   880  C C   . VAL A 1 112 ? 13.491  -4.229  -3.389  1.00 24.36 ? 112 VAL A C   1 
ATOM   881  O O   . VAL A 1 112 ? 13.882  -3.815  -4.481  1.00 25.74 ? 112 VAL A O   1 
ATOM   882  C CB  . VAL A 1 112 ? 14.171  -2.644  -1.569  1.00 23.66 ? 112 VAL A CB  1 
ATOM   883  C CG1 . VAL A 1 112 ? 13.671  -1.670  -0.509  1.00 23.62 ? 112 VAL A CG1 1 
ATOM   884  C CG2 . VAL A 1 112 ? 15.021  -3.740  -0.942  1.00 24.58 ? 112 VAL A CG2 1 
ATOM   885  N N   . ARG A 1 113 ? 13.480  -5.519  -3.066  1.00 25.34 ? 113 ARG A N   1 
ATOM   886  C CA  . ARG A 1 113 ? 13.952  -6.554  -3.982  1.00 27.04 ? 113 ARG A CA  1 
ATOM   887  C C   . ARG A 1 113 ? 12.998  -6.752  -5.157  1.00 27.78 ? 113 ARG A C   1 
ATOM   888  O O   . ARG A 1 113 ? 13.361  -7.356  -6.169  1.00 27.02 ? 113 ARG A O   1 
ATOM   889  C CB  . ARG A 1 113 ? 14.111  -7.878  -3.230  1.00 28.80 ? 113 ARG A CB  1 
ATOM   890  C CG  . ARG A 1 113 ? 15.038  -7.803  -2.022  1.00 33.06 ? 113 ARG A CG  1 
ATOM   891  C CD  . ARG A 1 113 ? 14.932  -9.057  -1.164  1.00 34.96 ? 113 ARG A CD  1 
ATOM   892  N NE  . ARG A 1 113 ? 15.357  -10.259 -1.876  1.00 39.36 ? 113 ARG A NE  1 
ATOM   893  C CZ  . ARG A 1 113 ? 15.161  -11.498 -1.433  1.00 40.21 ? 113 ARG A CZ  1 
ATOM   894  N NH1 . ARG A 1 113 ? 14.539  -11.702 -0.279  1.00 41.54 ? 113 ARG A NH1 1 
ATOM   895  N NH2 . ARG A 1 113 ? 15.587  -12.535 -2.142  1.00 42.07 ? 113 ARG A NH2 1 
ATOM   896  N N   . LEU A 1 114 ? 11.776  -6.247  -5.020  1.00 26.98 ? 114 LEU A N   1 
ATOM   897  C CA  . LEU A 1 114 ? 10.775  -6.385  -6.072  1.00 29.12 ? 114 LEU A CA  1 
ATOM   898  C C   . LEU A 1 114 ? 11.103  -5.542  -7.301  1.00 31.31 ? 114 LEU A C   1 
ATOM   899  O O   . LEU A 1 114 ? 10.760  -5.916  -8.423  1.00 32.61 ? 114 LEU A O   1 
ATOM   900  C CB  . LEU A 1 114 ? 9.389   -6.007  -5.535  1.00 25.74 ? 114 LEU A CB  1 
ATOM   901  C CG  . LEU A 1 114 ? 8.856   -6.886  -4.397  1.00 24.41 ? 114 LEU A CG  1 
ATOM   902  C CD1 . LEU A 1 114 ? 7.538   -6.317  -3.881  1.00 21.90 ? 114 LEU A CD1 1 
ATOM   903  C CD2 . LEU A 1 114 ? 8.666   -8.314  -4.890  1.00 22.90 ? 114 LEU A CD2 1 
ATOM   904  N N   . ARG A 1 115 ? 11.765  -4.409  -7.093  1.00 34.26 ? 115 ARG A N   1 
ATOM   905  C CA  . ARG A 1 115 ? 12.126  -3.529  -8.202  1.00 38.65 ? 115 ARG A CA  1 
ATOM   906  C C   . ARG A 1 115 ? 13.592  -3.641  -8.601  1.00 40.76 ? 115 ARG A C   1 
ATOM   907  O O   . ARG A 1 115 ? 14.477  -3.732  -7.749  1.00 41.62 ? 115 ARG A O   1 
ATOM   908  C CB  . ARG A 1 115 ? 11.835  -2.070  -7.851  1.00 39.34 ? 115 ARG A CB  1 
ATOM   909  C CG  . ARG A 1 115 ? 10.374  -1.719  -7.743  1.00 40.50 ? 115 ARG A CG  1 
ATOM   910  C CD  . ARG A 1 115 ? 10.207  -0.212  -7.639  1.00 42.36 ? 115 ARG A CD  1 
ATOM   911  N NE  . ARG A 1 115 ? 10.961  0.349   -6.521  1.00 42.57 ? 115 ARG A NE  1 
ATOM   912  C CZ  . ARG A 1 115 ? 10.932  1.630   -6.164  1.00 43.40 ? 115 ARG A CZ  1 
ATOM   913  N NH1 . ARG A 1 115 ? 10.185  2.496   -6.838  1.00 42.98 ? 115 ARG A NH1 1 
ATOM   914  N NH2 . ARG A 1 115 ? 11.650  2.048   -5.130  1.00 42.43 ? 115 ARG A NH2 1 
ATOM   915  N N   . PRO A 1 116 ? 13.865  -3.635  -9.915  1.00 43.14 ? 116 PRO A N   1 
ATOM   916  C CA  . PRO A 1 116 ? 15.230  -3.729  -10.444 1.00 44.55 ? 116 PRO A CA  1 
ATOM   917  C C   . PRO A 1 116 ? 15.963  -2.390  -10.334 1.00 45.33 ? 116 PRO A C   1 
ATOM   918  O O   . PRO A 1 116 ? 17.150  -2.388  -9.943  1.00 46.44 ? 116 PRO A O   1 
ATOM   919  C CB  . PRO A 1 116 ? 15.004  -4.150  -11.891 1.00 44.57 ? 116 PRO A CB  1 
ATOM   920  C CG  . PRO A 1 116 ? 13.734  -3.435  -12.234 1.00 44.63 ? 116 PRO A CG  1 
ATOM   921  C CD  . PRO A 1 116 ? 12.877  -3.692  -11.010 1.00 43.67 ? 116 PRO A CD  1 
HETATM 922  O O1  . MES B 2 .   ? 0.101   12.020  5.412   1.00 57.94 ? 301 MES A O1  1 
HETATM 923  C C2  . MES B 2 .   ? -0.644  12.155  6.633   1.00 57.47 ? 301 MES A C2  1 
HETATM 924  C C3  . MES B 2 .   ? -2.082  12.569  6.354   1.00 57.52 ? 301 MES A C3  1 
HETATM 925  N N4  . MES B 2 .   ? -2.063  13.910  5.609   1.00 57.81 ? 301 MES A N4  1 
HETATM 926  C C5  . MES B 2 .   ? -1.233  13.787  4.324   1.00 57.56 ? 301 MES A C5  1 
HETATM 927  C C6  . MES B 2 .   ? 0.170   13.258  4.669   1.00 58.20 ? 301 MES A C6  1 
HETATM 928  C C7  . MES B 2 .   ? -3.438  14.439  5.246   1.00 57.86 ? 301 MES A C7  1 
HETATM 929  C C8  . MES B 2 .   ? -4.343  14.597  6.465   1.00 58.33 ? 301 MES A C8  1 
HETATM 930  S S   . MES B 2 .   ? -5.946  15.231  5.976   1.00 59.04 ? 301 MES A S   1 
HETATM 931  O O1S . MES B 2 .   ? -6.722  15.330  7.203   1.00 58.90 ? 301 MES A O1S 1 
HETATM 932  O O2S . MES B 2 .   ? -6.537  14.307  5.050   1.00 57.95 ? 301 MES A O2S 1 
HETATM 933  O O3S . MES B 2 .   ? -5.736  16.538  5.389   1.00 59.29 ? 301 MES A O3S 1 
HETATM 934  C C1  . GOL C 3 .   ? 7.831   1.634   -11.303 1.00 37.08 ? 201 GOL A C1  1 
HETATM 935  O O1  . GOL C 3 .   ? 9.056   1.490   -10.619 1.00 39.00 ? 201 GOL A O1  1 
HETATM 936  C C2  . GOL C 3 .   ? 6.653   1.359   -10.368 1.00 37.13 ? 201 GOL A C2  1 
HETATM 937  O O2  . GOL C 3 .   ? 5.441   1.581   -11.059 1.00 37.65 ? 201 GOL A O2  1 
HETATM 938  C C3  . GOL C 3 .   ? 6.667   -0.060  -9.801  1.00 36.29 ? 201 GOL A C3  1 
HETATM 939  O O3  . GOL C 3 .   ? 5.582   -0.243  -8.933  1.00 35.29 ? 201 GOL A O3  1 
HETATM 940  C C1  . GOL D 3 .   ? -11.759 -3.269  3.295   1.00 33.70 ? 202 GOL A C1  1 
HETATM 941  O O1  . GOL D 3 .   ? -13.028 -3.443  3.868   1.00 35.91 ? 202 GOL A O1  1 
HETATM 942  C C2  . GOL D 3 .   ? -11.449 -4.393  2.306   1.00 32.37 ? 202 GOL A C2  1 
HETATM 943  O O2  . GOL D 3 .   ? -11.451 -5.628  2.990   1.00 33.44 ? 202 GOL A O2  1 
HETATM 944  C C3  . GOL D 3 .   ? -12.449 -4.456  1.151   1.00 30.50 ? 202 GOL A C3  1 
HETATM 945  O O3  . GOL D 3 .   ? -12.102 -5.477  0.253   1.00 24.69 ? 202 GOL A O3  1 
HETATM 946  C C1  . GOL E 3 .   ? 5.188   3.185   12.097  1.00 48.06 ? 203 GOL A C1  1 
HETATM 947  O O1  . GOL E 3 .   ? 6.519   2.751   12.220  1.00 48.97 ? 203 GOL A O1  1 
HETATM 948  C C2  . GOL E 3 .   ? 5.122   4.516   11.347  1.00 47.13 ? 203 GOL A C2  1 
HETATM 949  O O2  . GOL E 3 .   ? 5.698   4.365   10.074  1.00 48.53 ? 203 GOL A O2  1 
HETATM 950  C C3  . GOL E 3 .   ? 3.696   5.028   11.188  1.00 47.11 ? 203 GOL A C3  1 
HETATM 951  O O3  . GOL E 3 .   ? 3.093   5.233   12.437  1.00 46.71 ? 203 GOL A O3  1 
HETATM 952  C C1  . GOL F 3 .   ? -6.644  4.506   18.160  1.00 58.53 ? 204 GOL A C1  1 
HETATM 953  O O1  . GOL F 3 .   ? -5.398  4.161   17.613  1.00 57.98 ? 204 GOL A O1  1 
HETATM 954  C C2  . GOL F 3 .   ? -7.276  5.653   17.372  1.00 58.63 ? 204 GOL A C2  1 
HETATM 955  O O2  . GOL F 3 .   ? -7.421  5.266   16.024  1.00 59.24 ? 204 GOL A O2  1 
HETATM 956  C C3  . GOL F 3 .   ? -8.638  6.063   17.933  1.00 58.32 ? 204 GOL A C3  1 
HETATM 957  O O3  . GOL F 3 .   ? -9.183  7.120   17.187  1.00 58.16 ? 204 GOL A O3  1 
HETATM 958  O O   . HOH G 4 .   ? 0.892   -8.381  -1.920  1.00 9.45  ? 302 HOH A O   1 
HETATM 959  O O   . HOH G 4 .   ? 1.168   6.737   -12.256 1.00 16.23 ? 303 HOH A O   1 
HETATM 960  O O   . HOH G 4 .   ? -1.968  -12.773 10.991  1.00 17.25 ? 304 HOH A O   1 
HETATM 961  O O   . HOH G 4 .   ? -0.379  -14.612 -2.514  1.00 16.62 ? 305 HOH A O   1 
HETATM 962  O O   . HOH G 4 .   ? -12.595 9.604   -3.153  1.00 13.68 ? 306 HOH A O   1 
HETATM 963  O O   . HOH G 4 .   ? -15.866 8.875   -0.444  1.00 15.52 ? 307 HOH A O   1 
HETATM 964  O O   . HOH G 4 .   ? 8.781   -17.527 -8.027  1.00 21.85 ? 308 HOH A O   1 
HETATM 965  O O   . HOH G 4 .   ? 4.765   -5.021  -6.610  1.00 22.51 ? 309 HOH A O   1 
HETATM 966  O O   . HOH G 4 .   ? -13.657 1.556   2.191   1.00 16.35 ? 310 HOH A O   1 
HETATM 967  O O   . HOH G 4 .   ? -3.806  -6.014  10.322  1.00 20.22 ? 311 HOH A O   1 
HETATM 968  O O   . HOH G 4 .   ? -11.030 10.098  5.065   1.00 26.52 ? 312 HOH A O   1 
HETATM 969  O O   . HOH G 4 .   ? 9.725   -10.951 3.020   1.00 21.79 ? 313 HOH A O   1 
HETATM 970  O O   . HOH G 4 .   ? 7.135   7.369   -11.897 1.00 25.33 ? 314 HOH A O   1 
HETATM 971  O O   . HOH G 4 .   ? 10.084  -7.428  6.526   1.00 22.23 ? 315 HOH A O   1 
HETATM 972  O O   . HOH G 4 .   ? 5.064   -11.481 -3.404  1.00 17.80 ? 316 HOH A O   1 
HETATM 973  O O   . HOH G 4 .   ? 4.778   13.020  -7.094  1.00 21.73 ? 317 HOH A O   1 
HETATM 974  O O   . HOH G 4 .   ? 5.613   -4.703  10.678  1.00 27.35 ? 318 HOH A O   1 
HETATM 975  O O   . HOH G 4 .   ? -9.754  14.591  -5.765  1.00 28.53 ? 319 HOH A O   1 
HETATM 976  O O   . HOH G 4 .   ? -1.467  -14.804 12.869  1.00 25.53 ? 320 HOH A O   1 
HETATM 977  O O   . HOH G 4 .   ? 9.966   -10.303 5.652   1.00 27.64 ? 321 HOH A O   1 
HETATM 978  O O   . HOH G 4 .   ? 8.511   -12.037 -5.691  1.00 28.04 ? 322 HOH A O   1 
HETATM 979  O O   . HOH G 4 .   ? 4.264   -14.427 -1.173  1.00 22.80 ? 323 HOH A O   1 
HETATM 980  O O   . HOH G 4 .   ? 4.029   -16.206 7.002   1.00 29.31 ? 324 HOH A O   1 
HETATM 981  O O   . HOH G 4 .   ? 0.360   -21.459 -4.891  1.00 40.86 ? 325 HOH A O   1 
HETATM 982  O O   . HOH G 4 .   ? -0.811  17.134  -3.966  1.00 33.88 ? 326 HOH A O   1 
HETATM 983  O O   . HOH G 4 .   ? 3.380   -12.945 -4.753  1.00 32.50 ? 327 HOH A O   1 
HETATM 984  O O   . HOH G 4 .   ? -6.290  -14.374 4.974   1.00 25.05 ? 328 HOH A O   1 
HETATM 985  O O   . HOH G 4 .   ? -4.845  -3.675  10.981  1.00 26.55 ? 329 HOH A O   1 
HETATM 986  O O   . HOH G 4 .   ? -12.433 3.478   4.179   1.00 35.82 ? 330 HOH A O   1 
HETATM 987  O O   . HOH G 4 .   ? -1.804  17.049  -7.433  1.00 27.35 ? 331 HOH A O   1 
HETATM 988  O O   . HOH G 4 .   ? -1.408  -7.377  20.658  1.00 28.79 ? 332 HOH A O   1 
HETATM 989  O O   . HOH G 4 .   ? -9.167  12.750  7.063   1.00 33.79 ? 333 HOH A O   1 
HETATM 990  O O   . HOH G 4 .   ? 14.760  -4.923  4.999   1.00 38.80 ? 334 HOH A O   1 
HETATM 991  O O   . HOH G 4 .   ? -4.122  -18.771 3.041   1.00 52.15 ? 335 HOH A O   1 
HETATM 992  O O   . HOH G 4 .   ? 4.489   10.894  7.008   1.00 35.58 ? 336 HOH A O   1 
HETATM 993  O O   . HOH G 4 .   ? -2.168  -17.614 5.651   1.00 30.50 ? 337 HOH A O   1 
HETATM 994  O O   . HOH G 4 .   ? -2.178  -21.372 -3.606  1.00 40.03 ? 338 HOH A O   1 
HETATM 995  O O   . HOH G 4 .   ? 6.292   8.085   -17.891 1.00 31.08 ? 339 HOH A O   1 
HETATM 996  O O   . HOH G 4 .   ? -0.548  12.297  -19.586 1.00 46.19 ? 340 HOH A O   1 
HETATM 997  O O   . HOH G 4 .   ? 3.022   11.497  -18.122 1.00 36.98 ? 341 HOH A O   1 
HETATM 998  O O   . HOH G 4 .   ? 2.509   -9.934  17.993  1.00 48.24 ? 342 HOH A O   1 
HETATM 999  O O   . HOH G 4 .   ? 5.217   -15.477 11.138  1.00 43.61 ? 343 HOH A O   1 
HETATM 1000 O O   . HOH G 4 .   ? -14.582 -0.460  4.084   1.00 37.92 ? 344 HOH A O   1 
HETATM 1001 O O   . HOH G 4 .   ? 12.049  -12.176 2.641   1.00 30.68 ? 345 HOH A O   1 
HETATM 1002 O O   . HOH G 4 .   ? 3.187   -15.896 13.639  1.00 46.50 ? 346 HOH A O   1 
HETATM 1003 O O   . HOH G 4 .   ? -4.238  -6.738  17.171  1.00 31.76 ? 347 HOH A O   1 
HETATM 1004 O O   . HOH G 4 .   ? -9.363  14.245  4.707   1.00 41.24 ? 348 HOH A O   1 
HETATM 1005 O O   . HOH G 4 .   ? 2.533   11.402  9.200   1.00 43.35 ? 349 HOH A O   1 
HETATM 1006 O O   . HOH G 4 .   ? -8.143  1.439   13.320  1.00 38.92 ? 350 HOH A O   1 
HETATM 1007 O O   . HOH G 4 .   ? -2.823  17.934  -9.758  1.00 46.94 ? 351 HOH A O   1 
HETATM 1008 O O   . HOH G 4 .   ? 11.434  -14.756 -3.559  1.00 50.91 ? 352 HOH A O   1 
HETATM 1009 O O   . HOH G 4 .   ? -5.413  -4.948  13.345  1.00 47.04 ? 353 HOH A O   1 
HETATM 1010 O O   . HOH G 4 .   ? 7.826   -6.698  10.796  1.00 34.67 ? 354 HOH A O   1 
HETATM 1011 O O   . HOH G 4 .   ? 13.062  0.274   3.599   1.00 36.69 ? 355 HOH A O   1 
HETATM 1012 O O   . HOH G 4 .   ? -15.031 0.176   7.075   1.00 39.08 ? 356 HOH A O   1 
HETATM 1013 O O   . HOH G 4 .   ? -5.120  -5.613  19.309  1.00 47.78 ? 357 HOH A O   1 
HETATM 1014 O O   . HOH G 4 .   ? -8.395  17.657  3.692   1.00 45.28 ? 358 HOH A O   1 
HETATM 1015 O O   . HOH G 4 .   ? -10.878 12.279  3.663   1.00 35.40 ? 359 HOH A O   1 
HETATM 1016 O O   . HOH G 4 .   ? 9.776   -6.368  8.879   1.00 37.14 ? 360 HOH A O   1 
HETATM 1017 O O   . HOH G 4 .   ? 9.345   5.815   -8.105  1.00 25.85 ? 361 HOH A O   1 
HETATM 1018 O O   . HOH G 4 .   ? 8.959   -14.975 -8.058  1.00 35.12 ? 362 HOH A O   1 
HETATM 1019 O O   . HOH G 4 .   ? 11.021  3.443   -2.327  1.00 35.57 ? 363 HOH A O   1 
HETATM 1020 O O   . HOH G 4 .   ? 2.289   -14.716 -3.207  1.00 30.67 ? 364 HOH A O   1 
HETATM 1021 O O   . HOH G 4 .   ? 1.791   -12.251 -7.731  1.00 27.58 ? 365 HOH A O   1 
HETATM 1022 O O   . HOH G 4 .   ? -4.444  -13.903 3.174   1.00 22.08 ? 366 HOH A O   1 
HETATM 1023 O O   . HOH G 4 .   ? -3.574  -4.925  15.191  1.00 32.30 ? 367 HOH A O   1 
HETATM 1024 O O   . HOH G 4 .   ? -4.133  16.353  -6.422  1.00 30.13 ? 368 HOH A O   1 
HETATM 1025 O O   . HOH G 4 .   ? -9.080  -4.522  6.352   1.00 32.14 ? 369 HOH A O   1 
HETATM 1026 O O   . HOH G 4 .   ? 5.858   -17.727 3.469   1.00 36.12 ? 370 HOH A O   1 
HETATM 1027 O O   . HOH G 4 .   ? -16.539 5.306   8.887   1.00 36.83 ? 371 HOH A O   1 
HETATM 1028 O O   . HOH G 4 .   ? 2.394   16.598  -5.096  1.00 35.80 ? 372 HOH A O   1 
HETATM 1029 O O   . HOH G 4 .   ? -4.299  -13.266 0.580   1.00 18.77 ? 373 HOH A O   1 
HETATM 1030 O O   . HOH G 4 .   ? -11.133 -4.128  8.147   1.00 37.24 ? 374 HOH A O   1 
HETATM 1031 O O   . HOH G 4 .   ? 7.289   -9.139  -8.495  1.00 40.27 ? 375 HOH A O   1 
HETATM 1032 O O   . HOH G 4 .   ? 13.218  -1.018  -5.070  1.00 39.77 ? 376 HOH A O   1 
HETATM 1033 O O   . HOH G 4 .   ? 2.625   11.155  5.247   1.00 30.69 ? 377 HOH A O   1 
HETATM 1034 O O   . HOH G 4 .   ? 3.046   -17.374 -2.783  1.00 39.85 ? 378 HOH A O   1 
HETATM 1035 O O   . HOH G 4 .   ? 5.599   11.260  -17.812 1.00 45.91 ? 379 HOH A O   1 
HETATM 1036 O O   . HOH G 4 .   ? 15.076  -1.908  2.780   1.00 36.46 ? 380 HOH A O   1 
HETATM 1037 O O   . HOH G 4 .   ? 0.373   17.990  -6.289  1.00 51.95 ? 381 HOH A O   1 
HETATM 1038 O O   . HOH G 4 .   ? 8.256   14.201  -7.770  1.00 43.91 ? 382 HOH A O   1 
HETATM 1039 O O   . HOH G 4 .   ? 3.858   -8.899  15.887  1.00 32.07 ? 383 HOH A O   1 
HETATM 1040 O O   . HOH G 4 .   ? 5.873   -7.185  -7.235  1.00 30.55 ? 384 HOH A O   1 
HETATM 1041 O O   . HOH G 4 .   ? 7.094   6.265   8.749   1.00 48.88 ? 385 HOH A O   1 
HETATM 1042 O O   . HOH G 4 .   ? -11.080 12.387  8.650   1.00 46.38 ? 386 HOH A O   1 
HETATM 1043 O O   . HOH G 4 .   ? -11.411 2.552   6.524   1.00 35.16 ? 387 HOH A O   1 
HETATM 1044 O O   . HOH G 4 .   ? -2.036  -17.097 12.163  1.00 37.67 ? 388 HOH A O   1 
HETATM 1045 O O   . HOH G 4 .   ? 10.019  6.451   -4.265  1.00 42.51 ? 389 HOH A O   1 
HETATM 1046 O O   . HOH G 4 .   ? 3.398   15.575  -7.505  1.00 42.65 ? 390 HOH A O   1 
HETATM 1047 O O   . HOH G 4 .   ? 10.637  0.065   7.214   1.00 38.90 ? 391 HOH A O   1 
HETATM 1048 O O   . HOH G 4 .   ? -9.448  3.576   14.167  1.00 43.33 ? 392 HOH A O   1 
HETATM 1049 O O   . HOH G 4 .   ? 10.904  -10.711 14.202  1.00 39.32 ? 393 HOH A O   1 
HETATM 1050 O O   . HOH G 4 .   ? 6.181   -3.776  13.455  1.00 41.06 ? 394 HOH A O   1 
HETATM 1051 O O   . HOH G 4 .   ? 2.827   18.946  -2.310  1.00 48.79 ? 395 HOH A O   1 
HETATM 1052 O O   . HOH G 4 .   ? -7.614  16.099  -11.824 1.00 52.47 ? 396 HOH A O   1 
HETATM 1053 O O   . HOH G 4 .   ? -7.314  16.224  -6.215  1.00 40.13 ? 397 HOH A O   1 
HETATM 1054 O O   . HOH G 4 .   ? 0.830   -18.792 6.629   1.00 43.42 ? 398 HOH A O   1 
HETATM 1055 O O   . HOH G 4 .   ? 1.294   -19.754 3.173   1.00 36.63 ? 399 HOH A O   1 
HETATM 1056 O O   . HOH G 4 .   ? 11.585  7.913   -8.285  1.00 47.87 ? 400 HOH A O   1 
HETATM 1057 O O   . HOH G 4 .   ? 10.266  -16.363 6.848   1.00 44.46 ? 401 HOH A O   1 
HETATM 1058 O O   . HOH G 4 .   ? 10.824  -15.148 -6.182  1.00 35.48 ? 402 HOH A O   1 
# 
loop_
_pdbx_poly_seq_scheme.asym_id 
_pdbx_poly_seq_scheme.entity_id 
_pdbx_poly_seq_scheme.seq_id 
_pdbx_poly_seq_scheme.mon_id 
_pdbx_poly_seq_scheme.ndb_seq_num 
_pdbx_poly_seq_scheme.pdb_seq_num 
_pdbx_poly_seq_scheme.auth_seq_num 
_pdbx_poly_seq_scheme.pdb_mon_id 
_pdbx_poly_seq_scheme.auth_mon_id 
_pdbx_poly_seq_scheme.pdb_strand_id 
_pdbx_poly_seq_scheme.pdb_ins_code 
_pdbx_poly_seq_scheme.hetero 
A 1 1   MET 1   1   1   MET MET A . n 
A 1 2   VAL 2   2   2   VAL VAL A . n 
A 1 3   ARG 3   3   3   ARG ARG A . n 
A 1 4   GLY 4   4   4   GLY GLY A . n 
A 1 5   ILE 5   5   5   ILE ILE A . n 
A 1 6   ARG 6   6   6   ARG ARG A . n 
A 1 7   GLY 7   7   7   GLY GLY A . n 
A 1 8   ALA 8   8   8   ALA ALA A . n 
A 1 9   ILE 9   9   9   ILE ILE A . n 
A 1 10  THR 10  10  10  THR THR A . n 
A 1 11  VAL 11  11  11  VAL VAL A . n 
A 1 12  GLU 12  12  12  GLU GLU A . n 
A 1 13  GLU 13  13  13  GLU GLU A . n 
A 1 14  ASP 14  14  14  ASP ASP A . n 
A 1 15  THR 15  15  15  THR THR A . n 
A 1 16  PRO 16  16  16  PRO PRO A . n 
A 1 17  GLU 17  17  17  GLU GLU A . n 
A 1 18  ALA 18  18  18  ALA ALA A . n 
A 1 19  ILE 19  19  19  ILE ILE A . n 
A 1 20  HIS 20  20  20  HIS HIS A . n 
A 1 21  GLN 21  21  21  GLN GLN A . n 
A 1 22  ALA 22  22  22  ALA ALA A . n 
A 1 23  THR 23  23  23  THR THR A . n 
A 1 24  ARG 24  24  24  ARG ARG A . n 
A 1 25  GLU 25  25  25  GLU GLU A . n 
A 1 26  LEU 26  26  26  LEU LEU A . n 
A 1 27  LEU 27  27  27  LEU LEU A . n 
A 1 28  LEU 28  28  28  LEU LEU A . n 
A 1 29  LYS 29  29  29  LYS LYS A . n 
A 1 30  MET 30  30  30  MET MET A . n 
A 1 31  LEU 31  31  31  LEU LEU A . n 
A 1 32  GLU 32  32  32  GLU GLU A . n 
A 1 33  ALA 33  33  33  ALA ALA A . n 
A 1 34  ASN 34  34  34  ASN ASN A . n 
A 1 35  GLY 35  35  35  GLY GLY A . n 
A 1 36  ILE 36  36  36  ILE ILE A . n 
A 1 37  GLN 37  37  37  GLN GLN A . n 
A 1 38  SER 38  38  38  SER SER A . n 
A 1 39  TYR 39  39  39  TYR TYR A . n 
A 1 40  GLU 40  40  40  GLU GLU A . n 
A 1 41  GLU 41  41  41  GLU GLU A . n 
A 1 42  LEU 42  42  42  LEU LEU A . n 
A 1 43  ALA 43  43  43  ALA ALA A . n 
A 1 44  ALA 44  44  44  ALA ALA A . n 
A 1 45  VAL 45  45  45  VAL VAL A . n 
A 1 46  ILE 46  46  46  ILE ILE A . n 
A 1 47  PHE 47  47  47  PHE PHE A . n 
A 1 48  THR 48  48  48  THR THR A . n 
A 1 49  VAL 49  49  49  VAL VAL A . n 
A 1 50  THR 50  50  50  THR THR A . n 
A 1 51  GLU 51  51  51  GLU GLU A . n 
A 1 52  ASP 52  52  52  ASP ASP A . n 
A 1 53  LEU 53  53  53  LEU LEU A . n 
A 1 54  THR 54  54  54  THR THR A . n 
A 1 55  PHE 55  55  55  PHE PHE A . n 
A 1 56  ALA 56  56  56  ALA ALA A . n 
A 1 57  PHE 57  57  57  PHE PHE A . n 
A 1 58  PRO 58  58  58  PRO PRO A . n 
A 1 59  ALA 59  59  59  ALA ALA A . n 
A 1 60  GLU 60  60  60  GLU GLU A . n 
A 1 61  ALA 61  61  61  ALA ALA A . n 
A 1 62  ALA 62  62  62  ALA ALA A . n 
A 1 63  ARG 63  63  63  ARG ARG A . n 
A 1 64  GLN 64  64  64  GLN GLN A . n 
A 1 65  ILE 65  65  65  ILE ILE A . n 
A 1 66  GLY 66  66  66  GLY GLY A . n 
A 1 67  MET 67  67  67  MET MET A . n 
A 1 68  HIS 68  68  68  HIS HIS A . n 
A 1 69  ARG 69  69  69  ARG ARG A . n 
A 1 70  VAL 70  70  70  VAL VAL A . n 
A 1 71  PRO 71  71  71  PRO PRO A . n 
A 1 72  LEU 72  72  72  LEU LEU A . n 
A 1 73  LEU 73  73  73  LEU LEU A . n 
A 1 74  SER 74  74  74  SER SER A . n 
A 1 75  ALA 75  75  75  ALA ALA A . n 
A 1 76  ARG 76  76  76  ARG ARG A . n 
A 1 77  GLU 77  77  77  GLU GLU A . n 
A 1 78  VAL 78  78  78  VAL VAL A . n 
A 1 79  PRO 79  79  79  PRO PRO A . n 
A 1 80  VAL 80  80  80  VAL VAL A . n 
A 1 81  PRO 81  81  81  PRO PRO A . n 
A 1 82  GLY 82  82  82  GLY GLY A . n 
A 1 83  SER 83  83  83  SER SER A . n 
A 1 84  LEU 84  84  84  LEU LEU A . n 
A 1 85  PRO 85  85  85  PRO PRO A . n 
A 1 86  ARG 86  86  86  ARG ARG A . n 
A 1 87  VAL 87  87  87  VAL VAL A . n 
A 1 88  ILE 88  88  88  ILE ILE A . n 
A 1 89  ARG 89  89  89  ARG ARG A . n 
A 1 90  VAL 90  90  90  VAL VAL A . n 
A 1 91  LEU 91  91  91  LEU LEU A . n 
A 1 92  ALA 92  92  92  ALA ALA A . n 
A 1 93  LEU 93  93  93  LEU LEU A . n 
A 1 94  TRP 94  94  94  TRP TRP A . n 
A 1 95  ASN 95  95  95  ASN ASN A . n 
A 1 96  THR 96  96  96  THR THR A . n 
A 1 97  ASP 97  97  97  ASP ASP A . n 
A 1 98  THR 98  98  98  THR THR A . n 
A 1 99  PRO 99  99  99  PRO PRO A . n 
A 1 100 GLN 100 100 100 GLN GLN A . n 
A 1 101 ASP 101 101 101 ASP ASP A . n 
A 1 102 ARG 102 102 102 ARG ARG A . n 
A 1 103 VAL 103 103 103 VAL VAL A . n 
A 1 104 ARG 104 104 104 ARG ARG A . n 
A 1 105 HIS 105 105 105 HIS HIS A . n 
A 1 106 VAL 106 106 106 VAL VAL A . n 
A 1 107 TYR 107 107 107 TYR TYR A . n 
A 1 108 LEU 108 108 108 LEU LEU A . n 
A 1 109 ARG 109 109 109 ARG ARG A . n 
A 1 110 GLU 110 110 110 GLU GLU A . n 
A 1 111 ALA 111 111 111 ALA ALA A . n 
A 1 112 VAL 112 112 112 VAL VAL A . n 
A 1 113 ARG 113 113 113 ARG ARG A . n 
A 1 114 LEU 114 114 114 LEU LEU A . n 
A 1 115 ARG 115 115 115 ARG ARG A . n 
A 1 116 PRO 116 116 116 PRO PRO A . n 
A 1 117 ASP 117 117 ?   ?   ?   A . n 
A 1 118 LEU 118 118 ?   ?   ?   A . n 
A 1 119 GLU 119 119 ?   ?   ?   A . n 
A 1 120 SER 120 120 ?   ?   ?   A . n 
A 1 121 ALA 121 121 ?   ?   ?   A . n 
A 1 122 GLN 122 122 ?   ?   ?   A . n 
# 
_pdbx_SG_project.id                    1 
_pdbx_SG_project.project_name          ? 
_pdbx_SG_project.full_name_of_center   'RIKEN Structural Genomics/Proteomics Initiative' 
_pdbx_SG_project.initial_of_center     RSGI 
# 
loop_
_pdbx_nonpoly_scheme.asym_id 
_pdbx_nonpoly_scheme.entity_id 
_pdbx_nonpoly_scheme.mon_id 
_pdbx_nonpoly_scheme.ndb_seq_num 
_pdbx_nonpoly_scheme.pdb_seq_num 
_pdbx_nonpoly_scheme.auth_seq_num 
_pdbx_nonpoly_scheme.pdb_mon_id 
_pdbx_nonpoly_scheme.auth_mon_id 
_pdbx_nonpoly_scheme.pdb_strand_id 
_pdbx_nonpoly_scheme.pdb_ins_code 
B 2 MES 1   301 301 MES MES A . 
C 3 GOL 1   201 201 GOL GOL A . 
D 3 GOL 1   202 202 GOL GOL A . 
E 3 GOL 1   203 203 GOL GOL A . 
F 3 GOL 1   204 204 GOL GOL A . 
G 4 HOH 1   302 1   HOH HOH A . 
G 4 HOH 2   303 2   HOH HOH A . 
G 4 HOH 3   304 3   HOH HOH A . 
G 4 HOH 4   305 4   HOH HOH A . 
G 4 HOH 5   306 5   HOH HOH A . 
G 4 HOH 6   307 6   HOH HOH A . 
G 4 HOH 7   308 7   HOH HOH A . 
G 4 HOH 8   309 8   HOH HOH A . 
G 4 HOH 9   310 9   HOH HOH A . 
G 4 HOH 10  311 10  HOH HOH A . 
G 4 HOH 11  312 11  HOH HOH A . 
G 4 HOH 12  313 12  HOH HOH A . 
G 4 HOH 13  314 13  HOH HOH A . 
G 4 HOH 14  315 14  HOH HOH A . 
G 4 HOH 15  316 15  HOH HOH A . 
G 4 HOH 16  317 16  HOH HOH A . 
G 4 HOH 17  318 17  HOH HOH A . 
G 4 HOH 18  319 18  HOH HOH A . 
G 4 HOH 19  320 19  HOH HOH A . 
G 4 HOH 20  321 20  HOH HOH A . 
G 4 HOH 21  322 21  HOH HOH A . 
G 4 HOH 22  323 22  HOH HOH A . 
G 4 HOH 23  324 23  HOH HOH A . 
G 4 HOH 24  325 24  HOH HOH A . 
G 4 HOH 25  326 25  HOH HOH A . 
G 4 HOH 26  327 26  HOH HOH A . 
G 4 HOH 27  328 27  HOH HOH A . 
G 4 HOH 28  329 28  HOH HOH A . 
G 4 HOH 29  330 29  HOH HOH A . 
G 4 HOH 30  331 30  HOH HOH A . 
G 4 HOH 31  332 31  HOH HOH A . 
G 4 HOH 32  333 32  HOH HOH A . 
G 4 HOH 33  334 33  HOH HOH A . 
G 4 HOH 34  335 34  HOH HOH A . 
G 4 HOH 35  336 35  HOH HOH A . 
G 4 HOH 36  337 36  HOH HOH A . 
G 4 HOH 37  338 37  HOH HOH A . 
G 4 HOH 38  339 38  HOH HOH A . 
G 4 HOH 39  340 39  HOH HOH A . 
G 4 HOH 40  341 40  HOH HOH A . 
G 4 HOH 41  342 41  HOH HOH A . 
G 4 HOH 42  343 42  HOH HOH A . 
G 4 HOH 43  344 43  HOH HOH A . 
G 4 HOH 44  345 44  HOH HOH A . 
G 4 HOH 45  346 45  HOH HOH A . 
G 4 HOH 46  347 46  HOH HOH A . 
G 4 HOH 47  348 47  HOH HOH A . 
G 4 HOH 48  349 48  HOH HOH A . 
G 4 HOH 49  350 49  HOH HOH A . 
G 4 HOH 50  351 50  HOH HOH A . 
G 4 HOH 51  352 51  HOH HOH A . 
G 4 HOH 52  353 52  HOH HOH A . 
G 4 HOH 53  354 53  HOH HOH A . 
G 4 HOH 54  355 54  HOH HOH A . 
G 4 HOH 55  356 55  HOH HOH A . 
G 4 HOH 56  357 56  HOH HOH A . 
G 4 HOH 57  358 57  HOH HOH A . 
G 4 HOH 58  359 58  HOH HOH A . 
G 4 HOH 59  360 59  HOH HOH A . 
G 4 HOH 60  361 60  HOH HOH A . 
G 4 HOH 61  362 61  HOH HOH A . 
G 4 HOH 62  363 62  HOH HOH A . 
G 4 HOH 63  364 63  HOH HOH A . 
G 4 HOH 64  365 64  HOH HOH A . 
G 4 HOH 65  366 65  HOH HOH A . 
G 4 HOH 66  367 66  HOH HOH A . 
G 4 HOH 67  368 67  HOH HOH A . 
G 4 HOH 68  369 68  HOH HOH A . 
G 4 HOH 69  370 69  HOH HOH A . 
G 4 HOH 70  371 70  HOH HOH A . 
G 4 HOH 71  372 71  HOH HOH A . 
G 4 HOH 72  373 72  HOH HOH A . 
G 4 HOH 73  374 73  HOH HOH A . 
G 4 HOH 74  375 74  HOH HOH A . 
G 4 HOH 75  376 75  HOH HOH A . 
G 4 HOH 76  377 76  HOH HOH A . 
G 4 HOH 77  378 77  HOH HOH A . 
G 4 HOH 78  379 78  HOH HOH A . 
G 4 HOH 79  380 79  HOH HOH A . 
G 4 HOH 80  381 80  HOH HOH A . 
G 4 HOH 81  382 81  HOH HOH A . 
G 4 HOH 82  383 82  HOH HOH A . 
G 4 HOH 83  384 83  HOH HOH A . 
G 4 HOH 84  385 84  HOH HOH A . 
G 4 HOH 85  386 85  HOH HOH A . 
G 4 HOH 86  387 86  HOH HOH A . 
G 4 HOH 87  388 87  HOH HOH A . 
G 4 HOH 88  389 88  HOH HOH A . 
G 4 HOH 89  390 89  HOH HOH A . 
G 4 HOH 90  391 90  HOH HOH A . 
G 4 HOH 91  392 91  HOH HOH A . 
G 4 HOH 92  393 92  HOH HOH A . 
G 4 HOH 93  394 93  HOH HOH A . 
G 4 HOH 94  395 94  HOH HOH A . 
G 4 HOH 95  396 95  HOH HOH A . 
G 4 HOH 96  397 96  HOH HOH A . 
G 4 HOH 97  398 97  HOH HOH A . 
G 4 HOH 98  399 98  HOH HOH A . 
G 4 HOH 99  400 99  HOH HOH A . 
G 4 HOH 100 401 100 HOH HOH A . 
G 4 HOH 101 402 101 HOH HOH A . 
# 
loop_
_pdbx_struct_assembly.id 
_pdbx_struct_assembly.details 
_pdbx_struct_assembly.method_details 
_pdbx_struct_assembly.oligomeric_details 
_pdbx_struct_assembly.oligomeric_count 
1 author_and_software_defined_assembly PISA trimeric  3 
2 software_defined_assembly            PQS  monomeric 1 
# 
loop_
_pdbx_struct_assembly_gen.assembly_id 
_pdbx_struct_assembly_gen.oper_expression 
_pdbx_struct_assembly_gen.asym_id_list 
1 1,2,3 A,B,C,D,E,F,G 
2 1     A,B,C,D,E,F,G 
# 
loop_
_pdbx_struct_assembly_prop.biol_id 
_pdbx_struct_assembly_prop.type 
_pdbx_struct_assembly_prop.value 
_pdbx_struct_assembly_prop.details 
1 'ABSA (A^2)' 9210  ? 
1 MORE         -34   ? 
1 'SSA (A^2)'  14810 ? 
# 
loop_
_pdbx_struct_oper_list.id 
_pdbx_struct_oper_list.type 
_pdbx_struct_oper_list.name 
_pdbx_struct_oper_list.symmetry_operation 
_pdbx_struct_oper_list.matrix[1][1] 
_pdbx_struct_oper_list.matrix[1][2] 
_pdbx_struct_oper_list.matrix[1][3] 
_pdbx_struct_oper_list.vector[1] 
_pdbx_struct_oper_list.matrix[2][1] 
_pdbx_struct_oper_list.matrix[2][2] 
_pdbx_struct_oper_list.matrix[2][3] 
_pdbx_struct_oper_list.vector[2] 
_pdbx_struct_oper_list.matrix[3][1] 
_pdbx_struct_oper_list.matrix[3][2] 
_pdbx_struct_oper_list.matrix[3][3] 
_pdbx_struct_oper_list.vector[3] 
1 'identity operation'         1_555  x,y,z           1.0000000000  0.0000000000  0.0000000000  0.0000000000   0.0000000000  1.0000000000 0.0000000000  0.0000000000  0.0000000000  0.0000000000  1.0000000000  0.0000000000   
2 'crystal symmetry operation' 7_555  -z+1/2,-x,y+1/2 -0.4861655961 -0.4322956446 -0.7594494643 -20.7881948576 0.1631671102  0.8088776500 -0.5648835645 -4.0808289716 0.8584984026  -0.3985441293 -0.3227120539 -5.2810556368  
3 'crystal symmetry operation' 10_545 -y,z-1/2,-x+1/2 -0.4861655961 0.1631671102  0.8584984026  -4.9068702470  -0.4322956446 0.8088776500 -0.3985441293 -7.7904884677 -0.7594494643 -0.5648835645 -0.3227120539 -19.7970369749 
# 
loop_
_pdbx_audit_revision_history.ordinal 
_pdbx_audit_revision_history.data_content_type 
_pdbx_audit_revision_history.major_revision 
_pdbx_audit_revision_history.minor_revision 
_pdbx_audit_revision_history.revision_date 
1 'Structure model' 1 0 2003-07-29 
2 'Structure model' 1 1 2008-04-27 
3 'Structure model' 1 2 2011-07-13 
4 'Structure model' 1 3 2023-10-25 
# 
_pdbx_audit_revision_details.ordinal             1 
_pdbx_audit_revision_details.revision_ordinal    1 
_pdbx_audit_revision_details.data_content_type   'Structure model' 
_pdbx_audit_revision_details.provider            repository 
_pdbx_audit_revision_details.type                'Initial release' 
_pdbx_audit_revision_details.description         ? 
_pdbx_audit_revision_details.details             ? 
# 
loop_
_pdbx_audit_revision_group.ordinal 
_pdbx_audit_revision_group.revision_ordinal 
_pdbx_audit_revision_group.data_content_type 
_pdbx_audit_revision_group.group 
1 2 'Structure model' 'Version format compliance' 
2 3 'Structure model' 'Derived calculations'      
3 3 'Structure model' 'Version format compliance' 
4 4 'Structure model' 'Data collection'           
5 4 'Structure model' 'Database references'       
6 4 'Structure model' 'Derived calculations'      
7 4 'Structure model' 'Refinement description'    
# 
loop_
_pdbx_audit_revision_category.ordinal 
_pdbx_audit_revision_category.revision_ordinal 
_pdbx_audit_revision_category.data_content_type 
_pdbx_audit_revision_category.category 
1 4 'Structure model' chem_comp_atom                
2 4 'Structure model' chem_comp_bond                
3 4 'Structure model' database_2                    
4 4 'Structure model' pdbx_initial_refinement_model 
5 4 'Structure model' struct_ref_seq_dif            
6 4 'Structure model' struct_site                   
# 
loop_
_pdbx_audit_revision_item.ordinal 
_pdbx_audit_revision_item.revision_ordinal 
_pdbx_audit_revision_item.data_content_type 
_pdbx_audit_revision_item.item 
1 4 'Structure model' '_database_2.pdbx_DOI'                
2 4 'Structure model' '_database_2.pdbx_database_accession' 
3 4 'Structure model' '_struct_ref_seq_dif.details'         
4 4 'Structure model' '_struct_site.pdbx_auth_asym_id'      
5 4 'Structure model' '_struct_site.pdbx_auth_comp_id'      
6 4 'Structure model' '_struct_site.pdbx_auth_seq_id'       
# 
loop_
_software.name 
_software.classification 
_software.version 
_software.citation_id 
_software.pdbx_ordinal 
CNS       refinement       1.1 ? 1 
HKL-2000  'data reduction' .   ? 2 
SCALEPACK 'data scaling'   .   ? 3 
CNS       phasing          .   ? 4 
# 
loop_
_pdbx_validate_torsion.id 
_pdbx_validate_torsion.PDB_model_num 
_pdbx_validate_torsion.auth_comp_id 
_pdbx_validate_torsion.auth_asym_id 
_pdbx_validate_torsion.auth_seq_id 
_pdbx_validate_torsion.PDB_ins_code 
_pdbx_validate_torsion.label_alt_id 
_pdbx_validate_torsion.phi 
_pdbx_validate_torsion.psi 
1 1 THR A 54  ? ? -102.38 -72.88  
2 1 MET A 67  ? ? -85.49  37.39   
3 1 ARG A 109 ? ? 53.14   -131.35 
# 
loop_
_pdbx_unobs_or_zero_occ_residues.id 
_pdbx_unobs_or_zero_occ_residues.PDB_model_num 
_pdbx_unobs_or_zero_occ_residues.polymer_flag 
_pdbx_unobs_or_zero_occ_residues.occupancy_flag 
_pdbx_unobs_or_zero_occ_residues.auth_asym_id 
_pdbx_unobs_or_zero_occ_residues.auth_comp_id 
_pdbx_unobs_or_zero_occ_residues.auth_seq_id 
_pdbx_unobs_or_zero_occ_residues.PDB_ins_code 
_pdbx_unobs_or_zero_occ_residues.label_asym_id 
_pdbx_unobs_or_zero_occ_residues.label_comp_id 
_pdbx_unobs_or_zero_occ_residues.label_seq_id 
1 1 Y 1 A ASP 117 ? A ASP 117 
2 1 Y 1 A LEU 118 ? A LEU 118 
3 1 Y 1 A GLU 119 ? A GLU 119 
4 1 Y 1 A SER 120 ? A SER 120 
5 1 Y 1 A ALA 121 ? A ALA 121 
6 1 Y 1 A GLN 122 ? A GLN 122 
# 
loop_
_chem_comp_atom.comp_id 
_chem_comp_atom.atom_id 
_chem_comp_atom.type_symbol 
_chem_comp_atom.pdbx_aromatic_flag 
_chem_comp_atom.pdbx_stereo_config 
_chem_comp_atom.pdbx_ordinal 
ALA N    N N N 1   
ALA CA   C N S 2   
ALA C    C N N 3   
ALA O    O N N 4   
ALA CB   C N N 5   
ALA OXT  O N N 6   
ALA H    H N N 7   
ALA H2   H N N 8   
ALA HA   H N N 9   
ALA HB1  H N N 10  
ALA HB2  H N N 11  
ALA HB3  H N N 12  
ALA HXT  H N N 13  
ARG N    N N N 14  
ARG CA   C N S 15  
ARG C    C N N 16  
ARG O    O N N 17  
ARG CB   C N N 18  
ARG CG   C N N 19  
ARG CD   C N N 20  
ARG NE   N N N 21  
ARG CZ   C N N 22  
ARG NH1  N N N 23  
ARG NH2  N N N 24  
ARG OXT  O N N 25  
ARG H    H N N 26  
ARG H2   H N N 27  
ARG HA   H N N 28  
ARG HB2  H N N 29  
ARG HB3  H N N 30  
ARG HG2  H N N 31  
ARG HG3  H N N 32  
ARG HD2  H N N 33  
ARG HD3  H N N 34  
ARG HE   H N N 35  
ARG HH11 H N N 36  
ARG HH12 H N N 37  
ARG HH21 H N N 38  
ARG HH22 H N N 39  
ARG HXT  H N N 40  
ASN N    N N N 41  
ASN CA   C N S 42  
ASN C    C N N 43  
ASN O    O N N 44  
ASN CB   C N N 45  
ASN CG   C N N 46  
ASN OD1  O N N 47  
ASN ND2  N N N 48  
ASN OXT  O N N 49  
ASN H    H N N 50  
ASN H2   H N N 51  
ASN HA   H N N 52  
ASN HB2  H N N 53  
ASN HB3  H N N 54  
ASN HD21 H N N 55  
ASN HD22 H N N 56  
ASN HXT  H N N 57  
ASP N    N N N 58  
ASP CA   C N S 59  
ASP C    C N N 60  
ASP O    O N N 61  
ASP CB   C N N 62  
ASP CG   C N N 63  
ASP OD1  O N N 64  
ASP OD2  O N N 65  
ASP OXT  O N N 66  
ASP H    H N N 67  
ASP H2   H N N 68  
ASP HA   H N N 69  
ASP HB2  H N N 70  
ASP HB3  H N N 71  
ASP HD2  H N N 72  
ASP HXT  H N N 73  
GLN N    N N N 74  
GLN CA   C N S 75  
GLN C    C N N 76  
GLN O    O N N 77  
GLN CB   C N N 78  
GLN CG   C N N 79  
GLN CD   C N N 80  
GLN OE1  O N N 81  
GLN NE2  N N N 82  
GLN OXT  O N N 83  
GLN H    H N N 84  
GLN H2   H N N 85  
GLN HA   H N N 86  
GLN HB2  H N N 87  
GLN HB3  H N N 88  
GLN HG2  H N N 89  
GLN HG3  H N N 90  
GLN HE21 H N N 91  
GLN HE22 H N N 92  
GLN HXT  H N N 93  
GLU N    N N N 94  
GLU CA   C N S 95  
GLU C    C N N 96  
GLU O    O N N 97  
GLU CB   C N N 98  
GLU CG   C N N 99  
GLU CD   C N N 100 
GLU OE1  O N N 101 
GLU OE2  O N N 102 
GLU OXT  O N N 103 
GLU H    H N N 104 
GLU H2   H N N 105 
GLU HA   H N N 106 
GLU HB2  H N N 107 
GLU HB3  H N N 108 
GLU HG2  H N N 109 
GLU HG3  H N N 110 
GLU HE2  H N N 111 
GLU HXT  H N N 112 
GLY N    N N N 113 
GLY CA   C N N 114 
GLY C    C N N 115 
GLY O    O N N 116 
GLY OXT  O N N 117 
GLY H    H N N 118 
GLY H2   H N N 119 
GLY HA2  H N N 120 
GLY HA3  H N N 121 
GLY HXT  H N N 122 
GOL C1   C N N 123 
GOL O1   O N N 124 
GOL C2   C N N 125 
GOL O2   O N N 126 
GOL C3   C N N 127 
GOL O3   O N N 128 
GOL H11  H N N 129 
GOL H12  H N N 130 
GOL HO1  H N N 131 
GOL H2   H N N 132 
GOL HO2  H N N 133 
GOL H31  H N N 134 
GOL H32  H N N 135 
GOL HO3  H N N 136 
HIS N    N N N 137 
HIS CA   C N S 138 
HIS C    C N N 139 
HIS O    O N N 140 
HIS CB   C N N 141 
HIS CG   C Y N 142 
HIS ND1  N Y N 143 
HIS CD2  C Y N 144 
HIS CE1  C Y N 145 
HIS NE2  N Y N 146 
HIS OXT  O N N 147 
HIS H    H N N 148 
HIS H2   H N N 149 
HIS HA   H N N 150 
HIS HB2  H N N 151 
HIS HB3  H N N 152 
HIS HD1  H N N 153 
HIS HD2  H N N 154 
HIS HE1  H N N 155 
HIS HE2  H N N 156 
HIS HXT  H N N 157 
HOH O    O N N 158 
HOH H1   H N N 159 
HOH H2   H N N 160 
ILE N    N N N 161 
ILE CA   C N S 162 
ILE C    C N N 163 
ILE O    O N N 164 
ILE CB   C N S 165 
ILE CG1  C N N 166 
ILE CG2  C N N 167 
ILE CD1  C N N 168 
ILE OXT  O N N 169 
ILE H    H N N 170 
ILE H2   H N N 171 
ILE HA   H N N 172 
ILE HB   H N N 173 
ILE HG12 H N N 174 
ILE HG13 H N N 175 
ILE HG21 H N N 176 
ILE HG22 H N N 177 
ILE HG23 H N N 178 
ILE HD11 H N N 179 
ILE HD12 H N N 180 
ILE HD13 H N N 181 
ILE HXT  H N N 182 
LEU N    N N N 183 
LEU CA   C N S 184 
LEU C    C N N 185 
LEU O    O N N 186 
LEU CB   C N N 187 
LEU CG   C N N 188 
LEU CD1  C N N 189 
LEU CD2  C N N 190 
LEU OXT  O N N 191 
LEU H    H N N 192 
LEU H2   H N N 193 
LEU HA   H N N 194 
LEU HB2  H N N 195 
LEU HB3  H N N 196 
LEU HG   H N N 197 
LEU HD11 H N N 198 
LEU HD12 H N N 199 
LEU HD13 H N N 200 
LEU HD21 H N N 201 
LEU HD22 H N N 202 
LEU HD23 H N N 203 
LEU HXT  H N N 204 
LYS N    N N N 205 
LYS CA   C N S 206 
LYS C    C N N 207 
LYS O    O N N 208 
LYS CB   C N N 209 
LYS CG   C N N 210 
LYS CD   C N N 211 
LYS CE   C N N 212 
LYS NZ   N N N 213 
LYS OXT  O N N 214 
LYS H    H N N 215 
LYS H2   H N N 216 
LYS HA   H N N 217 
LYS HB2  H N N 218 
LYS HB3  H N N 219 
LYS HG2  H N N 220 
LYS HG3  H N N 221 
LYS HD2  H N N 222 
LYS HD3  H N N 223 
LYS HE2  H N N 224 
LYS HE3  H N N 225 
LYS HZ1  H N N 226 
LYS HZ2  H N N 227 
LYS HZ3  H N N 228 
LYS HXT  H N N 229 
MES O1   O N N 230 
MES C2   C N N 231 
MES C3   C N N 232 
MES N4   N N N 233 
MES C5   C N N 234 
MES C6   C N N 235 
MES C7   C N N 236 
MES C8   C N N 237 
MES S    S N N 238 
MES O1S  O N N 239 
MES O2S  O N N 240 
MES O3S  O N N 241 
MES H21  H N N 242 
MES H22  H N N 243 
MES H31  H N N 244 
MES H32  H N N 245 
MES HN4  H N N 246 
MES H51  H N N 247 
MES H52  H N N 248 
MES H61  H N N 249 
MES H62  H N N 250 
MES H71  H N N 251 
MES H72  H N N 252 
MES H81  H N N 253 
MES H82  H N N 254 
MET N    N N N 255 
MET CA   C N S 256 
MET C    C N N 257 
MET O    O N N 258 
MET CB   C N N 259 
MET CG   C N N 260 
MET SD   S N N 261 
MET CE   C N N 262 
MET OXT  O N N 263 
MET H    H N N 264 
MET H2   H N N 265 
MET HA   H N N 266 
MET HB2  H N N 267 
MET HB3  H N N 268 
MET HG2  H N N 269 
MET HG3  H N N 270 
MET HE1  H N N 271 
MET HE2  H N N 272 
MET HE3  H N N 273 
MET HXT  H N N 274 
PHE N    N N N 275 
PHE CA   C N S 276 
PHE C    C N N 277 
PHE O    O N N 278 
PHE CB   C N N 279 
PHE CG   C Y N 280 
PHE CD1  C Y N 281 
PHE CD2  C Y N 282 
PHE CE1  C Y N 283 
PHE CE2  C Y N 284 
PHE CZ   C Y N 285 
PHE OXT  O N N 286 
PHE H    H N N 287 
PHE H2   H N N 288 
PHE HA   H N N 289 
PHE HB2  H N N 290 
PHE HB3  H N N 291 
PHE HD1  H N N 292 
PHE HD2  H N N 293 
PHE HE1  H N N 294 
PHE HE2  H N N 295 
PHE HZ   H N N 296 
PHE HXT  H N N 297 
PRO N    N N N 298 
PRO CA   C N S 299 
PRO C    C N N 300 
PRO O    O N N 301 
PRO CB   C N N 302 
PRO CG   C N N 303 
PRO CD   C N N 304 
PRO OXT  O N N 305 
PRO H    H N N 306 
PRO HA   H N N 307 
PRO HB2  H N N 308 
PRO HB3  H N N 309 
PRO HG2  H N N 310 
PRO HG3  H N N 311 
PRO HD2  H N N 312 
PRO HD3  H N N 313 
PRO HXT  H N N 314 
SER N    N N N 315 
SER CA   C N S 316 
SER C    C N N 317 
SER O    O N N 318 
SER CB   C N N 319 
SER OG   O N N 320 
SER OXT  O N N 321 
SER H    H N N 322 
SER H2   H N N 323 
SER HA   H N N 324 
SER HB2  H N N 325 
SER HB3  H N N 326 
SER HG   H N N 327 
SER HXT  H N N 328 
THR N    N N N 329 
THR CA   C N S 330 
THR C    C N N 331 
THR O    O N N 332 
THR CB   C N R 333 
THR OG1  O N N 334 
THR CG2  C N N 335 
THR OXT  O N N 336 
THR H    H N N 337 
THR H2   H N N 338 
THR HA   H N N 339 
THR HB   H N N 340 
THR HG1  H N N 341 
THR HG21 H N N 342 
THR HG22 H N N 343 
THR HG23 H N N 344 
THR HXT  H N N 345 
TRP N    N N N 346 
TRP CA   C N S 347 
TRP C    C N N 348 
TRP O    O N N 349 
TRP CB   C N N 350 
TRP CG   C Y N 351 
TRP CD1  C Y N 352 
TRP CD2  C Y N 353 
TRP NE1  N Y N 354 
TRP CE2  C Y N 355 
TRP CE3  C Y N 356 
TRP CZ2  C Y N 357 
TRP CZ3  C Y N 358 
TRP CH2  C Y N 359 
TRP OXT  O N N 360 
TRP H    H N N 361 
TRP H2   H N N 362 
TRP HA   H N N 363 
TRP HB2  H N N 364 
TRP HB3  H N N 365 
TRP HD1  H N N 366 
TRP HE1  H N N 367 
TRP HE3  H N N 368 
TRP HZ2  H N N 369 
TRP HZ3  H N N 370 
TRP HH2  H N N 371 
TRP HXT  H N N 372 
TYR N    N N N 373 
TYR CA   C N S 374 
TYR C    C N N 375 
TYR O    O N N 376 
TYR CB   C N N 377 
TYR CG   C Y N 378 
TYR CD1  C Y N 379 
TYR CD2  C Y N 380 
TYR CE1  C Y N 381 
TYR CE2  C Y N 382 
TYR CZ   C Y N 383 
TYR OH   O N N 384 
TYR OXT  O N N 385 
TYR H    H N N 386 
TYR H2   H N N 387 
TYR HA   H N N 388 
TYR HB2  H N N 389 
TYR HB3  H N N 390 
TYR HD1  H N N 391 
TYR HD2  H N N 392 
TYR HE1  H N N 393 
TYR HE2  H N N 394 
TYR HH   H N N 395 
TYR HXT  H N N 396 
VAL N    N N N 397 
VAL CA   C N S 398 
VAL C    C N N 399 
VAL O    O N N 400 
VAL CB   C N N 401 
VAL CG1  C N N 402 
VAL CG2  C N N 403 
VAL OXT  O N N 404 
VAL H    H N N 405 
VAL H2   H N N 406 
VAL HA   H N N 407 
VAL HB   H N N 408 
VAL HG11 H N N 409 
VAL HG12 H N N 410 
VAL HG13 H N N 411 
VAL HG21 H N N 412 
VAL HG22 H N N 413 
VAL HG23 H N N 414 
VAL HXT  H N N 415 
# 
loop_
_chem_comp_bond.comp_id 
_chem_comp_bond.atom_id_1 
_chem_comp_bond.atom_id_2 
_chem_comp_bond.value_order 
_chem_comp_bond.pdbx_aromatic_flag 
_chem_comp_bond.pdbx_stereo_config 
_chem_comp_bond.pdbx_ordinal 
ALA N   CA   sing N N 1   
ALA N   H    sing N N 2   
ALA N   H2   sing N N 3   
ALA CA  C    sing N N 4   
ALA CA  CB   sing N N 5   
ALA CA  HA   sing N N 6   
ALA C   O    doub N N 7   
ALA C   OXT  sing N N 8   
ALA CB  HB1  sing N N 9   
ALA CB  HB2  sing N N 10  
ALA CB  HB3  sing N N 11  
ALA OXT HXT  sing N N 12  
ARG N   CA   sing N N 13  
ARG N   H    sing N N 14  
ARG N   H2   sing N N 15  
ARG CA  C    sing N N 16  
ARG CA  CB   sing N N 17  
ARG CA  HA   sing N N 18  
ARG C   O    doub N N 19  
ARG C   OXT  sing N N 20  
ARG CB  CG   sing N N 21  
ARG CB  HB2  sing N N 22  
ARG CB  HB3  sing N N 23  
ARG CG  CD   sing N N 24  
ARG CG  HG2  sing N N 25  
ARG CG  HG3  sing N N 26  
ARG CD  NE   sing N N 27  
ARG CD  HD2  sing N N 28  
ARG CD  HD3  sing N N 29  
ARG NE  CZ   sing N N 30  
ARG NE  HE   sing N N 31  
ARG CZ  NH1  sing N N 32  
ARG CZ  NH2  doub N N 33  
ARG NH1 HH11 sing N N 34  
ARG NH1 HH12 sing N N 35  
ARG NH2 HH21 sing N N 36  
ARG NH2 HH22 sing N N 37  
ARG OXT HXT  sing N N 38  
ASN N   CA   sing N N 39  
ASN N   H    sing N N 40  
ASN N   H2   sing N N 41  
ASN CA  C    sing N N 42  
ASN CA  CB   sing N N 43  
ASN CA  HA   sing N N 44  
ASN C   O    doub N N 45  
ASN C   OXT  sing N N 46  
ASN CB  CG   sing N N 47  
ASN CB  HB2  sing N N 48  
ASN CB  HB3  sing N N 49  
ASN CG  OD1  doub N N 50  
ASN CG  ND2  sing N N 51  
ASN ND2 HD21 sing N N 52  
ASN ND2 HD22 sing N N 53  
ASN OXT HXT  sing N N 54  
ASP N   CA   sing N N 55  
ASP N   H    sing N N 56  
ASP N   H2   sing N N 57  
ASP CA  C    sing N N 58  
ASP CA  CB   sing N N 59  
ASP CA  HA   sing N N 60  
ASP C   O    doub N N 61  
ASP C   OXT  sing N N 62  
ASP CB  CG   sing N N 63  
ASP CB  HB2  sing N N 64  
ASP CB  HB3  sing N N 65  
ASP CG  OD1  doub N N 66  
ASP CG  OD2  sing N N 67  
ASP OD2 HD2  sing N N 68  
ASP OXT HXT  sing N N 69  
GLN N   CA   sing N N 70  
GLN N   H    sing N N 71  
GLN N   H2   sing N N 72  
GLN CA  C    sing N N 73  
GLN CA  CB   sing N N 74  
GLN CA  HA   sing N N 75  
GLN C   O    doub N N 76  
GLN C   OXT  sing N N 77  
GLN CB  CG   sing N N 78  
GLN CB  HB2  sing N N 79  
GLN CB  HB3  sing N N 80  
GLN CG  CD   sing N N 81  
GLN CG  HG2  sing N N 82  
GLN CG  HG3  sing N N 83  
GLN CD  OE1  doub N N 84  
GLN CD  NE2  sing N N 85  
GLN NE2 HE21 sing N N 86  
GLN NE2 HE22 sing N N 87  
GLN OXT HXT  sing N N 88  
GLU N   CA   sing N N 89  
GLU N   H    sing N N 90  
GLU N   H2   sing N N 91  
GLU CA  C    sing N N 92  
GLU CA  CB   sing N N 93  
GLU CA  HA   sing N N 94  
GLU C   O    doub N N 95  
GLU C   OXT  sing N N 96  
GLU CB  CG   sing N N 97  
GLU CB  HB2  sing N N 98  
GLU CB  HB3  sing N N 99  
GLU CG  CD   sing N N 100 
GLU CG  HG2  sing N N 101 
GLU CG  HG3  sing N N 102 
GLU CD  OE1  doub N N 103 
GLU CD  OE2  sing N N 104 
GLU OE2 HE2  sing N N 105 
GLU OXT HXT  sing N N 106 
GLY N   CA   sing N N 107 
GLY N   H    sing N N 108 
GLY N   H2   sing N N 109 
GLY CA  C    sing N N 110 
GLY CA  HA2  sing N N 111 
GLY CA  HA3  sing N N 112 
GLY C   O    doub N N 113 
GLY C   OXT  sing N N 114 
GLY OXT HXT  sing N N 115 
GOL C1  O1   sing N N 116 
GOL C1  C2   sing N N 117 
GOL C1  H11  sing N N 118 
GOL C1  H12  sing N N 119 
GOL O1  HO1  sing N N 120 
GOL C2  O2   sing N N 121 
GOL C2  C3   sing N N 122 
GOL C2  H2   sing N N 123 
GOL O2  HO2  sing N N 124 
GOL C3  O3   sing N N 125 
GOL C3  H31  sing N N 126 
GOL C3  H32  sing N N 127 
GOL O3  HO3  sing N N 128 
HIS N   CA   sing N N 129 
HIS N   H    sing N N 130 
HIS N   H2   sing N N 131 
HIS CA  C    sing N N 132 
HIS CA  CB   sing N N 133 
HIS CA  HA   sing N N 134 
HIS C   O    doub N N 135 
HIS C   OXT  sing N N 136 
HIS CB  CG   sing N N 137 
HIS CB  HB2  sing N N 138 
HIS CB  HB3  sing N N 139 
HIS CG  ND1  sing Y N 140 
HIS CG  CD2  doub Y N 141 
HIS ND1 CE1  doub Y N 142 
HIS ND1 HD1  sing N N 143 
HIS CD2 NE2  sing Y N 144 
HIS CD2 HD2  sing N N 145 
HIS CE1 NE2  sing Y N 146 
HIS CE1 HE1  sing N N 147 
HIS NE2 HE2  sing N N 148 
HIS OXT HXT  sing N N 149 
HOH O   H1   sing N N 150 
HOH O   H2   sing N N 151 
ILE N   CA   sing N N 152 
ILE N   H    sing N N 153 
ILE N   H2   sing N N 154 
ILE CA  C    sing N N 155 
ILE CA  CB   sing N N 156 
ILE CA  HA   sing N N 157 
ILE C   O    doub N N 158 
ILE C   OXT  sing N N 159 
ILE CB  CG1  sing N N 160 
ILE CB  CG2  sing N N 161 
ILE CB  HB   sing N N 162 
ILE CG1 CD1  sing N N 163 
ILE CG1 HG12 sing N N 164 
ILE CG1 HG13 sing N N 165 
ILE CG2 HG21 sing N N 166 
ILE CG2 HG22 sing N N 167 
ILE CG2 HG23 sing N N 168 
ILE CD1 HD11 sing N N 169 
ILE CD1 HD12 sing N N 170 
ILE CD1 HD13 sing N N 171 
ILE OXT HXT  sing N N 172 
LEU N   CA   sing N N 173 
LEU N   H    sing N N 174 
LEU N   H2   sing N N 175 
LEU CA  C    sing N N 176 
LEU CA  CB   sing N N 177 
LEU CA  HA   sing N N 178 
LEU C   O    doub N N 179 
LEU C   OXT  sing N N 180 
LEU CB  CG   sing N N 181 
LEU CB  HB2  sing N N 182 
LEU CB  HB3  sing N N 183 
LEU CG  CD1  sing N N 184 
LEU CG  CD2  sing N N 185 
LEU CG  HG   sing N N 186 
LEU CD1 HD11 sing N N 187 
LEU CD1 HD12 sing N N 188 
LEU CD1 HD13 sing N N 189 
LEU CD2 HD21 sing N N 190 
LEU CD2 HD22 sing N N 191 
LEU CD2 HD23 sing N N 192 
LEU OXT HXT  sing N N 193 
LYS N   CA   sing N N 194 
LYS N   H    sing N N 195 
LYS N   H2   sing N N 196 
LYS CA  C    sing N N 197 
LYS CA  CB   sing N N 198 
LYS CA  HA   sing N N 199 
LYS C   O    doub N N 200 
LYS C   OXT  sing N N 201 
LYS CB  CG   sing N N 202 
LYS CB  HB2  sing N N 203 
LYS CB  HB3  sing N N 204 
LYS CG  CD   sing N N 205 
LYS CG  HG2  sing N N 206 
LYS CG  HG3  sing N N 207 
LYS CD  CE   sing N N 208 
LYS CD  HD2  sing N N 209 
LYS CD  HD3  sing N N 210 
LYS CE  NZ   sing N N 211 
LYS CE  HE2  sing N N 212 
LYS CE  HE3  sing N N 213 
LYS NZ  HZ1  sing N N 214 
LYS NZ  HZ2  sing N N 215 
LYS NZ  HZ3  sing N N 216 
LYS OXT HXT  sing N N 217 
MES O1  C2   sing N N 218 
MES O1  C6   sing N N 219 
MES C2  C3   sing N N 220 
MES C2  H21  sing N N 221 
MES C2  H22  sing N N 222 
MES C3  N4   sing N N 223 
MES C3  H31  sing N N 224 
MES C3  H32  sing N N 225 
MES N4  C5   sing N N 226 
MES N4  C7   sing N N 227 
MES N4  HN4  sing N N 228 
MES C5  C6   sing N N 229 
MES C5  H51  sing N N 230 
MES C5  H52  sing N N 231 
MES C6  H61  sing N N 232 
MES C6  H62  sing N N 233 
MES C7  C8   sing N N 234 
MES C7  H71  sing N N 235 
MES C7  H72  sing N N 236 
MES C8  S    sing N N 237 
MES C8  H81  sing N N 238 
MES C8  H82  sing N N 239 
MES S   O1S  doub N N 240 
MES S   O2S  doub N N 241 
MES S   O3S  sing N N 242 
MET N   CA   sing N N 243 
MET N   H    sing N N 244 
MET N   H2   sing N N 245 
MET CA  C    sing N N 246 
MET CA  CB   sing N N 247 
MET CA  HA   sing N N 248 
MET C   O    doub N N 249 
MET C   OXT  sing N N 250 
MET CB  CG   sing N N 251 
MET CB  HB2  sing N N 252 
MET CB  HB3  sing N N 253 
MET CG  SD   sing N N 254 
MET CG  HG2  sing N N 255 
MET CG  HG3  sing N N 256 
MET SD  CE   sing N N 257 
MET CE  HE1  sing N N 258 
MET CE  HE2  sing N N 259 
MET CE  HE3  sing N N 260 
MET OXT HXT  sing N N 261 
PHE N   CA   sing N N 262 
PHE N   H    sing N N 263 
PHE N   H2   sing N N 264 
PHE CA  C    sing N N 265 
PHE CA  CB   sing N N 266 
PHE CA  HA   sing N N 267 
PHE C   O    doub N N 268 
PHE C   OXT  sing N N 269 
PHE CB  CG   sing N N 270 
PHE CB  HB2  sing N N 271 
PHE CB  HB3  sing N N 272 
PHE CG  CD1  doub Y N 273 
PHE CG  CD2  sing Y N 274 
PHE CD1 CE1  sing Y N 275 
PHE CD1 HD1  sing N N 276 
PHE CD2 CE2  doub Y N 277 
PHE CD2 HD2  sing N N 278 
PHE CE1 CZ   doub Y N 279 
PHE CE1 HE1  sing N N 280 
PHE CE2 CZ   sing Y N 281 
PHE CE2 HE2  sing N N 282 
PHE CZ  HZ   sing N N 283 
PHE OXT HXT  sing N N 284 
PRO N   CA   sing N N 285 
PRO N   CD   sing N N 286 
PRO N   H    sing N N 287 
PRO CA  C    sing N N 288 
PRO CA  CB   sing N N 289 
PRO CA  HA   sing N N 290 
PRO C   O    doub N N 291 
PRO C   OXT  sing N N 292 
PRO CB  CG   sing N N 293 
PRO CB  HB2  sing N N 294 
PRO CB  HB3  sing N N 295 
PRO CG  CD   sing N N 296 
PRO CG  HG2  sing N N 297 
PRO CG  HG3  sing N N 298 
PRO CD  HD2  sing N N 299 
PRO CD  HD3  sing N N 300 
PRO OXT HXT  sing N N 301 
SER N   CA   sing N N 302 
SER N   H    sing N N 303 
SER N   H2   sing N N 304 
SER CA  C    sing N N 305 
SER CA  CB   sing N N 306 
SER CA  HA   sing N N 307 
SER C   O    doub N N 308 
SER C   OXT  sing N N 309 
SER CB  OG   sing N N 310 
SER CB  HB2  sing N N 311 
SER CB  HB3  sing N N 312 
SER OG  HG   sing N N 313 
SER OXT HXT  sing N N 314 
THR N   CA   sing N N 315 
THR N   H    sing N N 316 
THR N   H2   sing N N 317 
THR CA  C    sing N N 318 
THR CA  CB   sing N N 319 
THR CA  HA   sing N N 320 
THR C   O    doub N N 321 
THR C   OXT  sing N N 322 
THR CB  OG1  sing N N 323 
THR CB  CG2  sing N N 324 
THR CB  HB   sing N N 325 
THR OG1 HG1  sing N N 326 
THR CG2 HG21 sing N N 327 
THR CG2 HG22 sing N N 328 
THR CG2 HG23 sing N N 329 
THR OXT HXT  sing N N 330 
TRP N   CA   sing N N 331 
TRP N   H    sing N N 332 
TRP N   H2   sing N N 333 
TRP CA  C    sing N N 334 
TRP CA  CB   sing N N 335 
TRP CA  HA   sing N N 336 
TRP C   O    doub N N 337 
TRP C   OXT  sing N N 338 
TRP CB  CG   sing N N 339 
TRP CB  HB2  sing N N 340 
TRP CB  HB3  sing N N 341 
TRP CG  CD1  doub Y N 342 
TRP CG  CD2  sing Y N 343 
TRP CD1 NE1  sing Y N 344 
TRP CD1 HD1  sing N N 345 
TRP CD2 CE2  doub Y N 346 
TRP CD2 CE3  sing Y N 347 
TRP NE1 CE2  sing Y N 348 
TRP NE1 HE1  sing N N 349 
TRP CE2 CZ2  sing Y N 350 
TRP CE3 CZ3  doub Y N 351 
TRP CE3 HE3  sing N N 352 
TRP CZ2 CH2  doub Y N 353 
TRP CZ2 HZ2  sing N N 354 
TRP CZ3 CH2  sing Y N 355 
TRP CZ3 HZ3  sing N N 356 
TRP CH2 HH2  sing N N 357 
TRP OXT HXT  sing N N 358 
TYR N   CA   sing N N 359 
TYR N   H    sing N N 360 
TYR N   H2   sing N N 361 
TYR CA  C    sing N N 362 
TYR CA  CB   sing N N 363 
TYR CA  HA   sing N N 364 
TYR C   O    doub N N 365 
TYR C   OXT  sing N N 366 
TYR CB  CG   sing N N 367 
TYR CB  HB2  sing N N 368 
TYR CB  HB3  sing N N 369 
TYR CG  CD1  doub Y N 370 
TYR CG  CD2  sing Y N 371 
TYR CD1 CE1  sing Y N 372 
TYR CD1 HD1  sing N N 373 
TYR CD2 CE2  doub Y N 374 
TYR CD2 HD2  sing N N 375 
TYR CE1 CZ   doub Y N 376 
TYR CE1 HE1  sing N N 377 
TYR CE2 CZ   sing Y N 378 
TYR CE2 HE2  sing N N 379 
TYR CZ  OH   sing N N 380 
TYR OH  HH   sing N N 381 
TYR OXT HXT  sing N N 382 
VAL N   CA   sing N N 383 
VAL N   H    sing N N 384 
VAL N   H2   sing N N 385 
VAL CA  C    sing N N 386 
VAL CA  CB   sing N N 387 
VAL CA  HA   sing N N 388 
VAL C   O    doub N N 389 
VAL C   OXT  sing N N 390 
VAL CB  CG1  sing N N 391 
VAL CB  CG2  sing N N 392 
VAL CB  HB   sing N N 393 
VAL CG1 HG11 sing N N 394 
VAL CG1 HG12 sing N N 395 
VAL CG1 HG13 sing N N 396 
VAL CG2 HG21 sing N N 397 
VAL CG2 HG22 sing N N 398 
VAL CG2 HG23 sing N N 399 
VAL OXT HXT  sing N N 400 
# 
loop_
_pdbx_entity_nonpoly.entity_id 
_pdbx_entity_nonpoly.name 
_pdbx_entity_nonpoly.comp_id 
2 '2-(N-MORPHOLINO)-ETHANESULFONIC ACID' MES 
3 GLYCEROL                               GOL 
4 water                                  HOH 
# 
_pdbx_initial_refinement_model.id               1 
_pdbx_initial_refinement_model.entity_id_list   ? 
_pdbx_initial_refinement_model.type             'experimental model' 
_pdbx_initial_refinement_model.source_name      PDB 
_pdbx_initial_refinement_model.accession_code   1UFY 
_pdbx_initial_refinement_model.details          'PDB ENTRY 1UFY' 
# 
